data_6ZD0
#
_entry.id   6ZD0
#
_cell.length_a   1.00
_cell.length_b   1.00
_cell.length_c   1.00
_cell.angle_alpha   90.00
_cell.angle_beta   90.00
_cell.angle_gamma   90.00
#
_symmetry.space_group_name_H-M   'P 1'
#
loop_
_entity.id
_entity.type
_entity.pdbx_description
1 polymer 'Thiol-activated cytolysin'
2 polymer 'CD59 glycoprotein'
#
loop_
_entity_poly.entity_id
_entity_poly.type
_entity_poly.pdbx_seq_one_letter_code
_entity_poly.pdbx_strand_id
1 'polypeptide(L)'
;MGGSHHHHHHGMASMTGGQQMGRDLYDDDDKDRWGSETPTKPKAAQTEKKTEKKPENSNSEAAKKALNDYIWGLQYDKLN
ILTHQGEKLKNHSSREAFHRPGEYVVCEKKKQSISNATSKLSVSSANDDRIFPGALLKADQSLLENLPTLIPVNRGKTTI
SVNLPGLKNGESNLTVENPSNSTVRTAVNNLVEKWIQNYSKTHAVPARMQYESISAQSMSQLQAKFGADFSKVGAPLNVD
FSSVHKCEKQVFIANFRQVYYTASVDSPNSPSALFGSGITPTDLINRGVNSKTPPVYVSNVSYGRAMYVKFETTSKSTKV
QAAIDAVVKGAKLKAGTEYENILKNTKITAVVLGGNPGEASKVITGNIDTLKDLIQKGSNFSAQSPAVPISYTTSFVKDN
SIATIQNNTDYIETKVTSYKDGALTLNHDGAFVARFYVYWEELGHDADGYETIRSRSWSGNGYNRGAHYSTTLRFKGNVR
NIRVKVLGATGLAWEPWRLIYSKNDLPLVPQRNISTWGTTLHPQFEDKVVKDNTD
;
A,C,E
2 'polypeptide(L)' MLQCYNCPNPTADCKTAVNCSSDFDACLITKAGLQVYNKCWKFEHCNFNDVTTRLRENELTYYCCKKDLCNFNEQLENC B,D,F
#
# COMPACT_ATOMS: atom_id res chain seq x y z
N ASN A 59 7.56 48.62 27.76
CA ASN A 59 7.52 48.48 26.32
C ASN A 59 6.84 47.17 25.91
N SER A 60 7.49 46.05 26.27
CA SER A 60 6.97 44.75 25.91
C SER A 60 5.61 44.49 26.54
N GLU A 61 5.22 45.29 27.54
CA GLU A 61 3.90 45.14 28.13
C GLU A 61 2.83 45.82 27.27
N ALA A 62 3.03 47.10 26.94
CA ALA A 62 2.14 47.75 26.00
C ALA A 62 2.21 47.08 24.63
N ALA A 63 3.40 46.65 24.24
CA ALA A 63 3.54 45.89 23.00
C ALA A 63 2.76 44.59 23.08
N LYS A 64 2.80 43.93 24.23
CA LYS A 64 2.06 42.69 24.43
C LYS A 64 0.57 42.92 24.27
N LYS A 65 0.05 43.94 24.95
CA LYS A 65 -1.39 44.19 24.89
C LYS A 65 -1.82 44.64 23.49
N ALA A 66 -0.98 45.39 22.80
CA ALA A 66 -1.29 45.79 21.43
C ALA A 66 -1.33 44.57 20.51
N LEU A 67 -0.29 43.75 20.56
CA LEU A 67 -0.25 42.54 19.74
C LEU A 67 -1.38 41.59 20.11
N ASN A 68 -1.79 41.56 21.38
CA ASN A 68 -2.86 40.68 21.80
C ASN A 68 -4.21 41.23 21.39
N ASP A 69 -4.43 42.53 21.56
CA ASP A 69 -5.65 43.15 21.06
C ASP A 69 -5.75 43.01 19.54
N TYR A 70 -4.60 42.84 18.88
CA TYR A 70 -4.58 42.63 17.44
C TYR A 70 -4.93 41.19 17.08
N ILE A 71 -4.16 40.23 17.60
CA ILE A 71 -4.26 38.86 17.10
C ILE A 71 -5.45 38.13 17.72
N TRP A 72 -5.79 38.44 18.98
CA TRP A 72 -6.92 37.78 19.61
C TRP A 72 -8.22 37.97 18.84
N GLY A 73 -8.41 39.13 18.21
CA GLY A 73 -9.56 39.32 17.35
C GLY A 73 -9.45 38.61 16.02
N LEU A 74 -8.24 38.32 15.57
CA LEU A 74 -8.05 37.62 14.31
C LEU A 74 -8.47 36.16 14.48
N GLN A 75 -9.30 35.67 13.55
CA GLN A 75 -9.99 34.40 13.77
C GLN A 75 -10.20 33.69 12.44
N TYR A 76 -9.80 32.43 12.36
CA TYR A 76 -10.04 31.58 11.20
C TYR A 76 -9.69 30.14 11.57
N ASP A 77 -10.15 29.19 10.75
CA ASP A 77 -9.89 27.77 10.99
C ASP A 77 -8.63 27.36 10.24
N LYS A 78 -7.69 26.77 10.98
CA LYS A 78 -6.49 26.23 10.37
C LYS A 78 -6.82 25.17 9.33
N LEU A 79 -7.66 24.20 9.67
CA LEU A 79 -8.01 23.12 8.76
C LEU A 79 -8.77 23.60 7.55
N ASN A 80 -9.04 24.87 7.45
CA ASN A 80 -9.59 25.47 6.25
C ASN A 80 -8.54 26.16 5.41
N ILE A 81 -7.71 27.00 6.01
CA ILE A 81 -6.58 27.55 5.29
C ILE A 81 -5.52 26.47 5.07
N LEU A 82 -5.31 25.62 6.05
CA LEU A 82 -4.33 24.53 5.95
C LEU A 82 -5.01 23.21 5.65
N THR A 83 -5.31 22.98 4.38
CA THR A 83 -5.87 21.73 3.90
C THR A 83 -5.44 21.51 2.46
N HIS A 84 -4.96 20.30 2.15
CA HIS A 84 -4.41 20.01 0.84
C HIS A 84 -5.24 18.91 0.19
N GLN A 85 -6.36 19.29 -0.40
CA GLN A 85 -7.23 18.34 -1.07
C GLN A 85 -6.80 18.28 -2.53
N GLY A 86 -5.77 17.49 -2.81
CA GLY A 86 -5.07 17.58 -4.08
C GLY A 86 -5.82 17.08 -5.29
N GLU A 87 -6.06 15.77 -5.36
CA GLU A 87 -6.64 15.18 -6.55
C GLU A 87 -8.03 14.64 -6.24
N LYS A 88 -8.99 15.07 -7.05
CA LYS A 88 -10.36 14.59 -6.99
C LYS A 88 -10.60 13.65 -8.17
N LEU A 89 -11.44 12.63 -7.94
CA LEU A 89 -11.72 11.70 -9.01
C LEU A 89 -13.13 11.13 -8.84
N LYS A 90 -13.89 11.12 -9.94
CA LYS A 90 -15.18 10.47 -9.97
C LYS A 90 -15.01 8.96 -9.80
N ASN A 91 -16.02 8.31 -9.22
CA ASN A 91 -15.96 6.86 -9.12
C ASN A 91 -16.14 6.23 -10.49
N HIS A 92 -15.03 5.87 -11.13
CA HIS A 92 -15.08 5.10 -12.34
C HIS A 92 -14.71 3.67 -12.01
N SER A 93 -15.66 2.77 -12.22
CA SER A 93 -15.42 1.38 -11.92
C SER A 93 -15.15 0.66 -13.23
N SER A 94 -13.86 0.52 -13.54
CA SER A 94 -13.47 -0.17 -14.77
C SER A 94 -12.73 -1.43 -14.39
N ARG A 95 -13.39 -2.57 -14.51
CA ARG A 95 -12.70 -3.84 -14.53
C ARG A 95 -12.27 -4.12 -15.96
N GLU A 96 -11.13 -4.76 -16.11
CA GLU A 96 -10.61 -5.03 -17.44
C GLU A 96 -9.62 -6.17 -17.34
N ALA A 97 -9.25 -6.75 -18.49
CA ALA A 97 -8.35 -7.89 -18.50
C ALA A 97 -7.34 -7.76 -19.63
N PHE A 98 -6.34 -8.64 -19.62
CA PHE A 98 -5.29 -8.66 -20.61
C PHE A 98 -4.54 -9.99 -20.54
N HIS A 99 -4.28 -10.59 -21.70
CA HIS A 99 -3.52 -11.83 -21.76
C HIS A 99 -2.14 -11.55 -22.35
N ARG A 100 -1.12 -12.08 -21.70
CA ARG A 100 0.26 -11.98 -22.14
C ARG A 100 0.81 -13.39 -22.28
N PRO A 101 2.01 -13.57 -22.88
CA PRO A 101 2.46 -14.94 -23.14
C PRO A 101 2.54 -15.80 -21.89
N GLY A 102 1.60 -16.74 -21.80
CA GLY A 102 1.44 -17.54 -20.61
C GLY A 102 1.11 -16.78 -19.34
N GLU A 103 0.23 -15.78 -19.40
CA GLU A 103 -0.18 -15.01 -18.23
C GLU A 103 -1.57 -14.40 -18.46
N TYR A 104 -2.35 -14.35 -17.38
CA TYR A 104 -3.62 -13.64 -17.36
C TYR A 104 -3.51 -12.46 -16.40
N VAL A 105 -4.20 -11.37 -16.71
CA VAL A 105 -4.10 -10.11 -15.98
C VAL A 105 -5.49 -9.52 -15.83
N VAL A 106 -5.83 -9.07 -14.64
CA VAL A 106 -7.05 -8.31 -14.39
C VAL A 106 -6.64 -6.97 -13.79
N CYS A 107 -7.32 -5.91 -14.21
CA CYS A 107 -7.17 -4.57 -13.66
C CYS A 107 -8.50 -4.15 -13.05
N GLU A 108 -8.43 -3.49 -11.90
CA GLU A 108 -9.60 -2.97 -11.21
C GLU A 108 -9.39 -1.49 -10.94
N LYS A 109 -9.68 -0.65 -11.92
CA LYS A 109 -9.68 0.79 -11.71
C LYS A 109 -10.91 1.15 -10.90
N LYS A 110 -10.75 1.20 -9.59
CA LYS A 110 -11.84 1.53 -8.68
C LYS A 110 -11.43 2.74 -7.86
N LYS A 111 -12.36 3.69 -7.73
CA LYS A 111 -12.05 4.94 -7.05
C LYS A 111 -11.61 4.69 -5.62
N GLN A 112 -10.63 5.46 -5.17
CA GLN A 112 -10.19 5.45 -3.78
C GLN A 112 -9.75 6.86 -3.41
N SER A 113 -10.62 7.60 -2.74
CA SER A 113 -10.26 8.88 -2.15
C SER A 113 -9.38 8.60 -0.94
N ILE A 114 -8.39 9.46 -0.73
CA ILE A 114 -7.54 9.38 0.45
C ILE A 114 -7.39 10.78 1.02
N SER A 115 -8.20 11.09 2.04
CA SER A 115 -8.22 12.38 2.69
C SER A 115 -7.62 12.23 4.08
N ASN A 116 -6.49 12.89 4.32
CA ASN A 116 -5.76 12.78 5.58
C ASN A 116 -5.63 14.16 6.20
N ALA A 117 -5.27 14.21 7.47
CA ALA A 117 -4.95 15.43 8.18
C ALA A 117 -3.85 15.13 9.20
N THR A 118 -2.97 16.09 9.45
CA THR A 118 -1.85 15.86 10.34
C THR A 118 -1.32 17.20 10.82
N SER A 119 -0.59 17.19 11.93
CA SER A 119 0.03 18.38 12.48
C SER A 119 1.55 18.29 12.51
N LYS A 120 2.11 17.15 12.09
CA LYS A 120 3.56 17.00 12.00
C LYS A 120 4.01 17.42 10.60
N LEU A 121 4.46 18.68 10.48
CA LEU A 121 4.79 19.28 9.19
C LEU A 121 6.22 18.91 8.81
N SER A 122 6.37 18.10 7.75
CA SER A 122 7.67 17.51 7.44
C SER A 122 8.70 18.57 7.08
N VAL A 123 9.98 18.20 7.22
CA VAL A 123 11.12 19.03 6.85
C VAL A 123 12.19 18.14 6.23
N SER A 124 12.78 18.60 5.14
CA SER A 124 13.88 17.88 4.50
C SER A 124 14.92 18.90 4.05
N SER A 125 15.96 18.38 3.37
CA SER A 125 17.17 19.13 3.02
C SER A 125 16.88 20.55 2.55
N ALA A 126 16.12 20.68 1.46
CA ALA A 126 15.84 21.99 0.88
C ALA A 126 15.00 22.89 1.77
N ASN A 127 14.58 22.43 2.95
CA ASN A 127 13.88 23.26 3.91
C ASN A 127 14.63 23.40 5.22
N ASP A 128 15.81 22.77 5.36
CA ASP A 128 16.51 22.74 6.63
C ASP A 128 16.64 24.12 7.26
N ASP A 129 17.32 25.03 6.56
CA ASP A 129 17.86 26.22 7.20
C ASP A 129 16.79 27.15 7.76
N ARG A 130 15.60 27.18 7.18
CA ARG A 130 14.62 28.18 7.57
C ARG A 130 13.77 27.71 8.75
N ILE A 131 13.78 26.42 9.06
CA ILE A 131 13.00 25.89 10.16
C ILE A 131 13.85 25.82 11.42
N PHE A 132 13.26 26.29 12.52
CA PHE A 132 13.68 26.17 13.91
C PHE A 132 12.60 26.80 14.79
N PRO A 133 12.51 26.43 16.07
CA PRO A 133 11.30 26.76 16.84
C PRO A 133 11.16 28.25 17.08
N GLY A 134 9.98 28.61 17.60
CA GLY A 134 9.69 29.95 18.03
C GLY A 134 9.60 30.97 16.92
N ALA A 135 10.08 30.64 15.73
CA ALA A 135 10.06 31.59 14.64
C ALA A 135 8.64 31.79 14.14
N LEU A 136 8.20 33.04 14.12
CA LEU A 136 6.88 33.37 13.60
C LEU A 136 6.81 33.03 12.12
N LEU A 137 5.61 32.71 11.66
CA LEU A 137 5.34 32.47 10.25
C LEU A 137 3.97 33.03 9.92
N LYS A 138 3.70 33.20 8.64
CA LYS A 138 2.42 33.69 8.16
C LYS A 138 1.62 32.52 7.59
N ALA A 139 0.52 32.19 8.25
CA ALA A 139 -0.22 30.97 7.96
C ALA A 139 -0.85 31.05 6.57
N ASP A 140 -0.24 30.36 5.62
CA ASP A 140 -0.66 30.44 4.23
C ASP A 140 -0.38 29.09 3.61
N GLN A 141 -0.81 28.94 2.35
CA GLN A 141 -0.32 27.82 1.54
C GLN A 141 1.19 27.70 1.65
N SER A 142 1.86 28.82 1.89
CA SER A 142 3.27 28.79 2.30
C SER A 142 3.53 27.66 3.27
N LEU A 143 2.80 27.62 4.37
CA LEU A 143 2.98 26.54 5.34
C LEU A 143 2.57 25.20 4.76
N LEU A 144 1.67 25.20 3.78
CA LEU A 144 1.05 23.95 3.33
C LEU A 144 2.06 23.06 2.61
N GLU A 145 2.57 23.50 1.47
CA GLU A 145 3.51 22.71 0.70
C GLU A 145 4.93 22.77 1.28
N ASN A 146 5.07 23.22 2.53
CA ASN A 146 6.37 23.54 3.11
C ASN A 146 7.09 24.59 2.28
N LEU A 147 6.44 25.74 2.13
CA LEU A 147 6.99 26.91 1.47
C LEU A 147 7.12 27.96 2.57
N PRO A 148 8.00 27.74 3.55
CA PRO A 148 7.89 28.48 4.81
C PRO A 148 8.46 29.88 4.68
N THR A 149 7.63 30.88 4.99
CA THR A 149 7.99 32.28 4.87
C THR A 149 8.40 32.84 6.24
N LEU A 150 9.39 33.72 6.25
CA LEU A 150 9.85 34.33 7.49
C LEU A 150 9.13 35.63 7.77
N ILE A 151 9.64 36.37 8.75
CA ILE A 151 9.15 37.71 9.04
C ILE A 151 10.32 38.58 9.51
N PRO A 152 10.33 39.86 9.17
CA PRO A 152 11.42 40.74 9.65
C PRO A 152 11.31 41.10 11.12
N VAL A 153 10.17 40.87 11.76
CA VAL A 153 9.92 41.24 13.16
C VAL A 153 11.07 40.79 14.08
N ASN A 154 11.54 41.71 14.92
CA ASN A 154 12.50 41.38 15.96
C ASN A 154 11.84 40.46 16.98
N ARG A 155 12.52 39.40 17.39
CA ARG A 155 11.94 38.50 18.36
C ARG A 155 12.51 38.76 19.75
N GLY A 156 11.76 38.36 20.77
CA GLY A 156 12.05 38.71 22.13
C GLY A 156 12.37 37.53 23.02
N LYS A 157 12.51 37.84 24.31
CA LYS A 157 13.01 36.87 25.29
C LYS A 157 12.14 35.63 25.35
N THR A 158 12.75 34.47 25.12
CA THR A 158 12.06 33.20 25.23
C THR A 158 13.02 32.17 25.80
N THR A 159 12.52 31.38 26.75
CA THR A 159 13.20 30.16 27.15
C THR A 159 12.95 29.12 26.06
N ILE A 160 13.98 28.35 25.73
CA ILE A 160 13.91 27.32 24.73
C ILE A 160 14.18 25.99 25.42
N SER A 161 13.40 24.98 25.05
CA SER A 161 13.44 23.70 25.74
C SER A 161 13.80 22.63 24.72
N VAL A 162 14.42 21.56 25.17
CA VAL A 162 14.73 20.42 24.33
C VAL A 162 14.33 19.16 25.09
N ASN A 163 14.15 18.06 24.38
CA ASN A 163 13.96 16.76 25.01
C ASN A 163 15.17 15.91 24.70
N LEU A 164 16.03 15.69 25.70
CA LEU A 164 17.23 14.92 25.51
C LEU A 164 17.30 13.83 26.57
N PRO A 165 17.57 12.60 26.19
CA PRO A 165 17.53 11.49 27.16
C PRO A 165 18.80 11.36 27.98
N GLY A 166 18.70 11.60 29.28
CA GLY A 166 19.80 11.41 30.20
C GLY A 166 20.40 12.66 30.81
N LEU A 167 20.02 13.85 30.34
CA LEU A 167 20.62 15.08 30.84
C LEU A 167 20.34 15.25 32.32
N LYS A 168 21.08 16.14 32.97
CA LYS A 168 21.09 16.23 34.42
C LYS A 168 20.77 17.63 34.90
N ASN A 169 19.47 17.93 35.00
CA ASN A 169 18.88 18.94 35.88
C ASN A 169 19.19 20.38 35.50
N GLY A 170 20.10 20.60 34.55
CA GLY A 170 20.34 21.94 34.08
C GLY A 170 20.60 22.02 32.59
N GLU A 171 20.67 20.84 31.96
CA GLU A 171 21.24 20.74 30.63
C GLU A 171 20.19 20.84 29.52
N SER A 172 18.91 20.87 29.86
CA SER A 172 17.87 20.79 28.85
C SER A 172 17.13 22.10 28.62
N ASN A 173 17.48 23.16 29.33
CA ASN A 173 16.81 24.45 29.17
C ASN A 173 17.82 25.54 28.86
N LEU A 174 17.46 26.42 27.92
CA LEU A 174 18.23 27.62 27.65
C LEU A 174 17.27 28.79 27.51
N THR A 175 17.81 29.97 27.21
CA THR A 175 16.99 31.15 27.02
C THR A 175 17.73 32.14 26.13
N VAL A 176 17.01 32.70 25.16
CA VAL A 176 17.57 33.65 24.20
C VAL A 176 16.73 34.92 24.25
N GLU A 177 17.41 36.07 24.33
CA GLU A 177 16.70 37.35 24.31
C GLU A 177 16.26 37.71 22.89
N ASN A 178 17.19 37.69 21.94
CA ASN A 178 16.86 37.89 20.54
C ASN A 178 17.03 36.56 19.83
N PRO A 179 15.97 35.78 19.71
CA PRO A 179 16.06 34.48 19.05
C PRO A 179 16.57 34.64 17.63
N SER A 180 17.62 33.88 17.31
CA SER A 180 18.26 33.98 16.01
C SER A 180 18.73 32.60 15.61
N ASN A 181 18.52 32.27 14.33
CA ASN A 181 18.92 30.96 13.80
C ASN A 181 20.32 30.59 14.25
N SER A 182 21.27 31.51 14.13
CA SER A 182 22.63 31.27 14.61
C SER A 182 22.64 31.00 16.11
N THR A 183 22.05 31.92 16.89
CA THR A 183 22.09 31.82 18.33
C THR A 183 21.45 30.52 18.82
N VAL A 184 20.17 30.34 18.52
CA VAL A 184 19.46 29.18 19.05
C VAL A 184 20.01 27.90 18.45
N ARG A 185 20.49 27.95 17.20
CA ARG A 185 21.04 26.76 16.57
C ARG A 185 22.31 26.31 17.27
N THR A 186 23.24 27.23 17.49
CA THR A 186 24.45 26.87 18.24
C THR A 186 24.10 26.50 19.68
N ALA A 187 23.01 27.04 20.22
CA ALA A 187 22.60 26.69 21.57
C ALA A 187 22.20 25.22 21.66
N VAL A 188 21.30 24.79 20.78
CA VAL A 188 20.86 23.39 20.80
C VAL A 188 22.00 22.47 20.38
N ASN A 189 22.88 22.94 19.49
CA ASN A 189 24.03 22.15 19.11
C ASN A 189 24.96 21.95 20.32
N ASN A 190 25.10 22.98 21.14
CA ASN A 190 25.81 22.86 22.41
C ASN A 190 25.16 21.81 23.30
N LEU A 191 23.84 21.91 23.49
CA LEU A 191 23.14 20.95 24.32
C LEU A 191 23.37 19.53 23.84
N VAL A 192 23.48 19.34 22.53
CA VAL A 192 23.79 18.01 21.99
C VAL A 192 25.22 17.62 22.33
N GLU A 193 26.17 18.50 21.99
CA GLU A 193 27.58 18.22 22.24
C GLU A 193 27.84 17.86 23.70
N LYS A 194 26.98 18.33 24.61
CA LYS A 194 27.06 17.87 26.00
C LYS A 194 26.96 16.35 26.09
N TRP A 195 25.89 15.78 25.55
CA TRP A 195 25.58 14.38 25.82
C TRP A 195 26.22 13.44 24.80
N ILE A 196 26.64 13.97 23.65
CA ILE A 196 27.12 13.08 22.58
C ILE A 196 28.36 12.31 23.03
N GLN A 197 29.26 12.96 23.75
CA GLN A 197 30.51 12.34 24.19
C GLN A 197 30.45 11.85 25.63
N ASN A 198 29.54 12.42 26.42
CA ASN A 198 29.53 12.17 27.86
C ASN A 198 29.05 10.75 28.18
N TYR A 199 27.87 10.40 27.68
CA TYR A 199 27.18 9.21 28.15
C TYR A 199 26.86 8.22 27.05
N SER A 200 27.18 8.55 25.79
CA SER A 200 26.84 7.73 24.65
C SER A 200 27.31 6.29 24.79
N LYS A 201 28.20 6.04 25.77
CA LYS A 201 28.68 4.68 25.99
C LYS A 201 27.55 3.73 26.37
N THR A 202 26.60 4.19 27.18
CA THR A 202 25.54 3.32 27.69
C THR A 202 24.17 3.98 27.64
N HIS A 203 23.85 4.62 26.52
CA HIS A 203 22.51 5.14 26.27
C HIS A 203 22.01 4.64 24.91
N ALA A 204 20.84 4.01 24.90
CA ALA A 204 20.25 3.51 23.67
C ALA A 204 18.80 4.00 23.61
N VAL A 205 18.61 5.20 23.06
CA VAL A 205 17.28 5.80 22.98
C VAL A 205 16.41 4.88 22.13
N PRO A 206 15.37 4.29 22.70
CA PRO A 206 14.60 3.27 21.98
C PRO A 206 13.44 3.85 21.20
N ALA A 207 13.53 5.13 20.85
CA ALA A 207 12.37 5.83 20.31
C ALA A 207 11.92 5.23 18.99
N ARG A 208 10.85 5.80 18.45
CA ARG A 208 10.06 5.24 17.37
C ARG A 208 10.91 4.67 16.24
N MET A 209 10.75 3.38 15.98
CA MET A 209 11.28 2.79 14.75
C MET A 209 10.12 2.66 13.75
N GLN A 210 9.58 3.81 13.32
CA GLN A 210 8.42 3.85 12.44
C GLN A 210 8.75 3.12 11.15
N TYR A 211 8.14 1.96 10.96
CA TYR A 211 8.37 1.11 9.80
C TYR A 211 7.13 1.20 8.92
N GLU A 212 7.05 2.24 8.08
CA GLU A 212 5.84 2.53 7.33
C GLU A 212 6.02 2.02 5.92
N SER A 213 4.99 1.38 5.37
CA SER A 213 5.03 0.92 3.99
C SER A 213 3.71 1.26 3.31
N ILE A 214 3.79 1.50 2.00
CA ILE A 214 2.60 1.78 1.20
C ILE A 214 2.98 1.60 -0.25
N SER A 215 1.98 1.38 -1.11
CA SER A 215 2.22 1.34 -2.55
C SER A 215 2.27 2.75 -3.10
N ALA A 216 3.24 3.00 -3.98
CA ALA A 216 3.40 4.32 -4.59
C ALA A 216 2.36 4.45 -5.70
N GLN A 217 1.12 4.67 -5.28
CA GLN A 217 0.00 4.88 -6.19
C GLN A 217 0.06 6.31 -6.71
N SER A 218 -1.06 6.79 -7.26
CA SER A 218 -1.10 8.14 -7.78
C SER A 218 -0.41 9.10 -6.82
N MET A 219 0.66 9.73 -7.30
CA MET A 219 1.58 10.42 -6.42
C MET A 219 0.91 11.51 -5.59
N SER A 220 -0.27 11.96 -6.00
CA SER A 220 -1.03 12.84 -5.12
C SER A 220 -1.60 12.08 -3.94
N GLN A 221 -1.93 10.80 -4.11
CA GLN A 221 -2.27 10.03 -2.92
C GLN A 221 -1.06 9.84 -2.03
N LEU A 222 0.15 9.87 -2.59
CA LEU A 222 1.32 9.86 -1.75
C LEU A 222 1.49 11.20 -1.03
N GLN A 223 1.19 12.31 -1.71
CA GLN A 223 1.27 13.60 -1.04
C GLN A 223 0.22 13.71 0.05
N ALA A 224 -0.90 13.01 -0.10
CA ALA A 224 -1.93 13.03 0.92
C ALA A 224 -1.56 12.16 2.10
N LYS A 225 -1.29 10.88 1.84
CA LYS A 225 -1.00 9.94 2.92
C LYS A 225 0.29 10.29 3.64
N PHE A 226 1.22 10.97 2.96
CA PHE A 226 2.55 11.19 3.52
C PHE A 226 2.87 12.66 3.74
N GLY A 227 2.14 13.57 3.09
CA GLY A 227 2.52 14.97 3.27
C GLY A 227 2.87 15.66 1.96
N ALA A 228 2.56 16.95 1.92
CA ALA A 228 2.71 17.75 0.71
C ALA A 228 4.16 17.79 0.23
N ASP A 229 5.09 18.11 1.13
CA ASP A 229 6.45 18.44 0.72
C ASP A 229 7.18 17.26 0.09
N PHE A 230 6.71 16.04 0.36
CA PHE A 230 7.28 14.88 -0.32
C PHE A 230 7.34 15.09 -1.82
N SER A 231 6.41 15.89 -2.35
CA SER A 231 6.38 16.23 -3.77
C SER A 231 7.78 16.54 -4.31
N LYS A 232 8.63 17.14 -3.48
CA LYS A 232 9.99 17.41 -3.94
C LYS A 232 10.94 16.29 -3.53
N VAL A 233 10.89 15.86 -2.27
CA VAL A 233 11.93 14.99 -1.75
C VAL A 233 11.82 13.58 -2.32
N GLY A 234 10.60 13.12 -2.53
CA GLY A 234 10.40 11.90 -3.27
C GLY A 234 10.41 12.09 -4.77
N ALA A 235 10.47 13.34 -5.23
CA ALA A 235 10.59 13.59 -6.65
C ALA A 235 11.73 12.81 -7.30
N PRO A 236 12.94 12.75 -6.76
CA PRO A 236 13.98 11.93 -7.38
C PRO A 236 13.88 10.44 -7.11
N LEU A 237 12.85 9.99 -6.40
CA LEU A 237 12.75 8.57 -6.05
C LEU A 237 12.47 7.69 -7.26
N ASN A 238 12.36 8.27 -8.45
CA ASN A 238 12.01 7.52 -9.67
C ASN A 238 10.68 6.80 -9.51
N VAL A 239 9.72 7.48 -8.87
CA VAL A 239 8.36 6.97 -8.72
C VAL A 239 7.59 7.24 -10.00
N ASP A 240 7.12 6.17 -10.64
CA ASP A 240 6.36 6.29 -11.89
C ASP A 240 4.90 6.58 -11.56
N PHE A 241 4.49 7.81 -11.87
CA PHE A 241 3.11 8.25 -11.66
C PHE A 241 2.15 7.50 -12.57
N SER A 242 2.34 7.63 -13.88
CA SER A 242 1.43 7.04 -14.85
C SER A 242 1.35 5.52 -14.71
N SER A 243 2.50 4.88 -14.55
CA SER A 243 2.55 3.42 -14.55
C SER A 243 1.50 2.82 -13.61
N VAL A 244 1.60 3.13 -12.32
CA VAL A 244 0.57 2.69 -11.40
C VAL A 244 -0.77 3.34 -11.75
N HIS A 245 -0.75 4.64 -12.09
CA HIS A 245 -1.99 5.28 -12.49
C HIS A 245 -2.61 4.63 -13.71
N LYS A 246 -1.80 4.11 -14.62
CA LYS A 246 -2.29 3.46 -15.82
C LYS A 246 -1.92 1.99 -15.91
N CYS A 247 -1.58 1.37 -14.78
CA CYS A 247 -1.47 -0.09 -14.69
C CYS A 247 -0.34 -0.62 -15.56
N GLU A 248 0.86 -0.08 -15.35
CA GLU A 248 2.04 -0.55 -16.09
C GLU A 248 2.94 -1.41 -15.20
N LYS A 249 3.36 -0.86 -14.07
CA LYS A 249 4.31 -1.53 -13.19
C LYS A 249 3.91 -1.35 -11.72
N GLN A 250 4.71 -1.94 -10.83
CA GLN A 250 4.45 -1.92 -9.40
C GLN A 250 5.60 -1.21 -8.70
N VAL A 251 5.28 -0.18 -7.92
CA VAL A 251 6.26 0.54 -7.10
C VAL A 251 5.70 0.69 -5.69
N PHE A 252 6.51 0.30 -4.71
CA PHE A 252 6.15 0.40 -3.30
C PHE A 252 7.19 1.23 -2.57
N ILE A 253 6.73 2.22 -1.79
CA ILE A 253 7.62 3.07 -1.02
C ILE A 253 7.45 2.77 0.46
N ALA A 254 8.56 2.75 1.18
CA ALA A 254 8.61 2.38 2.59
C ALA A 254 9.44 3.42 3.32
N ASN A 255 8.81 4.18 4.19
CA ASN A 255 9.48 5.12 5.06
C ASN A 255 10.04 4.37 6.26
N PHE A 256 11.26 4.71 6.65
CA PHE A 256 11.88 4.20 7.86
C PHE A 256 12.43 5.40 8.61
N ARG A 257 12.27 5.40 9.92
CA ARG A 257 12.70 6.55 10.70
C ARG A 257 13.30 6.11 12.04
N GLN A 258 13.80 7.11 12.75
CA GLN A 258 14.01 7.07 14.20
C GLN A 258 14.17 8.51 14.64
N VAL A 259 13.22 9.03 15.41
CA VAL A 259 13.38 10.37 15.93
C VAL A 259 14.47 10.36 16.99
N TYR A 260 15.32 11.38 16.96
CA TYR A 260 16.42 11.44 17.90
C TYR A 260 16.01 12.30 19.09
N TYR A 261 15.46 13.47 18.81
CA TYR A 261 14.94 14.36 19.84
C TYR A 261 14.09 15.44 19.23
N THR A 262 13.73 16.43 20.04
CA THR A 262 13.01 17.59 19.55
C THR A 262 13.25 18.77 20.46
N ALA A 263 12.66 19.90 20.07
CA ALA A 263 12.78 21.16 20.79
C ALA A 263 11.38 21.77 20.90
N SER A 264 11.19 22.62 21.90
CA SER A 264 9.86 23.08 22.29
C SER A 264 9.94 24.53 22.79
N VAL A 265 8.85 25.26 22.58
CA VAL A 265 8.72 26.64 23.01
C VAL A 265 7.68 26.70 24.12
N ASP A 266 7.92 27.55 25.12
CA ASP A 266 6.87 27.92 26.04
C ASP A 266 5.95 28.93 25.38
N SER A 267 4.66 28.63 25.39
CA SER A 267 3.70 29.49 24.71
C SER A 267 3.80 30.91 25.25
N PRO A 268 3.64 31.92 24.41
CA PRO A 268 3.75 33.30 24.89
C PRO A 268 2.72 33.59 25.98
N ASN A 269 3.22 33.78 27.20
CA ASN A 269 2.41 34.44 28.21
C ASN A 269 2.23 35.90 27.86
N SER A 270 3.03 36.40 26.92
CA SER A 270 3.03 37.75 26.41
C SER A 270 3.24 37.68 24.90
N PRO A 271 2.29 38.19 24.11
CA PRO A 271 2.58 38.41 22.70
C PRO A 271 3.91 39.09 22.46
N SER A 272 4.24 40.15 23.21
CA SER A 272 5.52 40.79 23.02
C SER A 272 6.66 40.05 23.72
N ALA A 273 6.37 38.97 24.44
CA ALA A 273 7.43 38.03 24.76
C ALA A 273 7.89 37.26 23.53
N LEU A 274 7.24 37.49 22.40
CA LEU A 274 7.66 36.98 21.10
C LEU A 274 8.40 38.01 20.27
N PHE A 275 8.27 39.30 20.60
CA PHE A 275 8.97 40.37 19.91
C PHE A 275 10.06 40.90 20.80
N GLY A 276 11.10 41.45 20.16
CA GLY A 276 12.20 42.03 20.89
C GLY A 276 11.80 43.29 21.61
N SER A 277 10.85 43.16 22.55
CA SER A 277 10.50 44.25 23.46
C SER A 277 9.97 45.49 22.78
N GLY A 278 8.72 45.45 22.30
CA GLY A 278 8.16 46.63 21.67
C GLY A 278 7.47 46.48 20.33
N ILE A 279 6.88 45.31 20.09
CA ILE A 279 6.11 45.12 18.87
C ILE A 279 4.97 46.14 18.81
N THR A 280 4.73 46.66 17.62
CA THR A 280 3.59 47.49 17.36
C THR A 280 2.79 46.79 16.26
N PRO A 281 1.46 46.88 16.31
CA PRO A 281 0.65 46.28 15.23
C PRO A 281 1.02 46.79 13.86
N THR A 282 1.45 48.05 13.75
CA THR A 282 1.88 48.56 12.45
C THR A 282 3.24 47.99 12.06
N ASP A 283 4.08 47.66 13.05
CA ASP A 283 5.28 46.90 12.75
C ASP A 283 4.93 45.52 12.22
N LEU A 284 3.99 44.84 12.88
CA LEU A 284 3.57 43.51 12.44
C LEU A 284 3.01 43.53 11.03
N ILE A 285 2.18 44.53 10.73
CA ILE A 285 1.56 44.59 9.41
C ILE A 285 2.57 45.05 8.36
N ASN A 286 3.48 45.95 8.72
CA ASN A 286 4.57 46.31 7.83
C ASN A 286 5.48 45.13 7.59
N ARG A 287 5.48 44.18 8.54
CA ARG A 287 6.16 42.91 8.36
C ARG A 287 5.29 41.88 7.64
N GLY A 288 4.20 42.33 7.03
CA GLY A 288 3.41 41.50 6.13
C GLY A 288 2.33 40.65 6.76
N VAL A 289 2.20 40.68 8.07
CA VAL A 289 1.20 39.87 8.75
C VAL A 289 -0.15 40.56 8.63
N ASN A 290 -1.14 39.81 8.14
CA ASN A 290 -2.52 40.28 8.06
C ASN A 290 -3.45 39.15 8.46
N SER A 291 -4.76 39.40 8.30
CA SER A 291 -5.76 38.42 8.69
C SER A 291 -5.74 37.20 7.79
N LYS A 292 -5.43 37.37 6.51
CA LYS A 292 -5.50 36.26 5.57
C LYS A 292 -4.41 35.22 5.80
N THR A 293 -3.17 35.66 6.00
CA THR A 293 -2.05 34.76 6.30
C THR A 293 -1.60 35.07 7.72
N PRO A 294 -2.37 34.64 8.71
CA PRO A 294 -2.20 35.16 10.08
C PRO A 294 -0.87 34.76 10.66
N PRO A 295 -0.48 35.37 11.77
CA PRO A 295 0.78 34.98 12.42
C PRO A 295 0.60 33.77 13.33
N VAL A 296 1.42 32.75 13.08
CA VAL A 296 1.49 31.57 13.92
C VAL A 296 2.92 31.44 14.40
N TYR A 297 3.13 30.73 15.49
CA TYR A 297 4.48 30.53 15.99
C TYR A 297 4.78 29.04 16.12
N VAL A 298 5.94 28.67 15.59
CA VAL A 298 6.37 27.27 15.61
C VAL A 298 6.34 26.77 17.04
N SER A 299 5.84 25.55 17.22
CA SER A 299 5.78 24.96 18.54
C SER A 299 6.65 23.71 18.68
N ASN A 300 7.41 23.37 17.65
CA ASN A 300 8.23 22.16 17.67
C ASN A 300 9.13 22.13 16.45
N VAL A 301 10.30 21.53 16.61
CA VAL A 301 11.10 20.99 15.52
C VAL A 301 11.62 19.63 15.96
N SER A 302 11.52 18.64 15.08
CA SER A 302 11.92 17.29 15.42
C SER A 302 13.11 16.89 14.58
N TYR A 303 13.82 15.85 15.03
CA TYR A 303 15.12 15.50 14.50
C TYR A 303 15.28 13.98 14.47
N GLY A 304 16.15 13.49 13.59
CA GLY A 304 16.54 12.10 13.63
C GLY A 304 16.87 11.47 12.31
N ARG A 305 17.08 10.16 12.32
CA ARG A 305 17.45 9.40 11.14
C ARG A 305 16.20 9.11 10.33
N ALA A 306 16.31 9.25 9.00
CA ALA A 306 15.15 9.04 8.13
C ALA A 306 15.62 8.41 6.83
N MET A 307 14.67 7.77 6.14
CA MET A 307 14.95 7.20 4.81
C MET A 307 13.63 6.81 4.15
N TYR A 308 13.62 6.85 2.82
CA TYR A 308 12.44 6.53 2.04
C TYR A 308 12.84 5.53 0.98
N VAL A 309 12.85 4.24 1.31
CA VAL A 309 13.42 3.22 0.45
C VAL A 309 12.29 2.61 -0.39
N LYS A 310 12.60 2.34 -1.65
CA LYS A 310 11.59 1.98 -2.64
C LYS A 310 11.88 0.56 -3.14
N PHE A 311 10.91 -0.05 -3.80
CA PHE A 311 11.12 -1.27 -4.57
C PHE A 311 10.24 -1.16 -5.81
N GLU A 312 10.83 -1.42 -6.98
CA GLU A 312 10.23 -1.08 -8.28
C GLU A 312 10.33 -2.28 -9.21
N THR A 313 9.25 -3.03 -9.34
CA THR A 313 9.26 -4.30 -10.03
C THR A 313 7.95 -4.51 -10.80
N THR A 314 8.01 -5.39 -11.81
CA THR A 314 6.88 -5.65 -12.68
C THR A 314 5.71 -6.29 -11.94
N SER A 315 6.00 -7.25 -11.05
CA SER A 315 4.95 -8.06 -10.48
C SER A 315 4.07 -7.26 -9.53
N LYS A 316 2.76 -7.48 -9.64
CA LYS A 316 1.74 -7.06 -8.69
C LYS A 316 1.60 -8.12 -7.60
N SER A 317 0.44 -8.10 -6.92
CA SER A 317 0.17 -9.11 -5.90
C SER A 317 1.17 -8.97 -4.76
N THR A 318 0.91 -8.03 -3.85
CA THR A 318 1.88 -7.26 -3.08
C THR A 318 2.97 -8.08 -2.38
N LYS A 319 3.13 -9.35 -2.76
CA LYS A 319 4.40 -10.02 -2.50
C LYS A 319 5.58 -9.13 -2.80
N VAL A 320 5.41 -8.10 -3.64
CA VAL A 320 6.35 -6.98 -3.66
C VAL A 320 6.68 -6.54 -2.24
N GLN A 321 5.64 -6.37 -1.41
CA GLN A 321 5.90 -5.98 -0.03
C GLN A 321 6.59 -7.10 0.75
N ALA A 322 6.33 -8.36 0.39
CA ALA A 322 7.11 -9.46 0.96
C ALA A 322 8.58 -9.28 0.62
N ALA A 323 8.87 -8.89 -0.62
CA ALA A 323 10.24 -8.61 -1.01
C ALA A 323 10.82 -7.47 -0.18
N ILE A 324 10.08 -6.37 -0.05
CA ILE A 324 10.55 -5.23 0.72
C ILE A 324 10.92 -5.67 2.13
N ASP A 325 10.01 -6.35 2.81
CA ASP A 325 10.26 -6.70 4.21
C ASP A 325 11.36 -7.75 4.36
N ALA A 326 11.34 -8.82 3.55
CA ALA A 326 12.34 -9.87 3.73
C ALA A 326 13.69 -9.46 3.20
N VAL A 327 13.78 -8.29 2.54
CA VAL A 327 15.07 -7.66 2.41
C VAL A 327 15.39 -6.83 3.64
N VAL A 328 14.39 -6.08 4.16
CA VAL A 328 14.56 -5.43 5.45
C VAL A 328 14.76 -6.46 6.56
N LYS A 329 14.16 -7.64 6.42
CA LYS A 329 14.34 -8.72 7.38
C LYS A 329 15.52 -9.59 6.96
N GLU A 338 11.07 -17.25 -9.40
CA GLU A 338 10.75 -17.44 -7.99
C GLU A 338 10.85 -16.09 -7.26
N TYR A 339 10.49 -16.10 -5.97
CA TYR A 339 10.73 -14.95 -5.12
C TYR A 339 12.17 -14.46 -5.23
N GLU A 340 13.11 -15.38 -5.41
CA GLU A 340 14.49 -15.00 -5.70
C GLU A 340 14.56 -14.13 -6.95
N ASN A 341 13.67 -14.36 -7.91
CA ASN A 341 13.73 -13.58 -9.14
C ASN A 341 12.99 -12.26 -9.01
N ILE A 342 11.94 -12.19 -8.18
CA ILE A 342 11.33 -10.90 -7.91
C ILE A 342 12.31 -10.03 -7.13
N LEU A 343 13.20 -10.67 -6.37
CA LEU A 343 14.38 -9.96 -5.89
C LEU A 343 15.28 -9.55 -7.05
N LYS A 344 15.61 -10.50 -7.92
CA LYS A 344 16.47 -10.25 -9.07
C LYS A 344 15.95 -9.15 -9.97
N ASN A 345 14.68 -8.78 -9.85
CA ASN A 345 14.07 -7.73 -10.67
C ASN A 345 13.94 -6.43 -9.87
N THR A 346 14.96 -6.13 -9.06
CA THR A 346 14.85 -5.10 -8.03
C THR A 346 14.54 -3.72 -8.62
N LYS A 347 15.44 -3.19 -9.44
CA LYS A 347 15.34 -1.81 -9.95
C LYS A 347 15.04 -0.81 -8.84
N ILE A 348 15.83 -0.87 -7.77
CA ILE A 348 15.63 0.03 -6.64
C ILE A 348 16.08 1.44 -7.00
N THR A 349 15.44 2.43 -6.38
CA THR A 349 15.88 3.82 -6.44
C THR A 349 15.50 4.49 -5.12
N ALA A 350 16.50 4.90 -4.34
CA ALA A 350 16.25 5.33 -2.98
C ALA A 350 17.01 6.61 -2.67
N VAL A 351 16.33 7.54 -2.01
CA VAL A 351 16.96 8.70 -1.40
C VAL A 351 17.11 8.43 0.09
N VAL A 352 18.34 8.53 0.59
CA VAL A 352 18.65 8.23 1.99
C VAL A 352 19.04 9.55 2.65
N LEU A 353 19.06 9.56 3.98
CA LEU A 353 19.40 10.75 4.74
C LEU A 353 19.90 10.33 6.12
N GLU A 359 27.81 0.89 7.18
CA GLU A 359 28.54 2.15 7.34
C GLU A 359 28.02 3.20 6.38
N ALA A 360 28.59 4.40 6.45
CA ALA A 360 28.19 5.47 5.55
C ALA A 360 28.46 5.10 4.09
N SER A 361 29.28 4.08 3.85
CA SER A 361 29.47 3.58 2.49
C SER A 361 28.48 2.46 2.17
N LYS A 362 28.16 1.63 3.15
CA LYS A 362 27.05 0.70 2.98
C LYS A 362 25.73 1.46 2.86
N VAL A 363 25.71 2.71 3.34
CA VAL A 363 24.68 3.64 2.92
C VAL A 363 24.68 3.81 1.40
N ILE A 364 25.86 3.89 0.79
CA ILE A 364 25.98 4.26 -0.60
C ILE A 364 25.75 3.09 -1.55
N THR A 365 26.04 1.86 -1.12
CA THR A 365 25.84 0.73 -2.02
C THR A 365 24.38 0.27 -2.10
N GLY A 366 23.79 -0.19 -1.00
CA GLY A 366 22.37 -0.51 -0.99
C GLY A 366 22.07 -1.94 -1.38
N ASN A 367 21.69 -2.78 -0.41
CA ASN A 367 21.47 -4.19 -0.66
C ASN A 367 20.77 -4.79 0.55
N ILE A 368 20.69 -6.12 0.56
CA ILE A 368 20.00 -6.83 1.65
C ILE A 368 20.59 -6.45 3.00
N ASP A 369 21.92 -6.43 3.10
CA ASP A 369 22.54 -6.17 4.38
C ASP A 369 22.54 -4.69 4.73
N THR A 370 22.45 -3.83 3.70
CA THR A 370 22.67 -2.40 3.92
C THR A 370 21.58 -1.78 4.79
N LEU A 371 20.32 -1.87 4.34
CA LEU A 371 19.22 -1.32 5.11
C LEU A 371 19.09 -2.04 6.44
N LYS A 372 19.29 -3.36 6.43
CA LYS A 372 19.22 -4.17 7.64
C LYS A 372 20.16 -3.61 8.70
N ASP A 373 21.40 -3.32 8.31
CA ASP A 373 22.38 -2.80 9.25
C ASP A 373 22.06 -1.36 9.64
N LEU A 374 21.70 -0.54 8.66
CA LEU A 374 21.45 0.88 8.88
C LEU A 374 20.27 1.14 9.81
N ILE A 375 19.24 0.31 9.76
CA ILE A 375 18.15 0.35 10.72
C ILE A 375 18.48 -0.52 11.93
N GLN A 376 19.55 -1.32 11.85
CA GLN A 376 19.91 -2.21 12.93
C GLN A 376 21.01 -1.61 13.81
N LYS A 377 22.15 -1.30 13.21
CA LYS A 377 23.28 -0.75 13.96
C LYS A 377 23.40 0.75 13.74
N GLY A 378 22.85 1.25 12.64
CA GLY A 378 22.90 2.68 12.38
C GLY A 378 21.72 3.44 12.93
N SER A 379 20.60 2.73 13.18
CA SER A 379 19.40 3.40 13.68
C SER A 379 19.68 4.20 14.95
N ASN A 380 20.37 3.58 15.91
CA ASN A 380 20.70 4.27 17.15
C ASN A 380 21.59 5.48 16.84
N PHE A 381 21.70 6.39 17.80
CA PHE A 381 22.49 7.60 17.61
C PHE A 381 23.86 7.24 17.07
N SER A 382 24.22 7.86 15.93
CA SER A 382 25.39 7.42 15.18
C SER A 382 26.67 7.62 15.97
N ALA A 383 27.73 6.96 15.52
CA ALA A 383 29.06 7.19 16.07
C ALA A 383 29.51 8.64 15.92
N GLN A 384 28.94 9.38 14.97
CA GLN A 384 29.34 10.75 14.71
C GLN A 384 28.23 11.76 14.99
N SER A 385 27.08 11.63 14.33
CA SER A 385 26.11 12.72 14.32
C SER A 385 24.77 12.22 13.80
N PRO A 386 23.68 12.87 14.17
CA PRO A 386 22.40 12.62 13.51
C PRO A 386 22.29 13.43 12.22
N ALA A 387 21.13 13.37 11.59
CA ALA A 387 21.03 13.89 10.24
C ALA A 387 20.55 15.34 10.13
N VAL A 388 19.31 15.62 10.52
CA VAL A 388 18.69 16.88 10.12
C VAL A 388 17.34 17.04 10.82
N PRO A 389 16.77 18.27 10.93
CA PRO A 389 15.37 18.40 11.33
C PRO A 389 14.42 17.55 10.49
N ILE A 390 13.44 16.93 11.13
CA ILE A 390 12.54 16.01 10.44
C ILE A 390 11.17 16.65 10.22
N SER A 391 10.71 17.43 11.19
CA SER A 391 9.37 18.01 11.11
C SER A 391 9.28 19.22 12.01
N TYR A 392 8.08 19.82 12.03
CA TYR A 392 7.81 20.94 12.91
C TYR A 392 6.31 21.13 13.02
N THR A 393 5.91 22.08 13.87
CA THR A 393 4.51 22.46 14.00
C THR A 393 4.45 23.89 14.49
N THR A 394 3.27 24.50 14.33
CA THR A 394 3.08 25.90 14.67
C THR A 394 1.71 26.07 15.32
N SER A 395 1.39 27.31 15.67
CA SER A 395 0.25 27.57 16.53
C SER A 395 -0.25 29.00 16.40
N PHE A 396 -1.56 29.16 16.26
CA PHE A 396 -2.19 30.45 16.02
C PHE A 396 -1.98 31.36 17.21
N VAL A 397 -1.16 32.40 17.03
CA VAL A 397 -0.80 33.34 18.08
C VAL A 397 -2.05 33.87 18.79
N LYS A 398 -3.17 33.95 18.08
CA LYS A 398 -4.42 34.43 18.67
C LYS A 398 -4.76 33.67 19.95
N ASP A 399 -5.01 32.36 19.82
CA ASP A 399 -5.39 31.54 20.96
C ASP A 399 -4.30 30.54 21.31
N ASN A 400 -3.15 30.61 20.66
CA ASN A 400 -2.10 29.60 20.79
C ASN A 400 -2.68 28.22 20.53
N SER A 401 -3.50 28.15 19.48
CA SER A 401 -4.18 26.92 19.08
C SER A 401 -3.25 26.14 18.15
N ILE A 402 -3.18 24.83 18.36
CA ILE A 402 -2.27 24.00 17.60
C ILE A 402 -2.71 23.91 16.14
N ALA A 403 -1.74 23.82 15.23
CA ALA A 403 -2.03 23.79 13.80
C ALA A 403 -2.04 22.37 13.27
N THR A 404 -2.60 22.19 12.07
CA THR A 404 -2.81 20.86 11.52
C THR A 404 -3.10 20.95 10.03
N ILE A 405 -2.42 20.12 9.23
CA ILE A 405 -2.66 20.02 7.80
C ILE A 405 -3.89 19.18 7.55
N GLN A 406 -4.39 19.19 6.32
CA GLN A 406 -5.47 18.32 5.89
C GLN A 406 -5.29 17.99 4.42
N ASN A 407 -4.61 16.88 4.14
CA ASN A 407 -4.13 16.58 2.80
C ASN A 407 -4.92 15.41 2.23
N ASN A 408 -5.46 15.62 1.02
CA ASN A 408 -6.40 14.66 0.43
C ASN A 408 -6.00 14.40 -1.00
N THR A 409 -6.43 13.24 -1.52
CA THR A 409 -6.30 12.90 -2.93
C THR A 409 -7.22 11.75 -3.26
N ASP A 410 -7.98 11.91 -4.34
CA ASP A 410 -8.91 10.88 -4.80
C ASP A 410 -8.38 10.31 -6.10
N TYR A 411 -8.36 8.98 -6.18
CA TYR A 411 -7.83 8.32 -7.36
C TYR A 411 -8.47 6.94 -7.49
N ILE A 412 -8.67 6.50 -8.74
CA ILE A 412 -9.27 5.20 -8.99
C ILE A 412 -8.19 4.15 -8.77
N GLU A 413 -8.08 3.71 -7.51
CA GLU A 413 -7.09 2.72 -7.14
C GLU A 413 -7.24 1.45 -7.97
N THR A 414 -6.15 1.04 -8.59
CA THR A 414 -6.10 -0.22 -9.29
C THR A 414 -5.35 -1.25 -8.46
N LYS A 415 -6.09 -2.05 -7.70
CA LYS A 415 -5.52 -3.21 -7.02
C LYS A 415 -5.41 -4.30 -8.08
N VAL A 416 -4.23 -4.45 -8.63
CA VAL A 416 -4.03 -5.26 -9.82
C VAL A 416 -3.72 -6.68 -9.39
N THR A 417 -4.20 -7.65 -10.16
CA THR A 417 -4.00 -9.05 -9.81
C THR A 417 -3.69 -9.84 -11.08
N SER A 418 -2.81 -10.82 -10.94
CA SER A 418 -2.38 -11.65 -12.06
C SER A 418 -2.93 -13.05 -11.87
N TYR A 419 -2.92 -13.83 -12.95
CA TYR A 419 -3.30 -15.24 -12.88
C TYR A 419 -2.38 -16.00 -13.82
N LYS A 420 -1.62 -16.92 -13.25
CA LYS A 420 -0.58 -17.63 -13.99
C LYS A 420 -1.19 -18.61 -14.98
N ASP A 421 -0.54 -18.74 -16.14
CA ASP A 421 -0.88 -19.81 -17.07
C ASP A 421 -0.66 -21.15 -16.38
N GLY A 422 -1.74 -21.84 -16.08
CA GLY A 422 -1.62 -23.17 -15.53
C GLY A 422 -1.26 -24.19 -16.58
N ALA A 423 -0.49 -25.20 -16.21
CA ALA A 423 -0.37 -26.38 -17.05
C ALA A 423 -0.90 -27.59 -16.27
N LEU A 424 -1.35 -28.60 -17.00
CA LEU A 424 -1.95 -29.76 -16.39
C LEU A 424 -1.63 -30.98 -17.23
N THR A 425 -0.80 -31.86 -16.71
CA THR A 425 -0.56 -33.16 -17.33
C THR A 425 -1.51 -34.18 -16.71
N LEU A 426 -2.00 -35.07 -17.56
CA LEU A 426 -3.01 -36.05 -17.22
C LEU A 426 -2.40 -37.42 -17.40
N ASN A 427 -2.08 -38.08 -16.29
CA ASN A 427 -1.37 -39.35 -16.30
C ASN A 427 -2.27 -40.43 -15.73
N HIS A 428 -2.43 -41.50 -16.49
CA HIS A 428 -3.20 -42.67 -16.08
C HIS A 428 -2.29 -43.89 -16.17
N ASP A 429 -1.60 -44.19 -15.07
CA ASP A 429 -0.80 -45.39 -14.96
C ASP A 429 -1.53 -46.52 -14.24
N GLY A 430 -2.78 -46.28 -13.81
CA GLY A 430 -3.58 -47.32 -13.20
C GLY A 430 -3.88 -48.45 -14.16
N ALA A 431 -4.09 -49.66 -13.64
CA ALA A 431 -4.36 -50.81 -14.49
C ALA A 431 -5.71 -50.68 -15.17
N PHE A 432 -6.70 -50.13 -14.48
CA PHE A 432 -8.01 -49.93 -15.08
C PHE A 432 -7.97 -48.85 -16.15
N VAL A 433 -9.08 -48.70 -16.86
CA VAL A 433 -9.23 -47.66 -17.87
C VAL A 433 -10.15 -46.58 -17.32
N ALA A 434 -9.57 -45.47 -16.91
CA ALA A 434 -10.33 -44.39 -16.30
C ALA A 434 -10.84 -43.42 -17.36
N ARG A 435 -12.01 -42.87 -17.08
CA ARG A 435 -12.64 -41.86 -17.93
C ARG A 435 -12.69 -40.54 -17.19
N PHE A 436 -12.25 -39.49 -17.85
CA PHE A 436 -12.09 -38.19 -17.22
C PHE A 436 -13.09 -37.20 -17.79
N TYR A 437 -13.72 -36.44 -16.90
CA TYR A 437 -14.35 -35.18 -17.31
C TYR A 437 -13.73 -34.08 -16.46
N VAL A 438 -13.31 -33.01 -17.13
CA VAL A 438 -12.69 -31.88 -16.46
C VAL A 438 -13.51 -30.64 -16.79
N TYR A 439 -14.27 -30.16 -15.83
CA TYR A 439 -15.08 -28.97 -15.95
C TYR A 439 -14.22 -27.76 -15.62
N TRP A 440 -14.42 -26.70 -16.41
CA TRP A 440 -13.63 -25.49 -16.26
C TRP A 440 -14.58 -24.30 -16.16
N GLU A 441 -14.16 -23.28 -15.43
CA GLU A 441 -14.82 -21.98 -15.49
C GLU A 441 -14.10 -21.12 -16.52
N GLU A 442 -14.75 -20.03 -16.92
CA GLU A 442 -14.21 -19.14 -17.94
C GLU A 442 -14.70 -17.73 -17.68
N LEU A 443 -13.76 -16.82 -17.41
CA LEU A 443 -14.08 -15.42 -17.15
C LEU A 443 -13.69 -14.61 -18.39
N GLY A 444 -14.67 -13.97 -19.02
CA GLY A 444 -14.39 -13.16 -20.19
C GLY A 444 -15.38 -12.03 -20.39
N HIS A 445 -15.56 -11.62 -21.64
CA HIS A 445 -16.53 -10.57 -21.98
C HIS A 445 -17.32 -11.00 -23.21
N ASP A 446 -18.24 -10.14 -23.62
CA ASP A 446 -18.99 -10.44 -24.83
C ASP A 446 -19.09 -9.21 -25.73
N ALA A 447 -18.04 -8.99 -26.53
CA ALA A 447 -18.09 -8.16 -27.73
C ALA A 447 -18.55 -6.72 -27.47
N ASP A 448 -18.83 -6.36 -26.22
CA ASP A 448 -19.46 -5.09 -25.89
C ASP A 448 -18.85 -4.47 -24.64
N GLY A 449 -17.70 -4.95 -24.20
CA GLY A 449 -17.15 -4.54 -22.92
C GLY A 449 -17.94 -5.01 -21.73
N TYR A 450 -18.91 -5.89 -21.92
CA TYR A 450 -19.71 -6.40 -20.82
C TYR A 450 -19.16 -7.76 -20.39
N GLU A 451 -19.12 -7.98 -19.07
CA GLU A 451 -18.48 -9.17 -18.53
C GLU A 451 -19.33 -10.41 -18.78
N THR A 452 -18.72 -11.56 -18.55
CA THR A 452 -19.41 -12.84 -18.66
C THR A 452 -18.57 -13.91 -17.99
N ILE A 453 -19.25 -14.96 -17.54
CA ILE A 453 -18.61 -16.11 -16.95
C ILE A 453 -19.34 -17.35 -17.45
N ARG A 454 -18.60 -18.40 -17.74
CA ARG A 454 -19.13 -19.49 -18.54
C ARG A 454 -18.49 -20.81 -18.13
N SER A 455 -19.12 -21.88 -18.57
CA SER A 455 -18.60 -23.23 -18.41
C SER A 455 -17.60 -23.51 -19.53
N ARG A 456 -16.82 -24.57 -19.36
CA ARG A 456 -15.93 -25.07 -20.39
C ARG A 456 -15.78 -26.57 -20.20
N SER A 457 -16.08 -27.32 -21.24
CA SER A 457 -16.25 -28.76 -21.12
C SER A 457 -15.02 -29.49 -21.66
N TRP A 458 -14.64 -30.55 -20.98
CA TRP A 458 -13.59 -31.41 -21.48
C TRP A 458 -14.06 -32.10 -22.76
N SER A 459 -13.55 -31.61 -23.88
CA SER A 459 -13.99 -32.08 -25.19
C SER A 459 -13.70 -33.56 -25.42
N GLY A 460 -12.62 -34.07 -24.87
CA GLY A 460 -12.33 -35.49 -24.90
C GLY A 460 -13.04 -36.32 -23.85
N ASN A 461 -14.20 -35.86 -23.36
CA ASN A 461 -14.89 -36.59 -22.31
C ASN A 461 -15.43 -37.91 -22.84
N GLY A 462 -15.69 -38.84 -21.93
CA GLY A 462 -16.16 -40.15 -22.32
C GLY A 462 -15.16 -40.93 -23.14
N TYR A 463 -13.88 -40.84 -22.80
CA TYR A 463 -12.80 -41.41 -23.59
C TYR A 463 -12.02 -42.40 -22.73
N ASN A 464 -11.44 -43.42 -23.38
CA ASN A 464 -10.67 -44.42 -22.68
C ASN A 464 -9.18 -44.10 -22.77
N ARG A 465 -8.46 -44.40 -21.68
CA ARG A 465 -7.03 -44.09 -21.60
C ARG A 465 -6.24 -45.35 -21.28
N GLY A 466 -5.07 -45.46 -21.91
CA GLY A 466 -4.26 -46.66 -21.83
C GLY A 466 -3.78 -47.01 -20.44
N ALA A 467 -3.23 -48.22 -20.29
CA ALA A 467 -2.75 -48.66 -18.99
C ALA A 467 -1.78 -47.65 -18.37
N HIS A 468 -0.82 -47.18 -19.16
CA HIS A 468 -0.06 -45.98 -18.85
C HIS A 468 -0.58 -44.88 -19.78
N TYR A 469 -0.47 -43.63 -19.34
CA TYR A 469 -0.98 -42.52 -20.12
C TYR A 469 -0.43 -41.22 -19.54
N SER A 470 -0.17 -40.25 -20.41
CA SER A 470 0.23 -38.92 -19.98
C SER A 470 0.04 -37.94 -21.13
N THR A 471 -0.81 -36.94 -20.92
CA THR A 471 -1.03 -35.92 -21.92
C THR A 471 -0.79 -34.55 -21.29
N THR A 472 -0.63 -33.55 -22.15
CA THR A 472 -0.39 -32.19 -21.72
C THR A 472 -1.65 -31.36 -22.00
N LEU A 473 -1.93 -30.40 -21.12
CA LEU A 473 -3.09 -29.54 -21.25
C LEU A 473 -2.73 -28.14 -20.78
N ARG A 474 -2.90 -27.15 -21.64
CA ARG A 474 -2.67 -25.79 -21.20
C ARG A 474 -3.81 -25.36 -20.30
N PHE A 475 -3.67 -25.65 -19.02
CA PHE A 475 -4.63 -25.27 -17.99
C PHE A 475 -4.50 -23.76 -17.78
N LYS A 476 -4.87 -23.04 -18.84
CA LYS A 476 -4.43 -21.66 -19.08
C LYS A 476 -4.79 -20.70 -17.96
N GLY A 477 -4.07 -19.59 -17.87
CA GLY A 477 -4.42 -18.54 -16.93
C GLY A 477 -5.83 -18.02 -17.12
N ASN A 478 -6.47 -18.35 -18.25
CA ASN A 478 -7.86 -18.01 -18.44
C ASN A 478 -8.81 -18.97 -17.72
N VAL A 479 -8.31 -20.05 -17.17
CA VAL A 479 -9.14 -21.07 -16.54
C VAL A 479 -9.27 -20.77 -15.04
N ARG A 480 -10.40 -21.15 -14.46
CA ARG A 480 -10.72 -20.88 -13.06
C ARG A 480 -11.67 -21.96 -12.55
N ASN A 481 -11.74 -22.08 -11.21
CA ASN A 481 -12.73 -22.91 -10.52
C ASN A 481 -12.91 -24.27 -11.18
N ILE A 482 -11.83 -25.06 -11.24
CA ILE A 482 -11.87 -26.32 -11.94
C ILE A 482 -12.67 -27.35 -11.14
N ARG A 483 -13.14 -28.38 -11.81
CA ARG A 483 -13.68 -29.56 -11.15
C ARG A 483 -13.32 -30.77 -11.99
N VAL A 484 -13.10 -31.91 -11.33
CA VAL A 484 -12.68 -33.11 -12.01
C VAL A 484 -13.54 -34.27 -11.54
N LYS A 485 -13.96 -35.12 -12.48
CA LYS A 485 -14.44 -36.45 -12.16
C LYS A 485 -13.62 -37.47 -12.92
N VAL A 486 -12.99 -38.36 -12.17
CA VAL A 486 -12.26 -39.50 -12.72
C VAL A 486 -13.11 -40.73 -12.46
N LEU A 487 -13.08 -41.66 -13.41
CA LEU A 487 -13.96 -42.82 -13.38
C LEU A 487 -13.15 -44.08 -13.62
N GLY A 488 -12.85 -44.81 -12.55
CA GLY A 488 -12.24 -46.12 -12.71
C GLY A 488 -13.26 -47.12 -13.22
N ALA A 489 -13.10 -47.52 -14.47
CA ALA A 489 -13.99 -48.51 -15.06
C ALA A 489 -13.79 -49.87 -14.40
N THR A 490 -14.89 -50.55 -14.11
CA THR A 490 -14.85 -51.84 -13.45
C THR A 490 -15.58 -52.86 -14.31
N GLY A 491 -15.02 -54.07 -14.38
CA GLY A 491 -15.64 -55.15 -15.13
C GLY A 491 -16.87 -55.73 -14.48
N LEU A 492 -17.20 -55.29 -13.27
CA LEU A 492 -18.37 -55.79 -12.56
C LEU A 492 -19.66 -55.20 -13.15
N ALA A 493 -20.79 -55.83 -12.80
CA ALA A 493 -22.06 -55.49 -13.42
C ALA A 493 -22.82 -54.38 -12.70
N TRP A 494 -22.76 -54.34 -11.36
CA TRP A 494 -23.51 -53.34 -10.61
C TRP A 494 -22.89 -51.97 -10.81
N GLU A 495 -23.41 -51.21 -11.78
CA GLU A 495 -22.87 -49.91 -12.14
C GLU A 495 -21.38 -50.00 -12.42
N PRO A 496 -20.96 -50.58 -13.55
CA PRO A 496 -19.54 -50.67 -13.88
C PRO A 496 -18.81 -49.33 -13.88
N TRP A 497 -19.54 -48.22 -13.84
CA TRP A 497 -18.99 -46.90 -13.60
C TRP A 497 -18.77 -46.72 -12.11
N ARG A 498 -17.51 -46.87 -11.69
CA ARG A 498 -17.14 -46.66 -10.30
C ARG A 498 -16.38 -45.36 -10.15
N LEU A 499 -16.93 -44.46 -9.34
CA LEU A 499 -16.29 -43.17 -9.11
C LEU A 499 -15.10 -43.33 -8.16
N ILE A 500 -13.93 -42.95 -8.66
CA ILE A 500 -12.72 -42.88 -7.83
C ILE A 500 -12.62 -41.51 -7.16
N TYR A 501 -12.83 -40.45 -7.94
CA TYR A 501 -12.43 -39.12 -7.48
C TYR A 501 -13.23 -38.05 -8.21
N SER A 502 -14.20 -37.46 -7.52
CA SER A 502 -14.80 -36.21 -7.95
C SER A 502 -14.39 -35.14 -6.95
N LYS A 503 -13.87 -34.03 -7.45
CA LYS A 503 -13.49 -32.95 -6.57
C LYS A 503 -13.59 -31.64 -7.34
N ASN A 504 -14.25 -30.67 -6.73
CA ASN A 504 -14.51 -29.39 -7.36
C ASN A 504 -13.82 -28.27 -6.58
N ASP A 505 -13.79 -27.09 -7.18
CA ASP A 505 -13.30 -25.89 -6.53
C ASP A 505 -11.85 -26.08 -6.08
N LEU A 506 -10.94 -26.19 -7.05
CA LEU A 506 -9.51 -26.33 -6.81
C LEU A 506 -8.77 -25.06 -7.23
N PRO A 507 -7.56 -24.83 -6.72
CA PRO A 507 -6.83 -23.62 -7.10
C PRO A 507 -6.03 -23.80 -8.39
N LEU A 508 -5.40 -22.71 -8.83
CA LEU A 508 -4.67 -22.67 -10.11
C LEU A 508 -3.25 -23.21 -9.87
N VAL A 509 -2.87 -24.22 -10.63
CA VAL A 509 -1.56 -24.86 -10.50
C VAL A 509 -0.73 -24.61 -11.75
N PRO A 510 0.48 -24.05 -11.61
CA PRO A 510 1.33 -23.84 -12.80
C PRO A 510 1.63 -25.13 -13.54
N GLN A 511 1.84 -26.22 -12.80
CA GLN A 511 1.96 -27.54 -13.40
C GLN A 511 1.38 -28.57 -12.45
N ARG A 512 0.14 -28.96 -12.74
CA ARG A 512 -0.54 -30.00 -11.97
C ARG A 512 -0.37 -31.31 -12.71
N ASN A 513 -0.31 -32.40 -11.96
CA ASN A 513 -0.23 -33.75 -12.52
C ASN A 513 -1.33 -34.57 -11.89
N ILE A 514 -2.35 -34.89 -12.67
CA ILE A 514 -3.44 -35.74 -12.20
C ILE A 514 -3.12 -37.15 -12.64
N SER A 515 -2.48 -37.91 -11.75
CA SER A 515 -2.03 -39.26 -12.06
C SER A 515 -2.82 -40.25 -11.23
N THR A 516 -3.54 -41.11 -11.94
CA THR A 516 -4.33 -42.17 -11.31
C THR A 516 -3.41 -43.34 -11.03
N TRP A 517 -3.94 -44.33 -10.32
CA TRP A 517 -3.14 -45.44 -9.84
C TRP A 517 -4.08 -46.52 -9.31
N GLY A 518 -3.49 -47.57 -8.75
CA GLY A 518 -4.25 -48.65 -8.14
C GLY A 518 -4.90 -49.53 -9.19
N THR A 519 -5.80 -50.38 -8.71
CA THR A 519 -6.48 -51.36 -9.54
C THR A 519 -7.97 -51.02 -9.64
N THR A 520 -8.64 -51.68 -10.59
CA THR A 520 -10.07 -51.45 -10.77
C THR A 520 -10.86 -51.88 -9.55
N LEU A 521 -10.28 -52.74 -8.70
CA LEU A 521 -10.92 -53.08 -7.45
C LEU A 521 -10.73 -51.98 -6.40
N HIS A 522 -9.57 -51.33 -6.40
CA HIS A 522 -9.29 -50.20 -5.52
C HIS A 522 -8.56 -49.15 -6.33
N PRO A 523 -9.28 -48.17 -6.88
CA PRO A 523 -8.64 -47.13 -7.68
C PRO A 523 -7.97 -46.09 -6.80
N GLN A 524 -6.65 -46.04 -6.86
CA GLN A 524 -5.85 -45.09 -6.10
C GLN A 524 -5.58 -43.88 -6.99
N PHE A 525 -5.02 -42.83 -6.39
CA PHE A 525 -4.81 -41.60 -7.14
C PHE A 525 -3.60 -40.87 -6.59
N GLU A 526 -3.03 -40.00 -7.43
CA GLU A 526 -1.98 -39.08 -7.03
C GLU A 526 -2.24 -37.74 -7.69
N ASP A 527 -2.16 -36.67 -6.91
CA ASP A 527 -2.28 -35.31 -7.43
C ASP A 527 -0.96 -34.61 -7.18
N LYS A 528 -0.01 -34.79 -8.10
CA LYS A 528 1.35 -34.30 -7.94
C LYS A 528 1.44 -32.88 -8.48
N VAL A 529 2.45 -32.14 -8.04
CA VAL A 529 2.82 -30.87 -8.64
C VAL A 529 4.30 -30.99 -9.02
N VAL A 530 4.57 -31.23 -10.30
CA VAL A 530 5.94 -31.51 -10.73
C VAL A 530 6.78 -30.25 -10.66
N LYS A 531 6.26 -29.14 -11.19
CA LYS A 531 6.94 -27.84 -11.23
C LYS A 531 8.21 -27.87 -12.09
N LEU B 2 -30.73 -3.27 -16.17
CA LEU B 2 -31.07 -3.72 -17.52
C LEU B 2 -32.10 -4.83 -17.48
N GLN B 3 -32.46 -5.35 -18.64
CA GLN B 3 -33.46 -6.41 -18.78
C GLN B 3 -32.74 -7.74 -18.90
N CYS B 4 -32.92 -8.59 -17.90
CA CYS B 4 -32.46 -9.96 -17.96
C CYS B 4 -33.60 -10.86 -18.39
N TYR B 5 -33.27 -12.03 -18.90
CA TYR B 5 -34.31 -13.02 -19.09
C TYR B 5 -34.52 -13.74 -17.76
N ASN B 6 -35.76 -13.72 -17.27
CA ASN B 6 -36.07 -14.32 -15.98
C ASN B 6 -37.14 -15.39 -16.22
N CYS B 7 -36.68 -16.60 -16.55
CA CYS B 7 -37.58 -17.72 -16.68
C CYS B 7 -38.08 -18.11 -15.29
N PRO B 8 -39.34 -18.53 -15.15
CA PRO B 8 -39.84 -18.86 -13.81
C PRO B 8 -39.38 -20.23 -13.32
N ASN B 9 -39.29 -21.19 -14.23
CA ASN B 9 -38.92 -22.55 -13.87
C ASN B 9 -38.27 -23.21 -15.08
N PRO B 10 -37.24 -24.03 -14.87
CA PRO B 10 -36.46 -24.53 -16.00
C PRO B 10 -37.32 -25.25 -17.02
N THR B 11 -37.29 -24.77 -18.25
CA THR B 11 -38.11 -25.29 -19.32
C THR B 11 -37.55 -24.82 -20.65
N ALA B 12 -37.93 -25.52 -21.74
CA ALA B 12 -37.51 -25.12 -23.07
C ALA B 12 -38.06 -23.76 -23.45
N ASP B 13 -39.09 -23.28 -22.73
CA ASP B 13 -39.68 -21.99 -23.02
C ASP B 13 -38.69 -20.87 -22.68
N CYS B 14 -38.51 -19.94 -23.62
CA CYS B 14 -37.73 -18.74 -23.40
C CYS B 14 -38.44 -17.54 -24.01
N LYS B 15 -39.38 -16.95 -23.25
CA LYS B 15 -40.09 -15.76 -23.72
C LYS B 15 -40.12 -14.64 -22.68
N THR B 16 -40.16 -15.00 -21.40
CA THR B 16 -40.32 -14.01 -20.33
C THR B 16 -39.01 -13.27 -20.06
N ALA B 17 -38.89 -12.07 -20.62
CA ALA B 17 -37.75 -11.19 -20.41
C ALA B 17 -38.19 -9.96 -19.65
N VAL B 18 -37.55 -9.69 -18.51
CA VAL B 18 -37.99 -8.64 -17.61
C VAL B 18 -36.82 -7.74 -17.22
N ASN B 19 -37.12 -6.46 -17.02
CA ASN B 19 -36.15 -5.51 -16.49
C ASN B 19 -35.98 -5.80 -15.00
N CYS B 20 -34.82 -6.30 -14.62
CA CYS B 20 -34.60 -6.86 -13.29
C CYS B 20 -33.71 -5.93 -12.47
N SER B 21 -33.72 -6.14 -11.16
CA SER B 21 -32.89 -5.42 -10.19
C SER B 21 -31.49 -5.99 -10.15
N SER B 22 -30.74 -5.68 -9.08
CA SER B 22 -29.40 -6.24 -8.89
C SER B 22 -29.37 -7.75 -9.09
N ASP B 23 -30.51 -8.41 -8.98
CA ASP B 23 -30.60 -9.79 -9.41
C ASP B 23 -30.38 -9.93 -10.91
N PHE B 24 -30.37 -8.85 -11.67
CA PHE B 24 -29.69 -8.83 -12.96
C PHE B 24 -28.29 -8.27 -12.73
N ASP B 25 -27.60 -8.84 -11.76
CA ASP B 25 -26.14 -8.79 -11.78
C ASP B 25 -25.61 -9.62 -12.93
N ALA B 26 -26.46 -10.50 -13.46
CA ALA B 26 -26.10 -11.45 -14.49
C ALA B 26 -27.37 -12.04 -15.09
N CYS B 27 -27.30 -12.37 -16.37
CA CYS B 27 -28.30 -13.21 -17.03
C CYS B 27 -27.77 -14.62 -17.07
N LEU B 28 -28.63 -15.57 -16.68
CA LEU B 28 -28.24 -16.94 -16.40
C LEU B 28 -29.00 -17.86 -17.33
N ILE B 29 -28.33 -18.83 -17.96
CA ILE B 29 -29.05 -19.87 -18.67
C ILE B 29 -28.32 -21.20 -18.47
N THR B 30 -29.08 -22.20 -18.04
CA THR B 30 -28.56 -23.49 -17.63
C THR B 30 -29.25 -24.56 -18.46
N LYS B 31 -28.45 -25.37 -19.15
CA LYS B 31 -28.92 -26.60 -19.78
C LYS B 31 -28.41 -27.76 -18.92
N ALA B 32 -29.32 -28.38 -18.19
CA ALA B 32 -29.04 -29.56 -17.39
C ALA B 32 -29.81 -30.70 -18.03
N GLY B 33 -29.08 -31.69 -18.54
CA GLY B 33 -29.74 -32.71 -19.35
C GLY B 33 -30.39 -32.04 -20.55
N LEU B 34 -31.72 -31.92 -20.49
CA LEU B 34 -32.42 -31.20 -21.53
C LEU B 34 -33.06 -29.93 -20.99
N GLN B 35 -33.33 -29.87 -19.69
CA GLN B 35 -34.06 -28.75 -19.13
C GLN B 35 -33.21 -27.50 -19.10
N VAL B 36 -33.79 -26.39 -19.55
CA VAL B 36 -33.08 -25.13 -19.71
C VAL B 36 -33.77 -24.08 -18.85
N TYR B 37 -32.97 -23.20 -18.25
CA TYR B 37 -33.47 -22.20 -17.32
C TYR B 37 -32.72 -20.89 -17.52
N ASN B 38 -33.44 -19.82 -17.82
CA ASN B 38 -32.83 -18.51 -18.01
C ASN B 38 -33.40 -17.54 -16.99
N LYS B 39 -32.58 -17.19 -15.99
CA LYS B 39 -33.03 -16.44 -14.84
C LYS B 39 -32.17 -15.20 -14.63
N CYS B 40 -32.74 -14.22 -13.92
CA CYS B 40 -31.93 -13.16 -13.34
C CYS B 40 -31.03 -13.77 -12.28
N TRP B 41 -29.85 -13.20 -12.10
CA TRP B 41 -28.85 -13.87 -11.27
C TRP B 41 -27.85 -12.86 -10.77
N LYS B 42 -27.04 -13.31 -9.82
CA LYS B 42 -25.98 -12.48 -9.25
C LYS B 42 -24.64 -12.96 -9.81
N PHE B 43 -23.92 -12.06 -10.48
CA PHE B 43 -22.71 -12.47 -11.20
C PHE B 43 -21.60 -12.90 -10.24
N GLU B 44 -21.32 -12.09 -9.22
CA GLU B 44 -20.34 -12.53 -8.23
C GLU B 44 -20.77 -13.85 -7.61
N HIS B 45 -22.08 -14.02 -7.44
CA HIS B 45 -22.67 -15.29 -7.07
C HIS B 45 -22.89 -16.20 -8.27
N CYS B 46 -22.23 -15.93 -9.40
CA CYS B 46 -22.36 -16.81 -10.55
C CYS B 46 -21.08 -17.61 -10.74
N ASN B 47 -21.24 -18.92 -10.87
CA ASN B 47 -20.14 -19.86 -10.90
C ASN B 47 -20.72 -21.24 -11.16
N PHE B 48 -19.86 -22.21 -11.49
CA PHE B 48 -20.32 -23.60 -11.51
C PHE B 48 -20.99 -23.96 -10.20
N ASN B 49 -20.27 -23.78 -9.09
CA ASN B 49 -20.77 -24.21 -7.79
C ASN B 49 -22.07 -23.51 -7.43
N ASP B 50 -22.12 -22.18 -7.53
CA ASP B 50 -23.29 -21.42 -7.10
C ASP B 50 -24.53 -21.85 -7.86
N VAL B 51 -24.43 -21.95 -9.19
CA VAL B 51 -25.59 -22.27 -9.99
C VAL B 51 -26.00 -23.73 -9.80
N THR B 52 -25.02 -24.61 -9.62
CA THR B 52 -25.35 -26.01 -9.35
C THR B 52 -26.06 -26.17 -8.01
N THR B 53 -25.74 -25.31 -7.03
CA THR B 53 -26.47 -25.35 -5.78
C THR B 53 -27.88 -24.81 -5.94
N ARG B 54 -28.01 -23.56 -6.38
CA ARG B 54 -29.33 -22.98 -6.54
C ARG B 54 -30.19 -23.70 -7.57
N LEU B 55 -29.62 -24.65 -8.31
CA LEU B 55 -30.37 -25.53 -9.19
C LEU B 55 -30.43 -26.95 -8.66
N ARG B 56 -29.70 -27.26 -7.59
CA ARG B 56 -29.89 -28.47 -6.80
C ARG B 56 -29.30 -29.71 -7.46
N GLU B 57 -28.83 -29.60 -8.70
CA GLU B 57 -28.30 -30.78 -9.37
C GLU B 57 -26.78 -30.68 -9.53
N ASN B 58 -26.14 -31.84 -9.64
CA ASN B 58 -24.68 -31.92 -9.67
C ASN B 58 -24.12 -31.54 -11.03
N GLU B 59 -24.47 -32.30 -12.07
CA GLU B 59 -23.96 -32.06 -13.42
C GLU B 59 -24.75 -30.95 -14.08
N LEU B 60 -24.08 -30.15 -14.92
CA LEU B 60 -24.73 -28.98 -15.47
C LEU B 60 -23.88 -28.42 -16.61
N THR B 61 -24.56 -27.81 -17.58
CA THR B 61 -23.92 -26.96 -18.58
C THR B 61 -24.54 -25.58 -18.48
N TYR B 62 -23.73 -24.54 -18.61
CA TYR B 62 -24.19 -23.22 -18.20
C TYR B 62 -23.55 -22.13 -19.04
N TYR B 63 -24.24 -20.99 -19.11
CA TYR B 63 -23.63 -19.74 -19.55
C TYR B 63 -24.24 -18.57 -18.80
N CYS B 64 -23.39 -17.63 -18.43
CA CYS B 64 -23.80 -16.36 -17.86
C CYS B 64 -23.36 -15.23 -18.77
N CYS B 65 -24.25 -14.28 -19.01
CA CYS B 65 -23.90 -13.01 -19.60
C CYS B 65 -24.12 -11.92 -18.56
N LYS B 66 -23.62 -10.72 -18.85
CA LYS B 66 -23.99 -9.57 -18.05
C LYS B 66 -24.86 -8.58 -18.80
N LYS B 67 -24.64 -8.42 -20.10
CA LYS B 67 -25.40 -7.46 -20.89
C LYS B 67 -26.85 -7.91 -21.02
N ASP B 68 -27.72 -6.94 -21.29
CA ASP B 68 -29.16 -7.12 -21.38
C ASP B 68 -29.55 -8.30 -22.29
N LEU B 69 -30.10 -9.35 -21.71
CA LEU B 69 -30.77 -10.44 -22.42
C LEU B 69 -29.84 -11.26 -23.30
N CYS B 70 -28.56 -10.91 -23.38
CA CYS B 70 -27.69 -11.58 -24.34
C CYS B 70 -27.48 -13.04 -24.00
N ASN B 71 -27.47 -13.39 -22.72
CA ASN B 71 -27.45 -14.80 -22.34
C ASN B 71 -28.68 -15.46 -22.94
N PHE B 72 -28.46 -16.45 -23.79
CA PHE B 72 -29.51 -16.98 -24.63
C PHE B 72 -29.47 -18.50 -24.60
N ASN B 73 -30.49 -19.13 -25.17
CA ASN B 73 -30.51 -20.59 -25.25
C ASN B 73 -29.52 -21.11 -26.26
N GLU B 74 -29.70 -20.75 -27.54
CA GLU B 74 -28.73 -21.12 -28.55
C GLU B 74 -27.33 -20.64 -28.22
N GLN B 75 -27.22 -19.60 -27.41
CA GLN B 75 -25.97 -19.26 -26.76
C GLN B 75 -25.29 -20.47 -26.14
N LEU B 76 -26.08 -21.42 -25.63
CA LEU B 76 -25.55 -22.73 -25.30
C LEU B 76 -25.61 -23.63 -26.53
N GLU B 77 -24.55 -24.40 -26.74
CA GLU B 77 -24.45 -25.34 -27.84
C GLU B 77 -24.21 -26.73 -27.27
N ASN B 78 -24.86 -27.73 -27.86
CA ASN B 78 -24.65 -29.11 -27.45
C ASN B 78 -23.55 -29.75 -28.30
N ASN C 59 -2.74 39.07 47.10
CA ASN C 59 -2.50 39.08 45.66
C ASN C 59 -2.89 37.75 45.03
N SER C 60 -2.05 36.73 45.24
CA SER C 60 -2.41 35.39 44.78
C SER C 60 -3.58 34.84 45.58
N GLU C 61 -3.89 35.45 46.74
CA GLU C 61 -5.03 35.01 47.52
C GLU C 61 -6.34 35.53 46.95
N ALA C 62 -6.41 36.83 46.64
CA ALA C 62 -7.56 37.36 45.91
C ALA C 62 -7.67 36.69 44.54
N ALA C 63 -6.53 36.44 43.90
CA ALA C 63 -6.53 35.69 42.65
C ALA C 63 -7.16 34.31 42.84
N LYS C 64 -6.80 33.63 43.93
CA LYS C 64 -7.31 32.29 44.18
C LYS C 64 -8.81 32.32 44.46
N LYS C 65 -9.26 33.30 45.24
CA LYS C 65 -10.68 33.37 45.55
C LYS C 65 -11.51 33.70 44.32
N ALA C 66 -11.04 34.62 43.49
CA ALA C 66 -11.75 34.90 42.23
C ALA C 66 -11.72 33.69 41.33
N LEU C 67 -10.59 32.99 41.30
CA LEU C 67 -10.43 31.84 40.40
C LEU C 67 -11.27 30.66 40.83
N ASN C 68 -11.39 30.42 42.13
CA ASN C 68 -12.23 29.32 42.60
C ASN C 68 -13.68 29.54 42.20
N ASP C 69 -14.21 30.72 42.48
CA ASP C 69 -15.56 31.08 42.01
C ASP C 69 -15.68 30.89 40.50
N TYR C 70 -14.69 31.39 39.76
CA TYR C 70 -14.73 31.30 38.30
C TYR C 70 -14.85 29.86 37.84
N ILE C 71 -13.89 29.02 38.23
CA ILE C 71 -13.86 27.65 37.72
C ILE C 71 -15.06 26.86 38.24
N TRP C 72 -15.53 27.19 39.45
CA TRP C 72 -16.73 26.53 39.96
C TRP C 72 -17.95 26.89 39.14
N GLY C 73 -17.99 28.11 38.60
CA GLY C 73 -19.06 28.45 37.66
C GLY C 73 -18.80 27.90 36.27
N LEU C 74 -17.57 27.51 35.98
CA LEU C 74 -17.24 27.03 34.64
C LEU C 74 -17.65 25.57 34.47
N GLN C 75 -18.34 25.00 35.45
CA GLN C 75 -18.68 23.58 35.46
C GLN C 75 -19.58 23.14 34.30
N TYR C 76 -19.29 21.96 33.76
CA TYR C 76 -20.22 21.20 32.94
C TYR C 76 -19.88 19.73 33.12
N ASP C 77 -20.79 18.86 32.65
CA ASP C 77 -20.60 17.41 32.71
C ASP C 77 -19.26 17.07 32.06
N LYS C 78 -18.31 16.60 32.87
CA LYS C 78 -17.02 16.20 32.33
C LYS C 78 -17.16 14.99 31.41
N LEU C 79 -17.95 14.00 31.84
CA LEU C 79 -18.06 12.73 31.14
C LEU C 79 -18.93 12.82 29.90
N ASN C 80 -19.50 13.97 29.65
CA ASN C 80 -20.30 14.18 28.45
C ASN C 80 -19.74 15.29 27.57
N ILE C 81 -19.07 16.28 28.17
CA ILE C 81 -18.16 17.09 27.36
C ILE C 81 -17.05 16.19 26.84
N LEU C 82 -16.61 15.25 27.65
CA LEU C 82 -15.75 14.13 27.20
C LEU C 82 -16.56 12.85 27.03
N THR C 83 -17.39 12.81 25.99
CA THR C 83 -17.97 11.55 25.52
C THR C 83 -17.87 11.53 24.00
N HIS C 84 -17.25 10.49 23.46
CA HIS C 84 -17.06 10.35 22.03
C HIS C 84 -17.90 9.18 21.54
N GLN C 85 -19.12 9.46 21.13
CA GLN C 85 -20.02 8.44 20.61
C GLN C 85 -19.74 8.29 19.12
N GLY C 86 -19.26 7.12 18.71
CA GLY C 86 -18.74 6.97 17.37
C GLY C 86 -19.75 6.51 16.34
N GLU C 87 -19.49 5.36 15.73
CA GLU C 87 -20.30 4.90 14.61
C GLU C 87 -21.71 4.54 15.08
N LYS C 88 -22.70 5.08 14.38
CA LYS C 88 -24.11 4.79 14.61
C LYS C 88 -24.54 3.73 13.61
N LEU C 89 -24.83 2.53 14.11
CA LEU C 89 -25.16 1.40 13.25
C LEU C 89 -26.57 0.94 13.51
N LYS C 90 -27.27 0.57 12.44
CA LYS C 90 -28.51 -0.19 12.61
C LYS C 90 -28.19 -1.64 12.97
N ASN C 91 -29.02 -2.23 13.80
CA ASN C 91 -28.83 -3.63 14.13
C ASN C 91 -29.32 -4.50 12.98
N HIS C 92 -28.39 -5.07 12.23
CA HIS C 92 -28.77 -6.07 11.26
C HIS C 92 -27.78 -7.21 11.28
N SER C 93 -28.33 -8.43 11.25
CA SER C 93 -27.51 -9.62 11.10
C SER C 93 -27.69 -10.12 9.68
N SER C 94 -26.75 -9.79 8.81
CA SER C 94 -26.78 -10.30 7.46
C SER C 94 -25.86 -11.50 7.38
N ARG C 95 -26.45 -12.69 7.35
CA ARG C 95 -25.70 -13.92 7.12
C ARG C 95 -25.49 -14.09 5.62
N GLU C 96 -24.32 -14.56 5.25
CA GLU C 96 -24.04 -14.90 3.87
C GLU C 96 -22.78 -15.74 3.82
N ALA C 97 -22.82 -16.76 2.97
CA ALA C 97 -21.71 -17.70 2.82
C ALA C 97 -20.99 -17.41 1.51
N PHE C 98 -19.76 -17.86 1.42
CA PHE C 98 -18.96 -17.79 0.21
C PHE C 98 -18.11 -19.04 0.13
N HIS C 99 -17.67 -19.36 -1.09
CA HIS C 99 -16.89 -20.57 -1.31
C HIS C 99 -15.53 -20.21 -1.89
N ARG C 100 -14.50 -20.31 -1.05
CA ARG C 100 -13.13 -20.32 -1.51
C ARG C 100 -12.88 -21.66 -2.19
N PRO C 101 -11.82 -21.78 -2.99
CA PRO C 101 -11.61 -23.02 -3.74
C PRO C 101 -11.32 -24.21 -2.84
N GLY C 102 -12.37 -24.77 -2.26
CA GLY C 102 -12.27 -25.85 -1.31
C GLY C 102 -12.59 -25.48 0.11
N GLU C 103 -13.06 -24.25 0.36
CA GLU C 103 -13.36 -23.77 1.70
C GLU C 103 -14.73 -23.12 1.71
N TYR C 104 -15.47 -23.35 2.79
CA TYR C 104 -16.84 -22.85 2.93
C TYR C 104 -16.88 -21.85 4.07
N VAL C 105 -16.82 -20.55 3.75
CA VAL C 105 -16.82 -19.51 4.75
C VAL C 105 -18.25 -19.01 4.94
N VAL C 106 -18.61 -18.68 6.17
CA VAL C 106 -19.91 -18.11 6.48
C VAL C 106 -19.70 -16.89 7.36
N CYS C 107 -20.01 -15.71 6.83
CA CYS C 107 -19.92 -14.47 7.60
C CYS C 107 -21.32 -13.94 7.80
N GLU C 108 -21.70 -13.78 9.06
CA GLU C 108 -22.91 -13.05 9.40
C GLU C 108 -22.47 -11.72 10.00
N LYS C 109 -22.43 -10.70 9.17
CA LYS C 109 -22.17 -9.36 9.64
C LYS C 109 -23.24 -9.02 10.66
N LYS C 110 -22.83 -8.42 11.77
CA LYS C 110 -23.77 -8.07 12.81
C LYS C 110 -23.31 -6.78 13.48
N LYS C 111 -24.29 -5.94 13.81
CA LYS C 111 -23.98 -4.75 14.59
C LYS C 111 -23.44 -5.17 15.95
N GLN C 112 -22.28 -4.63 16.31
CA GLN C 112 -21.67 -4.87 17.60
C GLN C 112 -21.30 -3.53 18.19
N SER C 113 -21.99 -3.14 19.27
CA SER C 113 -21.84 -1.82 19.86
C SER C 113 -20.71 -1.87 20.87
N ILE C 114 -19.65 -1.11 20.61
CA ILE C 114 -18.50 -1.02 21.51
C ILE C 114 -18.58 0.33 22.23
N SER C 115 -19.23 0.34 23.39
CA SER C 115 -19.33 1.53 24.21
C SER C 115 -18.28 1.48 25.29
N ASN C 116 -17.45 2.52 25.35
CA ASN C 116 -16.33 2.52 26.28
C ASN C 116 -16.08 3.93 26.79
N ALA C 117 -15.44 3.99 27.95
CA ALA C 117 -15.00 5.23 28.57
C ALA C 117 -13.78 4.91 29.40
N THR C 118 -12.85 5.87 29.52
CA THR C 118 -11.67 5.64 30.34
C THR C 118 -10.95 6.96 30.60
N SER C 119 -10.04 6.91 31.56
CA SER C 119 -9.14 8.01 31.86
C SER C 119 -7.69 7.65 31.60
N LYS C 120 -7.45 6.48 30.99
CA LYS C 120 -6.10 6.07 30.59
C LYS C 120 -5.84 6.64 29.20
N LEU C 121 -5.55 7.94 29.18
CA LEU C 121 -5.35 8.67 27.94
C LEU C 121 -3.93 8.46 27.44
N SER C 122 -3.79 7.68 26.37
CA SER C 122 -2.47 7.35 25.86
C SER C 122 -1.88 8.54 25.09
N VAL C 123 -0.56 8.50 24.91
CA VAL C 123 0.20 9.58 24.28
C VAL C 123 1.20 8.96 23.32
N SER C 124 1.49 9.66 22.22
CA SER C 124 2.37 9.15 21.18
C SER C 124 3.46 10.17 20.89
N SER C 125 4.20 9.93 19.81
CA SER C 125 5.28 10.83 19.44
C SER C 125 4.77 12.23 19.08
N ALA C 126 3.70 12.29 18.28
CA ALA C 126 3.19 13.55 17.76
C ALA C 126 2.62 14.46 18.84
N ASN C 127 2.64 14.03 20.10
CA ASN C 127 2.28 14.90 21.20
C ASN C 127 3.20 14.75 22.41
N ASP C 128 4.48 14.42 22.21
CA ASP C 128 5.44 14.47 23.30
C ASP C 128 5.76 15.91 23.70
N ASP C 129 5.43 16.86 22.83
CA ASP C 129 5.76 18.26 23.06
C ASP C 129 4.98 18.87 24.22
N ARG C 130 3.93 18.21 24.68
CA ARG C 130 3.03 18.77 25.67
C ARG C 130 2.76 17.81 26.83
N ILE C 131 3.44 16.66 26.87
CA ILE C 131 3.08 15.59 27.80
C ILE C 131 3.93 15.67 29.06
N PHE C 132 3.27 16.06 30.15
CA PHE C 132 3.71 16.04 31.55
C PHE C 132 2.58 16.54 32.45
N PRO C 133 2.53 16.07 33.70
CA PRO C 133 1.52 16.58 34.62
C PRO C 133 1.91 17.93 35.18
N GLY C 134 0.95 18.85 35.20
CA GLY C 134 1.16 20.19 35.73
C GLY C 134 0.61 21.29 34.87
N ALA C 135 0.46 21.08 33.57
CA ALA C 135 0.00 22.14 32.70
C ALA C 135 -1.47 22.44 32.93
N LEU C 136 -1.96 23.49 32.27
CA LEU C 136 -3.36 23.87 32.31
C LEU C 136 -3.95 23.83 30.91
N LEU C 137 -4.89 22.91 30.68
CA LEU C 137 -5.43 22.70 29.34
C LEU C 137 -6.85 23.24 29.29
N LYS C 138 -7.47 23.10 28.12
CA LYS C 138 -8.80 23.66 27.89
C LYS C 138 -9.74 22.59 27.37
N ALA C 139 -10.87 22.40 28.06
CA ALA C 139 -11.81 21.32 27.76
C ALA C 139 -12.46 21.56 26.41
N ASP C 140 -12.09 20.75 25.43
CA ASP C 140 -12.52 20.99 24.06
C ASP C 140 -12.32 19.71 23.26
N GLN C 141 -12.90 19.69 22.05
CA GLN C 141 -12.64 18.61 21.12
C GLN C 141 -11.15 18.43 20.90
N SER C 142 -10.39 19.53 20.93
CA SER C 142 -8.94 19.43 20.94
C SER C 142 -8.48 18.55 22.08
N LEU C 143 -8.93 18.85 23.29
CA LEU C 143 -8.68 17.96 24.42
C LEU C 143 -9.20 16.56 24.12
N LEU C 144 -10.34 16.46 23.44
CA LEU C 144 -10.87 15.14 23.07
C LEU C 144 -9.90 14.39 22.19
N GLU C 145 -9.52 14.99 21.05
CA GLU C 145 -8.75 14.24 20.07
C GLU C 145 -7.25 14.21 20.36
N ASN C 146 -6.85 14.46 21.61
CA ASN C 146 -5.46 14.24 22.04
C ASN C 146 -4.50 15.15 21.26
N LEU C 147 -5.03 16.25 20.77
CA LEU C 147 -4.21 17.35 20.27
C LEU C 147 -4.33 18.45 21.31
N PRO C 148 -3.49 18.43 22.35
CA PRO C 148 -3.66 19.37 23.47
C PRO C 148 -3.66 20.82 23.00
N THR C 149 -4.39 21.66 23.73
CA THR C 149 -4.46 23.09 23.45
C THR C 149 -3.41 23.79 24.31
N LEU C 150 -2.77 24.82 23.75
CA LEU C 150 -1.86 25.63 24.53
C LEU C 150 -2.65 26.70 25.28
N ILE C 151 -1.94 27.53 26.04
CA ILE C 151 -2.55 28.55 26.87
C ILE C 151 -1.48 29.53 27.36
N PRO C 152 -1.73 30.84 27.30
CA PRO C 152 -0.80 31.79 27.91
C PRO C 152 -0.96 31.90 29.42
N VAL C 153 -1.03 30.75 30.09
CA VAL C 153 -1.10 30.72 31.54
C VAL C 153 0.31 30.57 32.12
N ASN C 154 0.68 31.50 32.99
CA ASN C 154 1.90 31.38 33.76
C ASN C 154 1.54 30.77 35.10
N ARG C 155 1.89 29.50 35.29
CA ARG C 155 1.39 28.76 36.44
C ARG C 155 2.01 29.26 37.74
N GLY C 156 1.47 28.78 38.85
CA GLY C 156 1.91 29.16 40.17
C GLY C 156 2.49 27.98 40.93
N LYS C 157 2.87 28.25 42.18
CA LYS C 157 3.56 27.25 42.99
C LYS C 157 2.71 26.02 43.19
N THR C 158 3.27 24.87 42.84
CA THR C 158 2.62 23.59 42.98
C THR C 158 3.70 22.51 43.07
N THR C 159 3.39 21.43 43.79
CA THR C 159 4.34 20.34 43.96
C THR C 159 4.06 19.23 42.97
N ILE C 160 5.02 18.32 42.85
CA ILE C 160 5.02 17.23 41.88
C ILE C 160 5.57 15.99 42.55
N SER C 161 4.97 14.84 42.25
CA SER C 161 5.30 13.59 42.92
C SER C 161 5.77 12.58 41.89
N VAL C 162 6.67 11.69 42.32
CA VAL C 162 7.44 10.83 41.44
C VAL C 162 7.53 9.45 42.07
N ASN C 163 7.00 8.45 41.36
CA ASN C 163 6.97 7.07 41.86
C ASN C 163 8.34 6.41 41.77
N LEU C 164 9.19 6.65 42.77
CA LEU C 164 10.53 6.09 42.75
C LEU C 164 10.55 4.74 43.46
N PRO C 165 10.83 3.64 42.76
CA PRO C 165 10.90 2.34 43.43
C PRO C 165 12.11 2.25 44.36
N GLY C 166 11.83 2.20 45.66
CA GLY C 166 12.88 2.11 46.67
C GLY C 166 12.75 3.06 47.83
N LEU C 167 11.60 3.73 48.01
CA LEU C 167 11.40 4.62 49.15
C LEU C 167 10.48 4.00 50.19
N LYS C 168 10.39 4.60 51.37
CA LYS C 168 9.61 4.05 52.49
C LYS C 168 8.74 5.15 53.07
N ASN C 169 8.57 6.24 52.31
CA ASN C 169 7.71 7.35 52.69
C ASN C 169 7.58 8.34 51.54
N GLY C 170 6.77 9.38 51.71
CA GLY C 170 6.58 10.36 50.66
C GLY C 170 7.64 11.44 50.64
N GLU C 171 8.89 11.05 50.41
CA GLU C 171 10.01 11.98 50.50
C GLU C 171 10.45 12.49 49.14
N SER C 172 10.52 11.60 48.15
CA SER C 172 10.98 11.95 46.80
C SER C 172 9.90 12.75 46.06
N ASN C 173 9.74 14.00 46.51
CA ASN C 173 8.78 14.93 45.94
C ASN C 173 9.48 16.26 45.67
N LEU C 174 8.88 17.08 44.81
CA LEU C 174 9.51 18.33 44.42
C LEU C 174 8.42 19.37 44.20
N THR C 175 8.81 20.59 43.82
CA THR C 175 7.82 21.63 43.55
C THR C 175 8.44 22.73 42.72
N VAL C 176 7.57 23.54 42.10
CA VAL C 176 7.98 24.70 41.33
C VAL C 176 7.08 25.86 41.69
N GLU C 177 7.67 27.05 41.89
CA GLU C 177 6.87 28.23 42.19
C GLU C 177 6.18 28.77 40.95
N ASN C 178 6.81 28.67 39.78
CA ASN C 178 6.20 29.08 38.52
C ASN C 178 6.58 28.09 37.44
N PRO C 179 5.75 27.08 37.21
CA PRO C 179 6.06 26.05 36.23
C PRO C 179 6.26 26.60 34.82
N SER C 180 7.24 26.03 34.15
CA SER C 180 7.40 26.17 32.71
C SER C 180 7.91 24.83 32.23
N ASN C 181 7.50 24.45 31.01
CA ASN C 181 7.78 23.10 30.51
C ASN C 181 9.25 22.75 30.70
N SER C 182 10.14 23.71 30.45
CA SER C 182 11.55 23.50 30.73
C SER C 182 11.79 23.25 32.22
N THR C 183 11.21 24.11 33.07
CA THR C 183 11.46 24.01 34.50
C THR C 183 10.99 22.67 35.06
N VAL C 184 9.70 22.38 34.92
CA VAL C 184 9.16 21.15 35.47
C VAL C 184 9.78 19.94 34.78
N ARG C 185 10.09 20.06 33.49
CA ARG C 185 10.69 18.95 32.75
C ARG C 185 12.06 18.59 33.32
N THR C 186 12.90 19.61 33.55
CA THR C 186 14.23 19.32 34.06
C THR C 186 14.16 18.87 35.51
N ALA C 187 13.19 19.38 36.27
CA ALA C 187 13.01 18.88 37.65
C ALA C 187 12.68 17.39 37.64
N VAL C 188 11.69 16.99 36.85
CA VAL C 188 11.28 15.60 36.80
C VAL C 188 12.42 14.71 36.31
N ASN C 189 13.08 15.12 35.23
CA ASN C 189 14.17 14.30 34.69
C ASN C 189 15.33 14.23 35.67
N ASN C 190 15.54 15.31 36.43
CA ASN C 190 16.49 15.27 37.53
C ASN C 190 16.16 14.14 38.49
N LEU C 191 14.94 14.11 39.00
CA LEU C 191 14.57 13.07 39.95
C LEU C 191 14.70 11.68 39.32
N VAL C 192 14.34 11.56 38.04
CA VAL C 192 14.42 10.26 37.36
C VAL C 192 15.85 9.77 37.31
N GLU C 193 16.76 10.59 36.74
CA GLU C 193 18.16 10.20 36.69
C GLU C 193 18.73 9.95 38.07
N LYS C 194 18.30 10.75 39.06
CA LYS C 194 18.77 10.59 40.43
C LYS C 194 18.49 9.19 40.94
N TRP C 195 17.24 8.74 40.83
CA TRP C 195 16.94 7.40 41.30
C TRP C 195 17.58 6.33 40.42
N ILE C 196 17.71 6.60 39.12
CA ILE C 196 18.28 5.58 38.24
C ILE C 196 19.73 5.31 38.60
N GLN C 197 20.49 6.35 38.96
CA GLN C 197 21.90 6.18 39.27
C GLN C 197 22.16 5.62 40.65
N ASN C 198 21.13 5.47 41.49
CA ASN C 198 21.39 5.11 42.89
C ASN C 198 21.07 3.66 43.23
N TYR C 199 19.82 3.25 43.03
CA TYR C 199 19.35 2.01 43.66
C TYR C 199 18.77 1.02 42.66
N SER C 200 18.27 1.49 41.53
CA SER C 200 17.66 0.60 40.53
C SER C 200 18.65 -0.45 40.05
N LYS C 201 19.94 -0.26 40.33
CA LYS C 201 20.92 -1.29 40.03
C LYS C 201 20.68 -2.54 40.87
N THR C 202 20.11 -2.38 42.05
CA THR C 202 19.99 -3.46 43.01
C THR C 202 18.61 -3.57 43.62
N HIS C 203 17.56 -3.57 42.79
CA HIS C 203 16.20 -3.69 43.30
C HIS C 203 15.34 -4.42 42.28
N ALA C 204 14.13 -4.80 42.68
CA ALA C 204 13.18 -5.42 41.78
C ALA C 204 12.30 -4.36 41.12
N VAL C 205 11.36 -4.82 40.31
CA VAL C 205 10.44 -3.96 39.57
C VAL C 205 9.23 -4.80 39.21
N PRO C 206 8.02 -4.23 39.13
CA PRO C 206 6.86 -5.02 38.71
C PRO C 206 7.12 -5.75 37.40
N ALA C 207 7.14 -7.08 37.47
CA ALA C 207 7.37 -7.92 36.31
C ALA C 207 6.10 -8.70 36.01
N ARG C 208 5.19 -8.09 35.25
CA ARG C 208 3.90 -8.68 34.93
C ARG C 208 3.56 -8.41 33.48
N MET C 209 2.60 -9.16 32.94
CA MET C 209 2.29 -9.13 31.51
C MET C 209 0.92 -8.51 31.30
N GLN C 210 0.89 -7.27 30.81
CA GLN C 210 -0.33 -6.63 30.34
C GLN C 210 -0.29 -6.61 28.82
N TYR C 211 -0.97 -7.57 28.20
CA TYR C 211 -0.86 -7.82 26.77
C TYR C 211 -2.26 -7.85 26.18
N GLU C 212 -2.81 -6.68 25.87
CA GLU C 212 -4.17 -6.58 25.35
C GLU C 212 -4.20 -7.15 23.94
N SER C 213 -5.36 -7.64 23.53
CA SER C 213 -5.55 -8.08 22.16
C SER C 213 -6.97 -7.78 21.74
N ILE C 214 -7.17 -7.62 20.43
CA ILE C 214 -8.51 -7.41 19.89
C ILE C 214 -8.49 -7.65 18.39
N SER C 215 -9.63 -8.05 17.86
CA SER C 215 -9.85 -8.05 16.42
C SER C 215 -9.99 -6.62 15.94
N ALA C 216 -9.09 -6.18 15.07
CA ALA C 216 -9.15 -4.82 14.55
C ALA C 216 -10.25 -4.77 13.52
N GLN C 217 -11.49 -4.95 13.97
CA GLN C 217 -12.61 -4.90 13.04
C GLN C 217 -12.84 -3.52 12.47
N SER C 218 -12.71 -2.47 13.28
CA SER C 218 -12.91 -1.12 12.78
C SER C 218 -11.95 -0.16 13.44
N MET C 219 -11.55 0.85 12.67
CA MET C 219 -10.88 2.00 13.27
C MET C 219 -11.82 2.77 14.18
N SER C 220 -13.13 2.64 13.98
CA SER C 220 -14.06 3.11 15.00
C SER C 220 -14.15 2.11 16.14
N GLN C 221 -14.15 0.82 15.84
CA GLN C 221 -14.01 -0.16 16.90
C GLN C 221 -12.71 0.02 17.66
N LEU C 222 -11.61 0.28 16.95
CA LEU C 222 -10.34 0.51 17.63
C LEU C 222 -10.32 1.88 18.30
N GLN C 223 -11.16 2.81 17.83
CA GLN C 223 -11.23 4.12 18.48
C GLN C 223 -11.93 3.99 19.83
N ALA C 224 -12.95 3.14 19.91
CA ALA C 224 -13.62 2.92 21.18
C ALA C 224 -12.78 2.03 22.09
N LYS C 225 -12.11 1.03 21.52
CA LYS C 225 -11.28 0.13 22.34
C LYS C 225 -10.08 0.86 22.90
N PHE C 226 -9.22 1.40 22.03
CA PHE C 226 -7.96 1.98 22.45
C PHE C 226 -7.85 3.47 22.16
N GLY C 227 -8.92 4.22 22.32
CA GLY C 227 -8.79 5.68 22.31
C GLY C 227 -8.93 6.27 20.93
N ALA C 228 -9.03 7.60 20.88
CA ALA C 228 -9.35 8.27 19.62
C ALA C 228 -8.10 8.52 18.78
N ASP C 229 -7.02 9.01 19.39
CA ASP C 229 -5.88 9.50 18.61
C ASP C 229 -5.09 8.36 17.99
N PHE C 230 -5.36 7.12 18.41
CA PHE C 230 -4.81 5.98 17.68
C PHE C 230 -5.14 6.10 16.20
N SER C 231 -6.24 6.78 15.88
CA SER C 231 -6.61 7.07 14.49
C SER C 231 -5.39 7.50 13.67
N LYS C 232 -4.56 8.37 14.22
CA LYS C 232 -3.34 8.74 13.50
C LYS C 232 -2.21 7.77 13.78
N VAL C 233 -2.07 7.33 15.03
CA VAL C 233 -0.91 6.54 15.41
C VAL C 233 -0.96 5.16 14.78
N GLY C 234 -2.16 4.66 14.49
CA GLY C 234 -2.31 3.38 13.84
C GLY C 234 -2.08 3.40 12.35
N ALA C 235 -1.69 4.54 11.80
CA ALA C 235 -1.43 4.62 10.36
C ALA C 235 -0.44 3.58 9.88
N PRO C 236 0.75 3.43 10.46
CA PRO C 236 1.71 2.46 9.91
C PRO C 236 1.44 1.03 10.36
N LEU C 237 0.36 0.82 11.11
CA LEU C 237 0.08 -0.50 11.65
C LEU C 237 -0.26 -1.53 10.58
N ASN C 238 -0.60 -1.09 9.36
CA ASN C 238 -0.94 -1.97 8.24
C ASN C 238 -2.21 -2.78 8.50
N VAL C 239 -3.08 -2.28 9.39
CA VAL C 239 -4.36 -2.94 9.66
C VAL C 239 -5.27 -2.75 8.45
N ASP C 240 -5.68 -3.87 7.83
CA ASP C 240 -6.70 -3.82 6.79
C ASP C 240 -8.05 -4.21 7.38
N PHE C 241 -8.52 -3.35 8.28
CA PHE C 241 -9.83 -3.55 8.89
C PHE C 241 -10.93 -3.57 7.84
N SER C 242 -10.66 -3.04 6.64
CA SER C 242 -11.65 -3.09 5.57
C SER C 242 -11.68 -4.46 4.91
N SER C 243 -10.52 -5.12 4.83
CA SER C 243 -10.51 -6.52 4.42
C SER C 243 -11.30 -7.37 5.40
N VAL C 244 -11.32 -6.96 6.67
CA VAL C 244 -12.20 -7.59 7.64
C VAL C 244 -13.65 -7.20 7.35
N HIS C 245 -13.87 -5.94 6.93
CA HIS C 245 -15.20 -5.50 6.56
C HIS C 245 -15.75 -6.30 5.39
N LYS C 246 -14.87 -6.85 4.55
CA LYS C 246 -15.31 -7.58 3.38
C LYS C 246 -14.92 -9.05 3.40
N CYS C 247 -14.50 -9.58 4.55
CA CYS C 247 -14.24 -11.01 4.73
C CYS C 247 -13.10 -11.47 3.82
N GLU C 248 -12.12 -10.59 3.63
CA GLU C 248 -10.97 -10.94 2.81
C GLU C 248 -9.85 -11.48 3.68
N LYS C 249 -9.41 -10.70 4.66
CA LYS C 249 -8.43 -11.16 5.63
C LYS C 249 -8.85 -10.77 7.04
N GLN C 250 -8.14 -11.30 8.03
CA GLN C 250 -8.42 -11.03 9.43
C GLN C 250 -7.22 -10.33 10.05
N VAL C 251 -7.49 -9.30 10.86
CA VAL C 251 -6.47 -8.45 11.45
C VAL C 251 -6.72 -8.35 12.94
N PHE C 252 -5.75 -8.82 13.74
CA PHE C 252 -5.80 -8.63 15.19
C PHE C 252 -4.62 -7.78 15.63
N ILE C 253 -4.88 -6.85 16.54
CA ILE C 253 -3.80 -6.10 17.17
C ILE C 253 -3.56 -6.71 18.54
N ALA C 254 -2.29 -6.76 18.93
CA ALA C 254 -1.83 -7.18 20.25
C ALA C 254 -1.02 -6.04 20.83
N ASN C 255 -1.63 -5.29 21.73
CA ASN C 255 -1.04 -4.10 22.33
C ASN C 255 -0.37 -4.49 23.63
N PHE C 256 0.94 -4.60 23.62
CA PHE C 256 1.72 -4.78 24.83
C PHE C 256 2.29 -3.44 25.23
N ARG C 257 1.58 -2.73 26.09
CA ARG C 257 2.13 -1.52 26.69
C ARG C 257 3.13 -1.93 27.75
N GLN C 258 3.85 -0.95 28.29
CA GLN C 258 5.02 -1.24 29.09
C GLN C 258 5.25 -0.13 30.10
N VAL C 259 4.97 -0.38 31.36
CA VAL C 259 5.10 0.67 32.36
C VAL C 259 6.35 0.46 33.19
N TYR C 260 7.02 1.57 33.47
CA TYR C 260 8.31 1.60 34.15
C TYR C 260 8.18 2.56 35.33
N TYR C 261 7.26 3.51 35.21
CA TYR C 261 7.10 4.60 36.17
C TYR C 261 5.91 5.47 35.78
N THR C 262 5.49 6.37 36.66
CA THR C 262 4.57 7.43 36.28
C THR C 262 4.72 8.59 37.25
N ALA C 263 4.32 9.77 36.81
CA ALA C 263 4.47 11.00 37.59
C ALA C 263 3.09 11.52 37.92
N SER C 264 2.96 12.15 39.09
CA SER C 264 1.68 12.70 39.56
C SER C 264 1.91 14.13 40.02
N VAL C 265 0.83 14.81 40.35
CA VAL C 265 0.89 16.21 40.79
C VAL C 265 -0.25 16.49 41.74
N ASP C 266 0.02 17.28 42.78
CA ASP C 266 -0.99 17.62 43.77
C ASP C 266 -2.14 18.37 43.12
N SER C 267 -3.33 17.80 43.24
CA SER C 267 -4.52 18.41 42.66
C SER C 267 -4.68 19.83 43.20
N PRO C 268 -5.30 20.73 42.42
CA PRO C 268 -5.36 22.13 42.84
C PRO C 268 -5.89 22.32 44.25
N ASN C 269 -5.01 22.73 45.16
CA ASN C 269 -5.43 23.09 46.50
C ASN C 269 -5.76 24.57 46.60
N SER C 270 -5.17 25.39 45.73
CA SER C 270 -5.45 26.79 45.61
C SER C 270 -5.54 27.06 44.11
N PRO C 271 -6.68 27.54 43.62
CA PRO C 271 -6.76 27.94 42.22
C PRO C 271 -5.61 28.84 41.77
N SER C 272 -5.28 29.89 42.52
CA SER C 272 -4.16 30.72 42.09
C SER C 272 -2.81 30.09 42.45
N ALA C 273 -2.79 28.95 43.14
CA ALA C 273 -1.56 28.18 43.15
C ALA C 273 -1.31 27.51 41.81
N LEU C 274 -2.24 27.65 40.87
CA LEU C 274 -2.09 27.15 39.51
C LEU C 274 -1.69 28.24 38.53
N PHE C 275 -1.54 29.48 38.99
CA PHE C 275 -1.13 30.59 38.14
C PHE C 275 -0.17 31.46 38.93
N GLY C 276 0.68 32.18 38.21
CA GLY C 276 1.44 33.25 38.81
C GLY C 276 0.56 34.14 39.65
N SER C 277 1.16 34.69 40.71
CA SER C 277 0.43 35.49 41.67
C SER C 277 -0.31 36.64 40.98
N GLY C 278 -1.62 36.68 41.16
CA GLY C 278 -2.43 37.72 40.56
C GLY C 278 -3.20 37.32 39.32
N ILE C 279 -3.58 36.05 39.18
CA ILE C 279 -4.39 35.65 38.03
C ILE C 279 -5.75 36.33 38.12
N THR C 280 -6.15 36.94 37.00
CA THR C 280 -7.45 37.58 36.89
C THR C 280 -8.23 36.88 35.79
N PRO C 281 -9.52 36.59 36.02
CA PRO C 281 -10.32 35.90 34.99
C PRO C 281 -10.51 36.73 33.73
N THR C 282 -10.35 38.05 33.82
CA THR C 282 -10.39 38.88 32.61
C THR C 282 -9.33 38.44 31.62
N ASP C 283 -8.11 38.18 32.10
CA ASP C 283 -7.08 37.61 31.23
C ASP C 283 -7.50 36.25 30.71
N LEU C 284 -8.19 35.47 31.53
CA LEU C 284 -8.53 34.10 31.17
C LEU C 284 -9.54 34.05 30.03
N ILE C 285 -10.52 34.95 30.05
CA ILE C 285 -11.41 35.05 28.90
C ILE C 285 -10.66 35.71 27.74
N ASN C 286 -9.77 36.65 28.04
CA ASN C 286 -8.80 37.10 27.04
C ASN C 286 -7.89 35.96 26.63
N ARG C 287 -7.80 34.93 27.48
CA ARG C 287 -7.05 33.72 27.21
C ARG C 287 -7.92 32.60 26.66
N GLY C 288 -9.24 32.81 26.64
CA GLY C 288 -10.15 31.77 26.21
C GLY C 288 -10.50 30.79 27.30
N VAL C 289 -10.12 31.07 28.54
CA VAL C 289 -10.41 30.19 29.67
C VAL C 289 -11.75 30.64 30.25
N ASN C 290 -12.81 29.92 29.90
CA ASN C 290 -14.17 30.26 30.31
C ASN C 290 -15.03 29.04 30.08
N SER C 291 -16.27 29.09 30.59
CA SER C 291 -17.20 27.97 30.43
C SER C 291 -17.23 27.45 28.99
N LYS C 292 -16.98 28.33 28.02
CA LYS C 292 -16.87 27.89 26.62
C LYS C 292 -15.81 26.80 26.47
N THR C 293 -14.71 26.92 27.20
CA THR C 293 -13.61 25.95 27.13
C THR C 293 -12.87 26.01 28.45
N PRO C 294 -13.49 25.53 29.53
CA PRO C 294 -13.00 25.82 30.88
C PRO C 294 -11.73 25.04 31.17
N PRO C 295 -10.96 25.46 32.17
CA PRO C 295 -9.65 24.86 32.41
C PRO C 295 -9.72 23.45 32.93
N VAL C 296 -8.71 22.67 32.55
CA VAL C 296 -8.59 21.27 32.92
C VAL C 296 -7.19 21.06 33.46
N TYR C 297 -7.07 20.15 34.42
CA TYR C 297 -5.87 19.99 35.22
C TYR C 297 -5.29 18.61 35.01
N VAL C 298 -4.18 18.55 34.28
CA VAL C 298 -3.45 17.30 34.10
C VAL C 298 -3.06 16.81 35.49
N SER C 299 -3.18 15.50 35.70
CA SER C 299 -2.86 14.92 36.99
C SER C 299 -1.76 13.88 36.94
N ASN C 300 -1.60 13.19 35.82
CA ASN C 300 -0.60 12.13 35.77
C ASN C 300 -0.09 11.99 34.34
N VAL C 301 1.08 11.39 34.21
CA VAL C 301 1.69 11.01 32.94
C VAL C 301 2.47 9.73 33.14
N SER C 302 2.22 8.74 32.30
CA SER C 302 2.85 7.44 32.41
C SER C 302 4.29 7.53 31.90
N TYR C 303 4.94 6.36 31.83
CA TYR C 303 6.32 6.25 31.39
C TYR C 303 6.61 4.79 31.09
N GLY C 304 7.13 4.51 29.91
CA GLY C 304 7.43 3.14 29.53
C GLY C 304 7.62 2.98 28.04
N ARG C 305 7.28 1.81 27.52
CA ARG C 305 7.34 1.59 26.08
C ARG C 305 6.03 0.94 25.62
N ALA C 306 5.99 0.55 24.35
CA ALA C 306 4.82 -0.14 23.82
C ALA C 306 5.24 -1.05 22.68
N MET C 307 4.30 -1.88 22.23
CA MET C 307 4.48 -2.71 21.04
C MET C 307 3.11 -3.15 20.52
N TYR C 308 2.76 -2.70 19.32
CA TYR C 308 1.43 -2.99 18.77
C TYR C 308 1.62 -4.01 17.65
N VAL C 309 1.65 -5.29 17.99
CA VAL C 309 1.87 -6.34 16.98
C VAL C 309 0.60 -6.49 16.17
N LYS C 310 0.72 -6.38 14.85
CA LYS C 310 -0.42 -6.52 13.95
C LYS C 310 -0.32 -7.84 13.21
N PHE C 311 -1.09 -8.83 13.65
CA PHE C 311 -1.12 -10.13 12.98
C PHE C 311 -2.27 -10.10 11.99
N GLU C 312 -1.94 -10.17 10.70
CA GLU C 312 -2.92 -10.06 9.62
C GLU C 312 -2.75 -11.26 8.69
N THR C 313 -3.76 -12.13 8.67
CA THR C 313 -3.68 -13.35 7.88
C THR C 313 -4.80 -13.39 6.85
N THR C 314 -4.47 -13.92 5.67
CA THR C 314 -5.48 -14.20 4.66
C THR C 314 -6.37 -15.36 5.08
N SER C 315 -5.85 -16.26 5.91
CA SER C 315 -6.62 -17.40 6.42
C SER C 315 -7.57 -16.88 7.49
N LYS C 316 -8.82 -16.62 7.09
CA LYS C 316 -9.81 -16.07 7.99
C LYS C 316 -10.20 -17.09 9.04
N SER C 317 -9.83 -16.82 10.30
CA SER C 317 -10.15 -17.72 11.41
C SER C 317 -9.95 -17.00 12.74
N THR C 318 -10.27 -17.69 13.85
CA THR C 318 -10.01 -17.16 15.19
C THR C 318 -8.66 -17.67 15.68
N LYS C 319 -8.20 -18.76 15.07
CA LYS C 319 -6.91 -19.36 15.36
C LYS C 319 -5.79 -18.32 15.28
N VAL C 320 -6.11 -17.16 14.69
CA VAL C 320 -5.18 -16.03 14.68
C VAL C 320 -4.58 -15.83 16.07
N GLN C 321 -5.42 -15.73 17.10
CA GLN C 321 -4.89 -15.43 18.42
C GLN C 321 -4.02 -16.55 18.94
N ALA C 322 -4.47 -17.80 18.80
CA ALA C 322 -3.61 -18.94 19.09
C ALA C 322 -2.27 -18.81 18.37
N ALA C 323 -2.32 -18.40 17.10
CA ALA C 323 -1.10 -18.13 16.36
C ALA C 323 -0.21 -17.16 17.12
N ILE C 324 -0.76 -16.01 17.51
CA ILE C 324 -0.02 -15.07 18.34
C ILE C 324 0.50 -15.77 19.59
N ASP C 325 -0.37 -16.55 20.23
CA ASP C 325 0.06 -17.25 21.44
C ASP C 325 0.97 -18.42 21.14
N ALA C 326 1.05 -18.87 19.90
CA ALA C 326 2.08 -19.83 19.52
C ALA C 326 3.45 -19.17 19.49
N VAL C 327 3.48 -17.85 19.31
CA VAL C 327 4.75 -17.13 19.29
C VAL C 327 5.02 -16.49 20.64
N VAL C 328 4.00 -15.93 21.29
CA VAL C 328 4.15 -15.33 22.61
C VAL C 328 4.85 -16.26 23.59
N LYS C 329 4.50 -17.54 23.60
CA LYS C 329 5.13 -18.49 24.51
C LYS C 329 5.86 -19.56 23.72
N GLU C 338 1.10 -26.96 10.24
CA GLU C 338 0.52 -26.73 11.55
C GLU C 338 0.42 -25.22 11.82
N TYR C 339 0.72 -24.82 13.05
CA TYR C 339 0.81 -23.39 13.37
C TYR C 339 1.83 -22.68 12.50
N GLU C 340 2.83 -23.40 12.02
CA GLU C 340 3.74 -22.92 11.00
C GLU C 340 2.96 -22.20 9.90
N ASN C 341 1.86 -22.81 9.46
CA ASN C 341 1.08 -22.26 8.37
C ASN C 341 0.37 -20.97 8.77
N ILE C 342 -0.38 -20.99 9.88
CA ILE C 342 -1.12 -19.81 10.29
C ILE C 342 -0.18 -18.62 10.52
N LEU C 343 1.01 -18.90 11.04
CA LEU C 343 1.98 -17.84 11.23
C LEU C 343 2.63 -17.44 9.91
N LYS C 344 2.65 -18.35 8.93
CA LYS C 344 3.28 -18.08 7.65
C LYS C 344 2.60 -16.95 6.89
N ASN C 345 1.37 -16.60 7.24
CA ASN C 345 0.67 -15.49 6.62
C ASN C 345 0.48 -14.37 7.62
N THR C 346 1.52 -14.09 8.42
CA THR C 346 1.41 -13.19 9.55
C THR C 346 1.14 -11.73 9.16
N LYS C 347 1.82 -11.22 8.14
CA LYS C 347 1.87 -9.79 7.86
C LYS C 347 2.06 -8.99 9.15
N ILE C 348 3.02 -9.42 9.97
CA ILE C 348 3.30 -8.72 11.22
C ILE C 348 3.78 -7.32 10.91
N THR C 349 3.16 -6.34 11.55
CA THR C 349 3.53 -4.94 11.37
C THR C 349 3.51 -4.27 12.73
N ALA C 350 4.68 -4.18 13.37
CA ALA C 350 4.80 -3.64 14.72
C ALA C 350 5.21 -2.17 14.65
N VAL C 351 4.56 -1.36 15.47
CA VAL C 351 4.92 0.04 15.67
C VAL C 351 5.53 0.13 17.05
N VAL C 352 6.19 1.25 17.35
CA VAL C 352 6.62 1.55 18.72
C VAL C 352 6.18 2.97 19.05
N LEU C 353 5.57 3.14 20.22
CA LEU C 353 4.89 4.38 20.59
C LEU C 353 5.86 5.53 20.79
N GLU C 359 17.60 -0.96 23.20
CA GLU C 359 16.60 -0.11 22.56
C GLU C 359 15.70 -0.94 21.66
N ALA C 360 14.96 -0.27 20.77
CA ALA C 360 14.10 -0.96 19.81
C ALA C 360 14.83 -2.03 19.01
N SER C 361 16.17 -2.01 18.99
CA SER C 361 16.93 -2.97 18.20
C SER C 361 16.56 -4.41 18.54
N LYS C 362 16.24 -4.69 19.81
CA LYS C 362 15.91 -6.04 20.21
C LYS C 362 14.69 -6.57 19.45
N VAL C 363 13.77 -5.68 19.07
CA VAL C 363 12.61 -6.05 18.27
C VAL C 363 12.98 -5.92 16.79
N ILE C 364 13.86 -4.97 16.47
CA ILE C 364 14.20 -4.68 15.09
C ILE C 364 14.81 -5.88 14.39
N THR C 365 15.50 -6.76 15.11
CA THR C 365 16.09 -7.94 14.51
C THR C 365 15.07 -9.02 14.17
N GLY C 366 14.13 -9.32 15.07
CA GLY C 366 13.09 -10.29 14.80
C GLY C 366 13.54 -11.71 15.08
N ASN C 367 12.75 -12.42 15.89
CA ASN C 367 13.08 -13.77 16.33
C ASN C 367 11.86 -14.50 16.86
N ILE C 368 12.06 -15.74 17.33
CA ILE C 368 10.95 -16.53 17.85
C ILE C 368 10.66 -16.23 19.32
N ASP C 369 11.58 -15.58 20.02
CA ASP C 369 11.38 -15.18 21.41
C ASP C 369 11.59 -13.70 21.63
N THR C 370 11.25 -12.86 20.64
CA THR C 370 11.46 -11.43 20.79
C THR C 370 10.50 -10.82 21.80
N LEU C 371 9.25 -11.28 21.81
CA LEU C 371 8.34 -10.93 22.89
C LEU C 371 8.79 -11.54 24.21
N LYS C 372 9.28 -12.78 24.18
CA LYS C 372 9.75 -13.45 25.37
C LYS C 372 10.80 -12.61 26.10
N ASP C 373 11.72 -12.02 25.34
CA ASP C 373 12.75 -11.20 25.99
C ASP C 373 12.25 -9.77 26.18
N LEU C 374 11.36 -9.31 25.30
CA LEU C 374 10.79 -7.97 25.45
C LEU C 374 10.01 -7.81 26.74
N ILE C 375 9.47 -8.89 27.28
CA ILE C 375 9.00 -8.91 28.66
C ILE C 375 10.11 -9.35 29.61
N GLN C 376 10.93 -10.31 29.19
CA GLN C 376 12.01 -10.81 30.03
C GLN C 376 13.06 -9.74 30.28
N LYS C 377 13.36 -8.93 29.25
CA LYS C 377 14.34 -7.88 29.42
C LYS C 377 13.72 -6.49 29.27
N GLY C 378 12.84 -6.32 28.28
CA GLY C 378 12.24 -5.02 28.05
C GLY C 378 11.31 -4.59 29.16
N SER C 379 10.35 -5.46 29.52
CA SER C 379 9.54 -5.17 30.70
C SER C 379 10.39 -5.14 31.97
N ASN C 380 11.47 -5.93 32.02
CA ASN C 380 12.49 -5.79 33.03
C ASN C 380 13.39 -4.59 32.74
N PHE C 381 12.81 -3.41 32.61
CA PHE C 381 13.49 -2.24 32.09
C PHE C 381 14.61 -1.86 33.05
N SER C 382 15.82 -1.71 32.53
CA SER C 382 17.00 -1.50 33.37
C SER C 382 17.58 -0.14 33.05
N ALA C 383 18.75 0.12 33.61
CA ALA C 383 19.45 1.38 33.41
C ALA C 383 20.17 1.45 32.06
N GLN C 384 19.94 0.49 31.16
CA GLN C 384 20.52 0.56 29.83
C GLN C 384 20.18 1.87 29.16
N SER C 385 18.89 2.22 29.14
CA SER C 385 18.43 3.50 28.61
C SER C 385 17.01 3.72 29.10
N PRO C 386 16.71 4.85 29.73
CA PRO C 386 15.36 5.10 30.22
C PRO C 386 14.32 5.09 29.09
N ALA C 387 13.06 4.94 29.50
CA ALA C 387 11.95 4.79 28.56
C ALA C 387 11.44 6.14 28.08
N VAL C 388 10.24 6.13 27.48
CA VAL C 388 9.62 7.35 26.96
C VAL C 388 8.24 7.51 27.58
N PRO C 389 7.78 8.75 27.72
CA PRO C 389 6.40 8.98 28.19
C PRO C 389 5.39 8.25 27.32
N ILE C 390 4.40 7.64 27.97
CA ILE C 390 3.44 6.77 27.28
C ILE C 390 2.01 7.29 27.31
N SER C 391 1.56 7.96 28.36
CA SER C 391 0.15 8.30 28.48
C SER C 391 0.00 9.45 29.45
N TYR C 392 -1.25 9.85 29.69
CA TYR C 392 -1.51 10.82 30.74
C TYR C 392 -2.97 10.73 31.17
N THR C 393 -3.32 11.60 32.11
CA THR C 393 -4.69 11.84 32.51
C THR C 393 -4.82 13.29 32.97
N THR C 394 -6.05 13.73 33.15
CA THR C 394 -6.32 15.10 33.54
C THR C 394 -7.55 15.14 34.42
N SER C 395 -7.87 16.34 34.89
CA SER C 395 -9.00 16.55 35.79
C SER C 395 -9.56 17.93 35.54
N PHE C 396 -10.88 18.06 35.55
CA PHE C 396 -11.46 19.39 35.51
C PHE C 396 -10.99 20.20 36.70
N VAL C 397 -10.49 21.40 36.43
CA VAL C 397 -9.86 22.20 37.49
C VAL C 397 -10.79 22.39 38.66
N LYS C 398 -12.04 22.75 38.40
CA LYS C 398 -13.03 22.80 39.47
C LYS C 398 -13.23 21.42 40.09
N ASP C 399 -13.52 20.43 39.25
CA ASP C 399 -13.75 19.08 39.74
C ASP C 399 -12.56 18.57 40.55
N ASN C 400 -11.35 18.79 40.04
CA ASN C 400 -10.13 18.22 40.62
C ASN C 400 -10.24 16.70 40.69
N SER C 401 -11.15 16.15 39.89
CA SER C 401 -11.50 14.74 39.95
C SER C 401 -11.27 14.13 38.58
N ILE C 402 -11.21 12.80 38.55
CA ILE C 402 -10.79 12.09 37.35
C ILE C 402 -11.63 12.54 36.16
N ALA C 403 -10.95 12.75 35.03
CA ALA C 403 -11.57 13.16 33.78
C ALA C 403 -11.54 11.96 32.83
N THR C 404 -12.69 11.63 32.26
CA THR C 404 -12.81 10.41 31.47
C THR C 404 -13.56 10.71 30.18
N ILE C 405 -12.91 10.45 29.06
CA ILE C 405 -13.56 10.41 27.76
C ILE C 405 -14.38 9.15 27.67
N GLN C 406 -15.54 9.24 27.04
CA GLN C 406 -16.38 8.10 26.74
C GLN C 406 -16.37 7.89 25.24
N ASN C 407 -15.46 7.04 24.77
CA ASN C 407 -15.33 6.75 23.35
C ASN C 407 -16.17 5.53 23.05
N ASN C 408 -17.39 5.75 22.58
CA ASN C 408 -18.33 4.68 22.26
C ASN C 408 -18.41 4.56 20.75
N THR C 409 -18.65 3.35 20.29
CA THR C 409 -18.99 3.14 18.89
C THR C 409 -19.87 1.90 18.78
N ASP C 410 -20.67 1.87 17.72
CA ASP C 410 -21.22 0.64 17.21
C ASP C 410 -20.31 0.25 16.07
N TYR C 411 -20.33 -1.02 15.69
CA TYR C 411 -19.71 -1.41 14.44
C TYR C 411 -20.17 -2.79 14.03
N ILE C 412 -20.06 -3.03 12.75
CA ILE C 412 -20.36 -4.33 12.18
C ILE C 412 -19.45 -5.36 12.84
N GLU C 413 -19.92 -6.60 12.91
CA GLU C 413 -19.14 -7.70 13.42
C GLU C 413 -19.29 -8.84 12.43
N THR C 414 -18.35 -8.94 11.51
CA THR C 414 -18.28 -10.10 10.65
C THR C 414 -18.18 -11.35 11.50
N LYS C 415 -19.01 -12.33 11.18
CA LYS C 415 -18.81 -13.64 11.79
C LYS C 415 -17.63 -14.29 11.10
N VAL C 416 -16.52 -14.38 11.82
CA VAL C 416 -15.25 -14.71 11.21
C VAL C 416 -15.14 -16.20 10.89
N THR C 417 -16.21 -16.96 11.14
CA THR C 417 -16.20 -18.41 11.01
C THR C 417 -15.80 -18.88 9.61
N SER C 418 -15.38 -20.15 9.51
CA SER C 418 -14.95 -20.72 8.26
C SER C 418 -14.96 -22.24 8.38
N TYR C 419 -15.21 -22.91 7.26
CA TYR C 419 -15.36 -24.37 7.23
C TYR C 419 -14.78 -24.91 5.93
N LYS C 420 -14.39 -26.19 5.94
CA LYS C 420 -13.62 -26.77 4.85
C LYS C 420 -14.04 -28.21 4.54
N ASP C 421 -13.79 -28.64 3.29
CA ASP C 421 -14.06 -30.02 2.90
C ASP C 421 -13.17 -30.99 3.68
N GLY C 422 -13.61 -32.24 3.77
CA GLY C 422 -12.79 -33.27 4.39
C GLY C 422 -13.10 -34.68 3.93
N ALA C 423 -12.09 -35.42 3.51
CA ALA C 423 -12.31 -36.73 2.92
C ALA C 423 -12.91 -37.69 3.93
N LEU C 424 -13.61 -38.70 3.43
CA LEU C 424 -14.25 -39.72 4.23
C LEU C 424 -13.97 -41.07 3.58
N THR C 425 -12.90 -41.73 3.98
CA THR C 425 -12.50 -42.98 3.35
C THR C 425 -13.36 -44.11 3.88
N LEU C 426 -14.46 -44.41 3.19
CA LEU C 426 -15.28 -45.56 3.48
C LEU C 426 -14.45 -46.79 3.15
N ASN C 427 -13.84 -47.37 4.18
CA ASN C 427 -12.99 -48.54 4.02
C ASN C 427 -13.67 -49.73 4.66
N HIS C 428 -13.80 -50.81 3.89
CA HIS C 428 -14.46 -52.02 4.36
C HIS C 428 -13.53 -53.20 4.11
N ASP C 429 -13.14 -53.87 5.18
CA ASP C 429 -12.19 -54.98 5.10
C ASP C 429 -12.72 -56.25 5.77
N GLY C 430 -13.83 -56.16 6.50
CA GLY C 430 -14.35 -57.30 7.24
C GLY C 430 -14.66 -58.50 6.38
N ALA C 431 -14.67 -59.69 7.00
CA ALA C 431 -14.93 -60.93 6.29
C ALA C 431 -16.40 -61.16 5.99
N PHE C 432 -17.26 -60.25 6.41
CA PHE C 432 -18.70 -60.34 6.17
C PHE C 432 -19.11 -59.38 5.05
N VAL C 433 -20.33 -59.54 4.57
CA VAL C 433 -20.91 -58.66 3.58
C VAL C 433 -21.43 -57.42 4.28
N ALA C 434 -20.74 -56.30 4.09
CA ALA C 434 -21.08 -55.05 4.76
C ALA C 434 -21.69 -54.06 3.77
N ARG C 435 -22.53 -53.19 4.32
CA ARG C 435 -23.18 -52.14 3.54
C ARG C 435 -23.28 -50.87 4.38
N PHE C 436 -22.82 -49.76 3.82
CA PHE C 436 -22.80 -48.49 4.51
C PHE C 436 -23.98 -47.65 4.06
N TYR C 437 -24.64 -47.00 5.02
CA TYR C 437 -25.55 -45.91 4.73
C TYR C 437 -25.13 -44.70 5.54
N VAL C 438 -24.81 -43.61 4.87
CA VAL C 438 -24.41 -42.39 5.52
C VAL C 438 -25.43 -41.32 5.17
N TYR C 439 -25.99 -40.68 6.19
CA TYR C 439 -26.96 -39.62 6.00
C TYR C 439 -26.34 -38.31 6.43
N TRP C 440 -26.78 -37.23 5.80
CA TRP C 440 -26.19 -35.93 6.07
C TRP C 440 -27.28 -34.88 6.17
N GLU C 441 -26.98 -33.84 6.95
CA GLU C 441 -27.66 -32.57 6.81
C GLU C 441 -26.90 -31.73 5.79
N GLU C 442 -27.62 -30.84 5.12
CA GLU C 442 -27.16 -30.31 3.85
C GLU C 442 -27.47 -28.84 3.77
N LEU C 443 -26.43 -28.00 3.82
CA LEU C 443 -26.58 -26.56 3.80
C LEU C 443 -26.86 -26.13 2.37
N GLY C 444 -28.02 -25.52 2.12
CA GLY C 444 -28.36 -25.11 0.78
C GLY C 444 -29.10 -23.80 0.70
N HIS C 445 -29.37 -23.35 -0.52
CA HIS C 445 -30.06 -22.10 -0.75
C HIS C 445 -31.16 -22.32 -1.77
N ASP C 446 -32.20 -21.50 -1.69
CA ASP C 446 -33.34 -21.65 -2.59
C ASP C 446 -33.83 -20.28 -3.06
N ALA C 447 -33.92 -20.15 -4.39
CA ALA C 447 -34.87 -19.33 -5.14
C ALA C 447 -34.72 -17.83 -4.91
N ASP C 448 -33.92 -17.46 -3.92
CA ASP C 448 -33.53 -16.09 -3.69
C ASP C 448 -32.09 -16.02 -3.19
N GLY C 449 -31.54 -17.17 -2.83
CA GLY C 449 -30.37 -17.25 -1.99
C GLY C 449 -30.81 -17.54 -0.57
N TYR C 450 -32.09 -17.86 -0.40
CA TYR C 450 -32.61 -18.06 0.96
C TYR C 450 -32.00 -19.30 1.59
N GLU C 451 -31.72 -19.22 2.88
CA GLU C 451 -31.04 -20.30 3.57
C GLU C 451 -31.98 -21.47 3.81
N THR C 452 -31.43 -22.67 3.80
CA THR C 452 -32.20 -23.86 4.11
C THR C 452 -31.28 -25.01 4.47
N ILE C 453 -31.83 -25.98 5.19
CA ILE C 453 -31.15 -27.22 5.50
C ILE C 453 -31.92 -28.34 4.81
N ARG C 454 -31.22 -29.40 4.43
CA ARG C 454 -31.80 -30.47 3.63
C ARG C 454 -31.30 -31.81 4.14
N SER C 455 -32.08 -32.84 3.83
CA SER C 455 -31.62 -34.22 3.97
C SER C 455 -30.71 -34.54 2.79
N ARG C 456 -29.69 -35.34 3.05
CA ARG C 456 -28.90 -35.93 1.99
C ARG C 456 -28.73 -37.41 2.27
N SER C 457 -29.07 -38.23 1.30
CA SER C 457 -29.07 -39.69 1.46
C SER C 457 -27.89 -40.28 0.70
N TRP C 458 -27.38 -41.38 1.22
CA TRP C 458 -26.21 -42.00 0.62
C TRP C 458 -26.56 -42.65 -0.70
N SER C 459 -25.73 -42.39 -1.71
CA SER C 459 -25.90 -43.06 -2.99
C SER C 459 -25.49 -44.52 -2.91
N GLY C 460 -24.46 -44.84 -2.10
CA GLY C 460 -24.15 -46.22 -1.81
C GLY C 460 -25.14 -46.90 -0.90
N ASN C 461 -26.21 -46.20 -0.52
CA ASN C 461 -27.31 -46.84 0.19
C ASN C 461 -28.13 -47.65 -0.79
N GLY C 462 -28.56 -48.84 -0.36
CA GLY C 462 -29.16 -49.77 -1.30
C GLY C 462 -28.18 -50.23 -2.35
N TYR C 463 -26.89 -50.19 -2.04
CA TYR C 463 -25.82 -50.51 -2.98
C TYR C 463 -24.90 -51.55 -2.34
N ASN C 464 -24.73 -52.66 -3.04
CA ASN C 464 -23.96 -53.77 -2.48
C ASN C 464 -22.46 -53.51 -2.61
N ARG C 465 -21.70 -54.00 -1.62
CA ARG C 465 -20.27 -53.83 -1.56
C ARG C 465 -19.60 -55.18 -1.30
N GLY C 466 -18.46 -55.39 -1.93
CA GLY C 466 -17.75 -56.64 -1.84
C GLY C 466 -17.17 -56.89 -0.46
N ALA C 467 -16.26 -57.87 -0.41
CA ALA C 467 -15.55 -58.15 0.83
C ALA C 467 -14.69 -56.98 1.29
N HIS C 468 -14.17 -56.18 0.35
CA HIS C 468 -13.52 -54.92 0.68
C HIS C 468 -14.12 -53.82 -0.18
N TYR C 469 -14.30 -52.65 0.41
CA TYR C 469 -14.89 -51.51 -0.28
C TYR C 469 -14.32 -50.24 0.33
N SER C 470 -13.33 -49.65 -0.33
CA SER C 470 -12.75 -48.40 0.16
C SER C 470 -12.85 -47.35 -0.92
N THR C 471 -13.82 -46.45 -0.75
CA THR C 471 -13.93 -45.26 -1.59
C THR C 471 -13.97 -44.04 -0.70
N THR C 472 -13.29 -42.98 -1.11
CA THR C 472 -13.27 -41.75 -0.34
C THR C 472 -14.42 -40.85 -0.79
N LEU C 473 -15.36 -40.63 0.11
CA LEU C 473 -16.45 -39.69 -0.06
C LEU C 473 -15.89 -38.28 0.12
N ARG C 474 -16.16 -37.41 -0.85
CA ARG C 474 -15.71 -36.02 -0.76
C ARG C 474 -16.61 -35.31 0.25
N PHE C 475 -16.47 -35.71 1.51
CA PHE C 475 -17.35 -35.23 2.56
C PHE C 475 -17.02 -33.78 2.89
N LYS C 476 -17.68 -32.85 2.21
CA LYS C 476 -17.31 -31.45 2.27
C LYS C 476 -17.86 -30.82 3.54
N GLY C 477 -17.05 -29.94 4.13
CA GLY C 477 -17.53 -29.12 5.23
C GLY C 477 -18.79 -28.35 4.92
N ASN C 478 -19.07 -28.11 3.64
CA ASN C 478 -20.38 -27.58 3.27
C ASN C 478 -21.50 -28.52 3.69
N VAL C 479 -21.19 -29.78 3.93
CA VAL C 479 -22.15 -30.74 4.49
C VAL C 479 -22.06 -30.68 6.00
N ARG C 480 -23.14 -31.02 6.69
CA ARG C 480 -23.21 -30.87 8.14
C ARG C 480 -23.94 -32.05 8.75
N ASN C 481 -23.66 -32.28 10.05
CA ASN C 481 -24.37 -33.27 10.86
C ASN C 481 -24.38 -34.65 10.21
N ILE C 482 -23.20 -35.23 10.03
CA ILE C 482 -23.10 -36.56 9.42
C ILE C 482 -23.59 -37.60 10.40
N ARG C 483 -24.15 -38.69 9.88
CA ARG C 483 -24.47 -39.87 10.67
C ARG C 483 -24.21 -41.10 9.83
N VAL C 484 -23.72 -42.16 10.47
CA VAL C 484 -23.26 -43.34 9.75
C VAL C 484 -23.91 -44.58 10.32
N LYS C 485 -24.25 -45.52 9.44
CA LYS C 485 -24.61 -46.87 9.82
C LYS C 485 -23.86 -47.85 8.94
N VAL C 486 -23.25 -48.85 9.57
CA VAL C 486 -22.55 -49.91 8.86
C VAL C 486 -23.23 -51.22 9.18
N LEU C 487 -23.58 -51.96 8.13
CA LEU C 487 -24.29 -53.23 8.24
C LEU C 487 -23.32 -54.37 8.02
N GLY C 488 -23.13 -55.19 9.05
CA GLY C 488 -22.58 -56.52 8.86
C GLY C 488 -23.71 -57.53 8.76
N ALA C 489 -24.07 -57.86 7.51
CA ALA C 489 -25.18 -58.75 7.28
C ALA C 489 -24.86 -60.16 7.74
N THR C 490 -25.89 -60.87 8.21
CA THR C 490 -25.72 -62.20 8.78
C THR C 490 -26.36 -63.22 7.85
N GLY C 491 -26.07 -64.49 8.12
CA GLY C 491 -26.66 -65.57 7.34
C GLY C 491 -28.00 -66.05 7.87
N LEU C 492 -28.33 -65.70 9.12
CA LEU C 492 -29.59 -66.13 9.70
C LEU C 492 -30.76 -65.51 8.96
N ALA C 493 -31.82 -66.30 8.77
CA ALA C 493 -33.01 -65.81 8.09
C ALA C 493 -33.69 -64.71 8.89
N TRP C 494 -34.01 -64.97 10.14
CA TRP C 494 -34.58 -63.96 11.03
C TRP C 494 -33.52 -62.91 11.33
N GLU C 495 -33.82 -61.67 10.95
CA GLU C 495 -32.89 -60.55 11.09
C GLU C 495 -31.55 -60.90 10.43
N PRO C 496 -31.48 -60.92 9.10
CA PRO C 496 -30.19 -61.10 8.42
C PRO C 496 -29.24 -59.93 8.57
N TRP C 497 -29.62 -58.92 9.35
CA TRP C 497 -28.82 -57.74 9.58
C TRP C 497 -28.20 -57.81 10.97
N ARG C 498 -26.95 -57.38 11.08
CA ARG C 498 -26.31 -57.15 12.36
C ARG C 498 -25.58 -55.82 12.33
N LEU C 499 -25.82 -55.00 13.34
CA LEU C 499 -25.15 -53.72 13.42
C LEU C 499 -23.76 -53.87 14.04
N ILE C 500 -22.75 -53.42 13.31
CA ILE C 500 -21.40 -53.31 13.84
C ILE C 500 -21.20 -51.92 14.44
N TYR C 501 -21.70 -50.90 13.74
CA TYR C 501 -21.36 -49.53 14.08
C TYR C 501 -22.43 -48.59 13.55
N SER C 502 -22.87 -47.65 14.39
CA SER C 502 -23.78 -46.60 13.96
C SER C 502 -23.55 -45.42 14.88
N LYS C 503 -23.36 -44.24 14.31
CA LYS C 503 -23.03 -43.09 15.13
C LYS C 503 -23.72 -41.85 14.61
N ASN C 504 -24.17 -41.03 15.55
CA ASN C 504 -24.68 -39.69 15.33
C ASN C 504 -23.89 -38.72 16.19
N ASP C 505 -24.01 -37.43 15.86
CA ASP C 505 -23.28 -36.36 16.55
C ASP C 505 -21.77 -36.58 16.44
N LEU C 506 -21.28 -36.70 15.21
CA LEU C 506 -19.90 -36.85 14.80
C LEU C 506 -19.49 -35.69 13.88
N PRO C 507 -18.32 -35.10 14.10
CA PRO C 507 -17.94 -33.91 13.33
C PRO C 507 -17.15 -34.22 12.06
N LEU C 508 -16.93 -33.18 11.26
CA LEU C 508 -16.19 -33.32 10.01
C LEU C 508 -14.77 -33.80 10.27
N VAL C 509 -14.25 -34.61 9.34
CA VAL C 509 -12.91 -35.16 9.43
C VAL C 509 -12.15 -34.89 8.13
N PRO C 510 -10.91 -34.38 8.19
CA PRO C 510 -10.14 -34.15 6.97
C PRO C 510 -9.95 -35.42 6.15
N GLN C 511 -9.39 -36.44 6.79
CA GLN C 511 -9.27 -37.76 6.22
C GLN C 511 -9.75 -38.76 7.26
N ARG C 512 -10.83 -39.47 6.93
CA ARG C 512 -11.48 -40.35 7.88
C ARG C 512 -11.54 -41.75 7.30
N ASN C 513 -10.57 -42.58 7.69
CA ASN C 513 -10.58 -44.00 7.35
C ASN C 513 -11.54 -44.69 8.31
N ILE C 514 -12.78 -44.85 7.87
CA ILE C 514 -13.80 -45.57 8.63
C ILE C 514 -13.78 -47.02 8.16
N SER C 515 -13.18 -47.89 8.97
CA SER C 515 -12.88 -49.25 8.56
C SER C 515 -13.66 -50.23 9.41
N THR C 516 -13.96 -51.38 8.80
CA THR C 516 -14.54 -52.50 9.52
C THR C 516 -13.65 -53.71 9.36
N TRP C 517 -13.71 -54.63 10.31
CA TRP C 517 -12.85 -55.80 10.28
C TRP C 517 -13.53 -56.91 11.07
N GLY C 518 -13.01 -58.12 10.92
CA GLY C 518 -13.56 -59.29 11.55
C GLY C 518 -14.62 -59.95 10.68
N THR C 519 -15.30 -60.91 11.28
CA THR C 519 -16.33 -61.69 10.60
C THR C 519 -17.68 -61.42 11.23
N THR C 520 -18.71 -62.07 10.64
CA THR C 520 -20.09 -61.82 11.04
C THR C 520 -20.30 -62.00 12.53
N LEU C 521 -19.70 -63.01 13.15
CA LEU C 521 -19.90 -63.25 14.56
C LEU C 521 -19.26 -62.19 15.43
N HIS C 522 -18.19 -61.55 14.94
CA HIS C 522 -17.52 -60.48 15.69
C HIS C 522 -17.09 -59.38 14.74
N PRO C 523 -18.02 -58.52 14.35
CA PRO C 523 -17.65 -57.34 13.55
C PRO C 523 -17.08 -56.25 14.44
N GLN C 524 -15.80 -55.96 14.27
CA GLN C 524 -15.13 -54.93 15.05
C GLN C 524 -14.82 -53.75 14.14
N PHE C 525 -14.61 -52.59 14.77
CA PHE C 525 -14.60 -51.33 14.05
C PHE C 525 -13.19 -50.74 14.09
N GLU C 526 -12.97 -49.73 13.25
CA GLU C 526 -11.78 -48.90 13.29
C GLU C 526 -12.19 -47.52 12.81
N ASP C 527 -11.77 -46.48 13.53
CA ASP C 527 -12.07 -45.11 13.14
C ASP C 527 -10.74 -44.34 13.17
N LYS C 528 -10.00 -44.40 12.07
CA LYS C 528 -8.68 -43.80 12.00
C LYS C 528 -8.78 -42.45 11.32
N VAL C 529 -8.02 -41.47 11.82
CA VAL C 529 -7.84 -40.20 11.15
C VAL C 529 -6.37 -40.11 10.77
N VAL C 530 -6.05 -40.58 9.56
CA VAL C 530 -4.66 -40.55 9.10
C VAL C 530 -4.16 -39.12 9.01
N LYS C 531 -5.02 -38.22 8.54
CA LYS C 531 -4.74 -36.78 8.52
C LYS C 531 -3.46 -36.45 7.77
N LEU D 2 -44.41 -15.90 6.12
CA LEU D 2 -45.33 -15.46 7.17
C LEU D 2 -46.32 -16.58 7.52
N GLN D 3 -47.28 -16.81 6.63
CA GLN D 3 -48.22 -17.92 6.77
C GLN D 3 -47.52 -19.18 6.32
N CYS D 4 -47.38 -20.14 7.24
CA CYS D 4 -46.63 -21.35 6.98
C CYS D 4 -47.54 -22.57 7.03
N TYR D 5 -47.06 -23.66 6.46
CA TYR D 5 -47.84 -24.89 6.51
C TYR D 5 -47.74 -25.51 7.89
N ASN D 6 -48.89 -25.90 8.45
CA ASN D 6 -48.92 -26.55 9.75
C ASN D 6 -49.99 -27.63 9.74
N CYS D 7 -49.56 -28.90 9.66
CA CYS D 7 -50.50 -29.96 9.94
C CYS D 7 -49.97 -30.61 11.21
N PRO D 8 -50.75 -30.63 12.29
CA PRO D 8 -50.37 -31.43 13.47
C PRO D 8 -50.43 -32.92 13.21
N ASN D 9 -51.27 -33.34 12.28
CA ASN D 9 -51.37 -34.72 11.83
C ASN D 9 -50.54 -34.93 10.58
N PRO D 10 -49.64 -35.90 10.58
CA PRO D 10 -48.82 -36.16 9.38
C PRO D 10 -49.70 -36.54 8.20
N THR D 11 -49.43 -35.90 7.05
CA THR D 11 -50.23 -36.14 5.86
C THR D 11 -49.35 -36.03 4.62
N ALA D 12 -49.57 -36.95 3.67
CA ALA D 12 -48.89 -36.82 2.38
C ALA D 12 -49.43 -35.62 1.61
N ASP D 13 -50.74 -35.53 1.49
CA ASP D 13 -51.39 -34.36 0.91
C ASP D 13 -51.36 -33.23 1.93
N CYS D 14 -50.39 -32.34 1.80
CA CYS D 14 -50.16 -31.28 2.77
C CYS D 14 -50.95 -30.05 2.35
N LYS D 15 -52.07 -29.81 3.02
CA LYS D 15 -52.99 -28.74 2.65
C LYS D 15 -53.18 -27.67 3.71
N THR D 16 -53.30 -28.04 4.98
CA THR D 16 -53.64 -27.08 6.03
C THR D 16 -52.44 -26.19 6.34
N ALA D 17 -52.44 -25.01 5.71
CA ALA D 17 -51.40 -24.01 5.91
C ALA D 17 -52.03 -22.73 6.43
N VAL D 18 -51.53 -22.25 7.59
CA VAL D 18 -52.13 -21.11 8.26
C VAL D 18 -51.05 -20.16 8.74
N ASN D 19 -51.47 -18.95 9.13
CA ASN D 19 -50.56 -17.94 9.64
C ASN D 19 -50.20 -18.28 11.09
N CYS D 20 -48.91 -18.48 11.34
CA CYS D 20 -48.44 -18.90 12.65
C CYS D 20 -47.40 -17.94 13.22
N SER D 21 -46.94 -18.25 14.43
CA SER D 21 -46.17 -17.32 15.25
C SER D 21 -44.67 -17.49 15.04
N SER D 22 -43.90 -16.92 15.96
CA SER D 22 -42.44 -16.87 15.88
C SER D 22 -41.78 -18.16 16.33
N ASP D 23 -42.54 -19.05 16.99
CA ASP D 23 -41.96 -20.30 17.46
C ASP D 23 -41.24 -21.03 16.34
N PHE D 24 -41.97 -21.39 15.28
CA PHE D 24 -41.34 -21.94 14.10
C PHE D 24 -40.51 -20.87 13.40
N ASP D 25 -39.61 -21.32 12.53
CA ASP D 25 -38.82 -20.38 11.74
C ASP D 25 -38.99 -20.61 10.24
N ALA D 26 -39.43 -21.81 9.85
CA ALA D 26 -39.42 -22.19 8.45
C ALA D 26 -40.37 -23.36 8.22
N CYS D 27 -40.59 -23.69 6.95
CA CYS D 27 -41.50 -24.77 6.57
C CYS D 27 -40.72 -26.08 6.43
N LEU D 28 -41.11 -27.08 7.23
CA LEU D 28 -40.38 -28.34 7.27
C LEU D 28 -41.30 -29.48 6.85
N ILE D 29 -40.95 -30.17 5.77
CA ILE D 29 -41.66 -31.39 5.38
C ILE D 29 -40.70 -32.56 5.53
N THR D 30 -41.21 -33.66 6.05
CA THR D 30 -40.46 -34.89 6.22
C THR D 30 -41.28 -36.05 5.68
N LYS D 31 -40.60 -37.13 5.33
CA LYS D 31 -41.24 -38.35 4.84
C LYS D 31 -40.53 -39.54 5.49
N ALA D 32 -41.32 -40.42 6.08
CA ALA D 32 -40.86 -41.69 6.63
C ALA D 32 -41.73 -42.78 6.02
N GLY D 33 -41.12 -43.62 5.19
CA GLY D 33 -41.87 -44.66 4.50
C GLY D 33 -42.94 -44.03 3.63
N LEU D 34 -44.20 -44.17 4.06
CA LEU D 34 -45.30 -43.50 3.36
C LEU D 34 -45.70 -42.21 4.05
N GLN D 35 -45.60 -42.17 5.38
CA GLN D 35 -46.07 -41.01 6.13
C GLN D 35 -45.29 -39.77 5.75
N VAL D 36 -45.99 -38.64 5.66
CA VAL D 36 -45.40 -37.35 5.33
C VAL D 36 -45.93 -36.34 6.34
N TYR D 37 -45.05 -35.46 6.82
CA TYR D 37 -45.40 -34.49 7.84
C TYR D 37 -44.72 -33.16 7.51
N ASN D 38 -45.50 -32.19 7.07
CA ASN D 38 -45.01 -30.84 6.89
C ASN D 38 -45.60 -29.99 8.01
N LYS D 39 -44.86 -28.97 8.43
CA LYS D 39 -45.22 -28.23 9.62
C LYS D 39 -44.35 -26.99 9.72
N CYS D 40 -44.92 -25.96 10.34
CA CYS D 40 -44.13 -24.87 10.87
C CYS D 40 -43.12 -25.42 11.86
N TRP D 41 -41.84 -25.14 11.61
CA TRP D 41 -40.77 -25.74 12.40
C TRP D 41 -39.70 -24.69 12.68
N LYS D 42 -39.29 -24.62 13.94
CA LYS D 42 -38.20 -23.75 14.36
C LYS D 42 -36.92 -24.23 13.69
N PHE D 43 -36.29 -23.33 12.92
CA PHE D 43 -35.17 -23.76 12.08
C PHE D 43 -33.94 -24.12 12.92
N GLU D 44 -33.81 -23.52 14.11
CA GLU D 44 -32.83 -24.04 15.05
C GLU D 44 -33.24 -25.42 15.55
N HIS D 45 -34.48 -25.54 16.00
CA HIS D 45 -35.11 -26.82 16.28
C HIS D 45 -35.29 -27.65 15.02
N CYS D 46 -34.85 -27.15 13.87
CA CYS D 46 -34.70 -27.97 12.68
C CYS D 46 -33.34 -28.64 12.75
N ASN D 47 -33.36 -29.97 12.87
CA ASN D 47 -32.16 -30.80 12.89
C ASN D 47 -32.64 -32.22 12.74
N PHE D 48 -31.83 -33.04 12.07
CA PHE D 48 -32.15 -34.45 11.95
C PHE D 48 -32.58 -35.03 13.28
N ASN D 49 -31.76 -34.82 14.32
CA ASN D 49 -32.10 -35.30 15.64
C ASN D 49 -33.31 -34.57 16.21
N ASP D 50 -33.39 -33.26 15.96
CA ASP D 50 -34.55 -32.49 16.39
C ASP D 50 -35.84 -33.07 15.83
N VAL D 51 -35.87 -33.32 14.52
CA VAL D 51 -37.07 -33.87 13.90
C VAL D 51 -37.36 -35.28 14.43
N THR D 52 -36.31 -36.09 14.56
CA THR D 52 -36.53 -37.48 14.97
C THR D 52 -37.04 -37.55 16.41
N THR D 53 -36.70 -36.56 17.25
CA THR D 53 -37.17 -36.60 18.62
C THR D 53 -38.56 -36.00 18.76
N ARG D 54 -38.85 -34.90 18.04
CA ARG D 54 -40.20 -34.37 18.08
C ARG D 54 -41.18 -35.22 17.28
N LEU D 55 -40.69 -36.23 16.56
CA LEU D 55 -41.58 -37.14 15.86
C LEU D 55 -41.61 -38.53 16.48
N ARG D 56 -40.76 -38.79 17.47
CA ARG D 56 -40.70 -40.07 18.18
C ARG D 56 -40.29 -41.20 17.24
N GLU D 57 -39.94 -40.86 16.00
CA GLU D 57 -39.52 -41.88 15.04
C GLU D 57 -38.03 -41.73 14.75
N ASN D 58 -37.47 -42.74 14.08
CA ASN D 58 -36.02 -42.83 13.88
C ASN D 58 -35.56 -42.52 12.46
N GLU D 59 -36.08 -43.20 11.45
CA GLU D 59 -35.58 -43.06 10.08
C GLU D 59 -36.54 -42.19 9.27
N LEU D 60 -35.99 -41.22 8.54
CA LEU D 60 -36.81 -40.30 7.76
C LEU D 60 -35.93 -39.55 6.77
N THR D 61 -36.58 -38.72 5.95
CA THR D 61 -35.90 -37.79 5.06
C THR D 61 -36.69 -36.49 5.04
N TYR D 62 -36.03 -35.41 5.45
CA TYR D 62 -36.75 -34.16 5.68
C TYR D 62 -36.05 -33.01 4.97
N TYR D 63 -36.70 -31.86 5.00
CA TYR D 63 -36.21 -30.65 4.38
C TYR D 63 -37.02 -29.49 4.92
N CYS D 64 -36.33 -28.46 5.39
CA CYS D 64 -36.98 -27.26 5.88
C CYS D 64 -36.40 -26.06 5.14
N CYS D 65 -37.29 -25.21 4.65
CA CYS D 65 -36.89 -24.05 3.87
C CYS D 65 -37.40 -22.79 4.56
N LYS D 66 -36.55 -21.76 4.56
CA LYS D 66 -36.80 -20.49 5.23
C LYS D 66 -38.17 -19.90 4.93
N LYS D 67 -38.52 -19.73 3.66
CA LYS D 67 -39.77 -19.07 3.31
C LYS D 67 -40.92 -20.05 3.43
N ASP D 68 -41.98 -19.60 4.09
CA ASP D 68 -43.10 -20.46 4.42
C ASP D 68 -43.82 -20.94 3.16
N LEU D 69 -44.42 -22.13 3.25
CA LEU D 69 -45.21 -22.78 2.21
C LEU D 69 -44.38 -23.29 1.06
N CYS D 70 -43.09 -22.96 1.02
CA CYS D 70 -42.22 -23.39 -0.07
C CYS D 70 -41.70 -24.79 0.12
N ASN D 71 -42.29 -25.56 1.03
CA ASN D 71 -41.79 -26.87 1.38
C ASN D 71 -42.85 -27.92 1.09
N PHE D 72 -42.46 -28.96 0.34
CA PHE D 72 -43.34 -30.04 -0.02
C PHE D 72 -42.50 -31.28 -0.27
N ASN D 73 -43.17 -32.43 -0.26
CA ASN D 73 -42.47 -33.71 -0.24
C ASN D 73 -41.74 -33.98 -1.55
N GLU D 74 -42.43 -33.75 -2.69
CA GLU D 74 -41.89 -34.12 -3.99
C GLU D 74 -40.51 -33.52 -4.26
N GLN D 75 -40.14 -32.43 -3.58
CA GLN D 75 -38.79 -31.92 -3.74
C GLN D 75 -37.74 -32.92 -3.27
N LEU D 76 -38.04 -33.69 -2.23
CA LEU D 76 -37.23 -34.83 -1.88
C LEU D 76 -37.23 -35.81 -3.04
N GLU D 77 -36.13 -36.56 -3.17
CA GLU D 77 -35.99 -37.49 -4.28
C GLU D 77 -37.19 -38.43 -4.36
N ASN D 78 -37.57 -38.76 -5.59
CA ASN D 78 -38.75 -39.58 -5.85
C ASN D 78 -40.01 -38.92 -5.30
N ASN E 59 20.28 57.78 9.94
CA ASN E 59 20.88 57.53 8.64
C ASN E 59 20.63 56.09 8.20
N SER E 60 21.27 55.15 8.87
CA SER E 60 20.97 53.73 8.61
C SER E 60 19.55 53.41 9.02
N GLU E 61 19.01 54.10 10.03
CA GLU E 61 17.61 53.97 10.37
C GLU E 61 16.72 54.55 9.28
N ALA E 62 17.07 55.73 8.75
CA ALA E 62 16.32 56.29 7.65
C ALA E 62 16.50 55.46 6.38
N ALA E 63 17.69 54.88 6.21
CA ALA E 63 17.91 53.97 5.09
C ALA E 63 17.00 52.76 5.19
N LYS E 64 16.93 52.16 6.39
CA LYS E 64 16.02 51.04 6.62
C LYS E 64 14.58 51.44 6.35
N LYS E 65 14.16 52.60 6.88
CA LYS E 65 12.78 53.04 6.70
C LYS E 65 12.45 53.24 5.22
N ALA E 66 13.33 53.93 4.48
CA ALA E 66 13.08 54.19 3.08
C ALA E 66 13.08 52.90 2.27
N LEU E 67 14.01 51.98 2.57
CA LEU E 67 14.06 50.74 1.82
C LEU E 67 12.84 49.87 2.09
N ASN E 68 12.45 49.73 3.37
CA ASN E 68 11.22 49.01 3.68
C ASN E 68 10.01 49.66 3.02
N ASP E 69 9.92 50.99 3.07
CA ASP E 69 8.78 51.69 2.47
C ASP E 69 8.69 51.44 0.97
N TYR E 70 9.77 51.73 0.23
CA TYR E 70 9.76 51.53 -1.21
C TYR E 70 9.56 50.07 -1.56
N ILE E 71 10.17 49.16 -0.81
CA ILE E 71 10.11 47.75 -1.15
C ILE E 71 8.73 47.20 -0.86
N TRP E 72 8.02 47.82 0.07
CA TRP E 72 6.61 47.53 0.26
C TRP E 72 5.78 48.10 -0.89
N GLY E 73 6.09 49.34 -1.31
CA GLY E 73 5.51 49.85 -2.54
C GLY E 73 5.93 49.05 -3.75
N LEU E 74 7.14 48.51 -3.73
CA LEU E 74 7.54 47.51 -4.71
C LEU E 74 6.68 46.26 -4.54
N GLN E 75 6.26 45.68 -5.65
CA GLN E 75 5.33 44.57 -5.63
C GLN E 75 5.34 43.86 -6.98
N TYR E 76 5.23 42.53 -6.94
CA TYR E 76 5.22 41.75 -8.16
C TYR E 76 4.76 40.34 -7.83
N ASP E 77 4.11 39.70 -8.80
CA ASP E 77 3.86 38.27 -8.71
C ASP E 77 5.17 37.53 -8.92
N LYS E 78 5.88 37.26 -7.82
CA LYS E 78 7.27 36.82 -7.91
C LYS E 78 7.43 35.61 -8.81
N LEU E 79 6.44 34.72 -8.84
CA LEU E 79 6.51 33.58 -9.74
C LEU E 79 6.36 33.98 -11.20
N ASN E 80 5.66 35.09 -11.46
CA ASN E 80 5.49 35.56 -12.83
C ASN E 80 6.84 35.94 -13.41
N ILE E 81 7.62 36.72 -12.66
CA ILE E 81 8.96 37.08 -13.12
C ILE E 81 9.87 35.87 -13.09
N LEU E 82 9.48 34.82 -12.37
CA LEU E 82 10.36 33.67 -12.18
C LEU E 82 9.71 32.38 -12.66
N THR E 83 8.88 32.47 -13.69
CA THR E 83 8.36 31.30 -14.38
C THR E 83 9.06 31.18 -15.72
N HIS E 84 9.44 29.96 -16.07
CA HIS E 84 10.22 29.70 -17.28
C HIS E 84 9.53 28.66 -18.13
N GLN E 85 9.73 28.75 -19.44
CA GLN E 85 9.28 27.74 -20.39
C GLN E 85 10.44 27.35 -21.29
N GLY E 86 10.58 26.05 -21.57
CA GLY E 86 11.60 25.59 -22.49
C GLY E 86 11.03 25.31 -23.86
N GLU E 87 11.36 24.16 -24.43
CA GLU E 87 10.80 23.78 -25.72
C GLU E 87 9.29 23.60 -25.63
N LYS E 88 8.64 23.71 -26.79
CA LYS E 88 7.22 23.43 -26.92
C LYS E 88 7.00 22.62 -28.18
N LEU E 89 6.14 21.60 -28.08
CA LEU E 89 5.89 20.72 -29.22
C LEU E 89 4.39 20.72 -29.53
N LYS E 90 4.08 20.73 -30.82
CA LYS E 90 2.71 20.63 -31.29
C LYS E 90 2.17 19.24 -30.99
N ASN E 91 0.84 19.10 -31.09
CA ASN E 91 0.14 17.90 -30.65
C ASN E 91 0.44 16.75 -31.61
N HIS E 92 1.64 16.18 -31.49
CA HIS E 92 2.03 15.01 -32.25
C HIS E 92 2.40 13.87 -31.31
N SER E 93 1.90 12.68 -31.63
CA SER E 93 2.31 11.44 -31.00
C SER E 93 2.10 10.33 -32.01
N SER E 94 3.02 9.37 -32.03
CA SER E 94 2.89 8.30 -33.01
C SER E 94 3.80 7.14 -32.64
N ARG E 95 3.32 5.93 -32.92
CA ARG E 95 4.13 4.72 -32.84
C ARG E 95 4.45 4.24 -34.23
N GLU E 96 5.74 3.99 -34.51
CA GLU E 96 6.19 3.59 -35.83
C GLU E 96 7.29 2.55 -35.70
N ALA E 97 7.26 1.54 -36.58
CA ALA E 97 8.24 0.46 -36.56
C ALA E 97 9.24 0.67 -37.68
N PHE E 98 10.31 -0.12 -37.66
CA PHE E 98 11.36 -0.06 -38.68
C PHE E 98 12.15 -1.36 -38.69
N HIS E 99 12.45 -1.84 -39.89
CA HIS E 99 13.20 -3.08 -40.07
C HIS E 99 14.58 -2.76 -40.62
N ARG E 100 15.54 -3.63 -40.33
CA ARG E 100 16.96 -3.42 -40.60
C ARG E 100 17.56 -4.79 -40.88
N PRO E 101 18.71 -4.86 -41.54
CA PRO E 101 19.23 -6.20 -41.87
C PRO E 101 19.66 -6.94 -40.62
N GLY E 102 18.82 -7.89 -40.21
CA GLY E 102 18.99 -8.58 -38.95
C GLY E 102 18.54 -7.82 -37.72
N GLU E 103 17.68 -6.80 -37.86
CA GLU E 103 17.24 -6.00 -36.73
C GLU E 103 15.79 -5.53 -36.95
N TYR E 104 15.11 -5.26 -35.84
CA TYR E 104 13.73 -4.73 -35.86
C TYR E 104 13.54 -3.83 -34.64
N VAL E 105 12.86 -2.70 -34.84
CA VAL E 105 12.67 -1.69 -33.80
C VAL E 105 11.24 -1.16 -33.88
N VAL E 106 10.70 -0.77 -32.72
CA VAL E 106 9.45 -0.03 -32.65
C VAL E 106 9.69 1.19 -31.77
N CYS E 107 9.35 2.37 -32.28
CA CYS E 107 9.43 3.62 -31.53
C CYS E 107 8.02 4.05 -31.13
N GLU E 108 7.89 4.58 -29.93
CA GLU E 108 6.69 5.29 -29.50
C GLU E 108 7.11 6.73 -29.19
N LYS E 109 7.10 7.58 -30.21
CA LYS E 109 7.43 8.98 -30.01
C LYS E 109 6.19 9.69 -29.49
N LYS E 110 6.20 9.98 -28.19
CA LYS E 110 5.04 10.52 -27.49
C LYS E 110 5.46 11.80 -26.79
N LYS E 111 4.51 12.72 -26.67
CA LYS E 111 4.79 14.03 -26.09
C LYS E 111 5.42 13.89 -24.72
N GLN E 112 6.52 14.63 -24.51
CA GLN E 112 7.12 14.75 -23.18
C GLN E 112 6.92 16.19 -22.73
N SER E 113 6.29 16.36 -21.58
CA SER E 113 5.96 17.68 -21.09
C SER E 113 6.11 17.71 -19.57
N ILE E 114 6.89 18.66 -19.09
CA ILE E 114 7.19 18.78 -17.67
C ILE E 114 7.27 20.25 -17.31
N SER E 115 6.65 20.62 -16.20
CA SER E 115 6.77 21.97 -15.64
C SER E 115 7.17 21.82 -14.18
N ASN E 116 8.46 21.66 -13.93
CA ASN E 116 8.99 21.40 -12.61
C ASN E 116 9.73 22.63 -12.11
N ALA E 117 9.86 22.75 -10.79
CA ALA E 117 10.37 23.96 -10.17
C ALA E 117 10.99 23.63 -8.83
N THR E 118 11.66 24.62 -8.24
CA THR E 118 12.27 24.45 -6.92
C THR E 118 12.73 25.81 -6.41
N SER E 119 13.44 25.78 -5.29
CA SER E 119 14.17 26.93 -4.79
C SER E 119 15.63 26.61 -4.51
N LYS E 120 16.07 25.38 -4.77
CA LYS E 120 17.48 25.11 -4.85
C LYS E 120 18.01 25.60 -6.20
N LEU E 121 19.04 26.44 -6.15
CA LEU E 121 19.59 27.04 -7.36
C LEU E 121 20.99 26.50 -7.55
N SER E 122 21.42 26.37 -8.81
CA SER E 122 22.68 25.71 -9.11
C SER E 122 23.85 26.62 -8.78
N VAL E 123 25.04 26.03 -8.72
CA VAL E 123 26.28 26.78 -8.49
C VAL E 123 27.27 26.36 -9.56
N SER E 124 27.46 27.23 -10.54
CA SER E 124 28.37 26.97 -11.65
C SER E 124 29.20 28.21 -11.91
N SER E 125 30.23 28.05 -12.74
CA SER E 125 31.21 29.09 -13.03
C SER E 125 30.58 30.45 -13.30
N ALA E 126 29.71 30.54 -14.32
CA ALA E 126 29.09 31.81 -14.67
C ALA E 126 28.29 32.39 -13.52
N ASN E 127 27.96 31.60 -12.52
CA ASN E 127 27.24 32.08 -11.34
C ASN E 127 28.05 31.91 -10.07
N ASP E 128 29.24 31.30 -10.15
CA ASP E 128 30.08 31.14 -8.97
C ASP E 128 30.42 32.49 -8.33
N ASP E 129 30.16 33.60 -9.03
CA ASP E 129 30.57 34.92 -8.60
C ASP E 129 29.92 35.36 -7.29
N ARG E 130 28.82 34.74 -6.87
CA ARG E 130 28.08 35.19 -5.70
C ARG E 130 27.78 34.07 -4.70
N ILE E 131 28.69 33.09 -4.57
CA ILE E 131 28.62 32.12 -3.48
C ILE E 131 28.93 32.88 -2.17
N PHE E 132 28.85 32.15 -1.05
CA PHE E 132 28.87 32.79 0.27
C PHE E 132 27.62 33.65 0.40
N PRO E 133 26.48 33.02 0.71
CA PRO E 133 25.18 33.64 0.46
C PRO E 133 25.00 34.97 1.19
N GLY E 134 23.89 35.61 0.88
CA GLY E 134 23.67 36.99 1.24
C GLY E 134 23.93 37.95 0.11
N ALA E 135 24.41 37.46 -1.03
CA ALA E 135 24.65 38.34 -2.16
C ALA E 135 23.33 38.75 -2.78
N LEU E 136 22.76 39.83 -2.28
CA LEU E 136 21.48 40.35 -2.72
C LEU E 136 21.49 40.55 -4.23
N LEU E 137 20.43 40.09 -4.89
CA LEU E 137 20.35 40.21 -6.34
C LEU E 137 19.13 41.04 -6.70
N LYS E 138 18.89 41.22 -7.99
CA LYS E 138 17.68 41.85 -8.47
C LYS E 138 16.96 40.93 -9.44
N ALA E 139 15.70 40.63 -9.14
CA ALA E 139 14.98 39.57 -9.84
C ALA E 139 14.97 39.82 -11.34
N ASP E 140 15.56 38.90 -12.09
CA ASP E 140 15.66 39.06 -13.53
C ASP E 140 15.61 37.68 -14.18
N GLN E 141 15.45 37.68 -15.50
CA GLN E 141 15.52 36.43 -16.24
C GLN E 141 16.96 35.98 -16.38
N SER E 142 17.91 36.93 -16.36
CA SER E 142 19.29 36.60 -16.09
C SER E 142 19.39 35.72 -14.85
N LEU E 143 18.76 36.17 -13.76
CA LEU E 143 18.67 35.35 -12.55
C LEU E 143 17.90 34.06 -12.82
N LEU E 144 16.80 34.17 -13.56
CA LEU E 144 16.07 32.97 -13.98
C LEU E 144 17.00 31.98 -14.67
N GLU E 145 17.76 32.42 -15.66
CA GLU E 145 18.71 31.53 -16.28
C GLU E 145 20.13 31.76 -15.77
N ASN E 146 20.27 32.03 -14.47
CA ASN E 146 21.54 31.91 -13.75
C ASN E 146 22.57 32.96 -14.17
N LEU E 147 22.16 34.22 -14.04
CA LEU E 147 23.09 35.33 -14.15
C LEU E 147 22.81 36.34 -13.06
N PRO E 148 23.68 36.48 -12.07
CA PRO E 148 23.42 37.41 -10.96
C PRO E 148 23.93 38.81 -11.24
N THR E 149 23.41 39.76 -10.47
CA THR E 149 23.68 41.17 -10.70
C THR E 149 24.55 41.74 -9.57
N LEU E 150 25.81 41.96 -9.87
CA LEU E 150 26.72 42.57 -8.90
C LEU E 150 26.42 44.06 -8.76
N ILE E 151 26.76 44.62 -7.60
CA ILE E 151 26.34 45.98 -7.27
C ILE E 151 27.29 46.57 -6.24
N PRO E 152 28.03 47.66 -6.56
CA PRO E 152 29.01 48.21 -5.61
C PRO E 152 28.37 48.93 -4.44
N VAL E 153 27.51 48.22 -3.72
CA VAL E 153 26.73 48.80 -2.62
C VAL E 153 27.48 48.65 -1.29
N ASN E 154 27.48 49.71 -0.50
CA ASN E 154 27.90 49.64 0.89
C ASN E 154 26.97 48.68 1.64
N ARG E 155 27.54 47.60 2.16
CA ARG E 155 26.74 46.55 2.78
C ARG E 155 26.96 46.54 4.29
N GLY E 156 25.85 46.38 5.03
CA GLY E 156 25.87 46.54 6.47
C GLY E 156 26.01 45.23 7.22
N LYS E 157 26.34 45.35 8.50
CA LYS E 157 26.66 44.17 9.30
C LYS E 157 25.46 43.26 9.41
N THR E 158 25.71 41.96 9.30
CA THR E 158 24.71 40.94 9.52
C THR E 158 25.40 39.71 10.07
N THR E 159 24.65 38.89 10.80
CA THR E 159 25.15 37.63 11.30
C THR E 159 24.99 36.56 10.22
N ILE E 160 26.08 35.88 9.91
CA ILE E 160 26.10 34.78 8.96
C ILE E 160 26.58 33.54 9.68
N SER E 161 25.91 32.42 9.43
CA SER E 161 26.13 31.19 10.21
C SER E 161 26.12 29.99 9.26
N VAL E 162 27.18 29.18 9.34
CA VAL E 162 27.28 27.95 8.55
C VAL E 162 27.14 26.77 9.50
N ASN E 163 26.44 25.73 9.07
CA ASN E 163 26.13 24.59 9.95
C ASN E 163 27.02 23.41 9.57
N LEU E 164 27.54 22.67 10.62
CA LEU E 164 28.46 21.55 10.47
C LEU E 164 28.07 20.39 11.40
N PRO E 165 28.42 19.17 11.02
CA PRO E 165 28.25 18.03 11.94
C PRO E 165 29.24 18.09 13.10
N GLY E 166 28.71 17.95 14.32
CA GLY E 166 29.55 17.87 15.50
C GLY E 166 30.13 19.18 15.97
N LEU E 167 29.71 20.29 15.36
CA LEU E 167 30.43 21.56 15.47
C LEU E 167 30.61 22.01 16.91
N LYS E 168 31.65 22.82 17.13
CA LYS E 168 31.92 23.41 18.43
C LYS E 168 30.71 24.14 18.97
N ASN E 169 30.70 24.36 20.27
CA ASN E 169 29.66 25.11 20.97
C ASN E 169 29.31 26.40 20.23
N GLY E 170 30.29 27.29 20.07
CA GLY E 170 29.99 28.61 19.55
C GLY E 170 30.64 28.93 18.22
N GLU E 171 31.11 27.91 17.50
CA GLU E 171 31.76 28.12 16.22
C GLU E 171 30.83 27.80 15.04
N SER E 172 29.55 28.11 15.17
CA SER E 172 28.66 28.20 14.04
C SER E 172 28.16 29.60 13.80
N ASN E 173 28.46 30.52 14.71
CA ASN E 173 28.01 31.90 14.63
C ASN E 173 29.11 32.79 14.08
N LEU E 174 28.74 33.63 13.12
CA LEU E 174 29.67 34.60 12.53
C LEU E 174 28.94 35.91 12.31
N THR E 175 29.70 36.99 12.20
CA THR E 175 29.13 38.27 11.81
C THR E 175 30.09 38.93 10.84
N VAL E 176 29.54 39.73 9.92
CA VAL E 176 30.34 40.48 8.96
C VAL E 176 29.79 41.90 8.89
N GLU E 177 30.69 42.88 9.00
CA GLU E 177 30.28 44.28 8.96
C GLU E 177 29.96 44.72 7.53
N ASN E 178 30.91 44.57 6.63
CA ASN E 178 30.68 44.85 5.22
C ASN E 178 30.71 43.52 4.47
N PRO E 179 29.55 42.94 4.20
CA PRO E 179 29.49 41.74 3.37
C PRO E 179 30.18 41.98 2.04
N SER E 180 31.20 41.17 1.76
CA SER E 180 31.85 41.14 0.46
C SER E 180 32.47 39.77 0.31
N ASN E 181 32.53 39.29 -0.94
CA ASN E 181 33.01 37.94 -1.19
C ASN E 181 34.36 37.71 -0.51
N SER E 182 35.23 38.71 -0.53
CA SER E 182 36.50 38.59 0.18
C SER E 182 36.29 38.51 1.69
N THR E 183 35.50 39.45 2.24
CA THR E 183 35.30 39.49 3.69
C THR E 183 34.63 38.21 4.19
N VAL E 184 33.41 37.95 3.72
CA VAL E 184 32.68 36.78 4.17
C VAL E 184 33.43 35.51 3.80
N ARG E 185 34.17 35.54 2.68
CA ARG E 185 34.94 34.38 2.27
C ARG E 185 36.02 34.06 3.28
N THR E 186 36.76 35.07 3.74
CA THR E 186 37.76 34.85 4.76
C THR E 186 37.13 34.42 6.08
N ALA E 187 35.98 35.00 6.43
CA ALA E 187 35.30 34.60 7.66
C ALA E 187 34.98 33.11 7.64
N VAL E 188 34.32 32.64 6.58
CA VAL E 188 33.91 31.24 6.53
C VAL E 188 35.13 30.34 6.32
N ASN E 189 36.14 30.82 5.59
CA ASN E 189 37.39 30.09 5.48
C ASN E 189 37.97 29.81 6.85
N ASN E 190 38.06 30.84 7.71
CA ASN E 190 38.65 30.64 9.02
C ASN E 190 37.79 29.74 9.90
N LEU E 191 36.47 29.88 9.81
CA LEU E 191 35.59 28.99 10.58
C LEU E 191 35.77 27.52 10.17
N VAL E 192 35.67 27.24 8.87
CA VAL E 192 35.78 25.86 8.42
C VAL E 192 37.20 25.35 8.61
N GLU E 193 38.17 26.26 8.68
CA GLU E 193 39.54 25.84 8.97
C GLU E 193 39.67 25.42 10.43
N LYS E 194 39.06 26.18 11.34
CA LYS E 194 38.95 25.74 12.73
C LYS E 194 38.36 24.34 12.80
N TRP E 195 37.21 24.14 12.17
CA TRP E 195 36.58 22.84 12.28
C TRP E 195 37.28 21.77 11.46
N ILE E 196 38.18 22.16 10.55
CA ILE E 196 38.89 21.17 9.75
C ILE E 196 40.14 20.69 10.46
N GLN E 197 40.75 21.57 11.27
CA GLN E 197 41.87 21.14 12.10
C GLN E 197 41.42 20.52 13.41
N ASN E 198 40.20 20.84 13.87
CA ASN E 198 39.77 20.42 15.18
C ASN E 198 39.23 19.00 15.19
N TYR E 199 38.39 18.66 14.22
CA TYR E 199 37.57 17.45 14.35
C TYR E 199 37.67 16.53 13.14
N SER E 200 38.12 17.02 11.98
CA SER E 200 38.03 16.26 10.74
C SER E 200 38.82 14.95 10.77
N LYS E 201 39.50 14.62 11.88
CA LYS E 201 40.11 13.31 12.01
C LYS E 201 39.04 12.24 12.21
N THR E 202 38.03 12.55 13.03
CA THR E 202 36.89 11.67 13.24
C THR E 202 35.63 12.15 12.55
N HIS E 203 35.76 12.73 11.36
CA HIS E 203 34.64 13.38 10.69
C HIS E 203 33.83 12.37 9.87
N ALA E 204 32.53 12.31 10.13
CA ALA E 204 31.66 11.42 9.36
C ALA E 204 30.45 12.21 8.87
N VAL E 205 29.89 11.74 7.77
CA VAL E 205 28.91 12.50 6.99
C VAL E 205 27.50 12.02 7.34
N PRO E 206 26.48 12.90 7.28
CA PRO E 206 25.10 12.41 7.36
C PRO E 206 24.62 11.85 6.04
N ALA E 207 25.51 11.14 5.33
CA ALA E 207 25.16 10.15 4.31
C ALA E 207 24.03 10.62 3.38
N ARG E 208 23.98 11.93 3.13
CA ARG E 208 22.89 12.51 2.34
C ARG E 208 23.13 12.16 0.87
N MET E 209 22.96 10.87 0.56
CA MET E 209 23.09 10.37 -0.80
C MET E 209 21.82 10.70 -1.56
N GLN E 210 21.82 11.81 -2.30
CA GLN E 210 20.68 12.20 -3.13
C GLN E 210 20.93 11.72 -4.56
N TYR E 211 21.04 10.41 -4.72
CA TYR E 211 21.29 9.78 -6.01
C TYR E 211 20.08 10.04 -6.89
N GLU E 212 20.33 10.45 -8.14
CA GLU E 212 19.26 10.80 -9.07
C GLU E 212 19.55 10.20 -10.42
N SER E 213 18.53 9.72 -11.10
CA SER E 213 18.67 9.22 -12.45
C SER E 213 17.46 9.68 -13.26
N ILE E 214 17.69 10.02 -14.53
CA ILE E 214 16.61 10.44 -15.40
C ILE E 214 16.93 10.02 -16.82
N SER E 215 15.87 9.77 -17.59
CA SER E 215 15.98 9.66 -19.04
C SER E 215 16.33 11.03 -19.62
N ALA E 216 17.53 11.14 -20.17
CA ALA E 216 17.98 12.38 -20.77
C ALA E 216 17.62 12.40 -22.27
N GLN E 217 16.36 12.11 -22.53
CA GLN E 217 15.85 12.11 -23.89
C GLN E 217 15.72 13.49 -24.48
N SER E 218 15.33 14.48 -23.69
CA SER E 218 15.21 15.86 -24.14
C SER E 218 16.24 16.71 -23.43
N MET E 219 16.59 17.85 -24.03
CA MET E 219 17.44 18.81 -23.34
C MET E 219 16.62 19.86 -22.60
N SER E 220 15.54 20.35 -23.21
CA SER E 220 14.69 21.28 -22.49
C SER E 220 14.05 20.60 -21.28
N GLN E 221 13.90 19.28 -21.33
CA GLN E 221 13.49 18.57 -20.12
C GLN E 221 14.55 18.70 -19.04
N LEU E 222 15.82 18.75 -19.43
CA LEU E 222 16.89 18.95 -18.46
C LEU E 222 17.08 20.43 -18.16
N GLN E 223 16.38 21.29 -18.91
CA GLN E 223 16.34 22.71 -18.59
C GLN E 223 15.23 22.99 -17.58
N ALA E 224 14.18 22.19 -17.61
CA ALA E 224 13.09 22.35 -16.66
C ALA E 224 13.39 21.60 -15.36
N LYS E 225 13.65 20.30 -15.46
CA LYS E 225 13.84 19.50 -14.25
C LYS E 225 15.05 19.98 -13.45
N PHE E 226 16.25 19.87 -14.01
CA PHE E 226 17.45 20.21 -13.26
C PHE E 226 17.74 21.70 -13.27
N GLY E 227 17.08 22.47 -14.13
CA GLY E 227 17.28 23.91 -14.13
C GLY E 227 17.82 24.48 -15.42
N ALA E 228 17.69 25.79 -15.58
CA ALA E 228 18.12 26.50 -16.79
C ALA E 228 19.63 26.47 -16.97
N ASP E 229 20.38 26.73 -15.88
CA ASP E 229 21.82 26.88 -15.98
C ASP E 229 22.49 25.61 -16.52
N PHE E 230 21.90 24.45 -16.25
CA PHE E 230 22.46 23.20 -16.75
C PHE E 230 22.71 23.26 -18.25
N SER E 231 21.97 24.11 -18.96
CA SER E 231 22.17 24.31 -20.39
C SER E 231 23.65 24.44 -20.73
N LYS E 232 24.42 25.11 -19.88
CA LYS E 232 25.85 25.23 -20.12
C LYS E 232 26.62 24.06 -19.51
N VAL E 233 26.23 23.64 -18.30
CA VAL E 233 27.03 22.64 -17.58
C VAL E 233 26.87 21.26 -18.20
N GLY E 234 25.77 21.05 -18.92
CA GLY E 234 25.64 19.85 -19.70
C GLY E 234 26.28 19.91 -21.06
N ALA E 235 26.60 21.13 -21.53
CA ALA E 235 27.29 21.27 -22.81
C ALA E 235 28.57 20.44 -22.87
N PRO E 236 29.40 20.38 -21.81
CA PRO E 236 30.53 19.44 -21.86
C PRO E 236 30.09 18.00 -21.62
N LEU E 237 28.97 17.78 -20.92
CA LEU E 237 28.53 16.42 -20.67
C LEU E 237 27.99 15.77 -21.94
N ASN E 238 27.55 16.60 -22.89
CA ASN E 238 27.10 16.15 -24.21
C ASN E 238 25.86 15.26 -24.12
N VAL E 239 24.80 15.76 -23.51
CA VAL E 239 23.51 15.07 -23.50
C VAL E 239 22.91 15.23 -24.90
N ASP E 240 23.10 14.23 -25.75
CA ASP E 240 22.68 14.32 -27.15
C ASP E 240 21.19 13.94 -27.22
N PHE E 241 20.37 14.89 -26.75
CA PHE E 241 18.93 14.73 -26.78
C PHE E 241 18.41 14.75 -28.22
N SER E 242 19.08 15.50 -29.11
CA SER E 242 18.62 15.62 -30.47
C SER E 242 18.56 14.27 -31.17
N SER E 243 19.63 13.48 -31.01
CA SER E 243 19.62 12.11 -31.52
C SER E 243 18.44 11.32 -30.98
N VAL E 244 18.14 11.51 -29.69
CA VAL E 244 16.99 10.82 -29.11
C VAL E 244 15.72 11.21 -29.85
N HIS E 245 15.56 12.51 -30.12
CA HIS E 245 14.41 12.94 -30.92
C HIS E 245 14.43 12.30 -32.31
N LYS E 246 15.61 12.16 -32.91
CA LYS E 246 15.74 11.42 -34.14
C LYS E 246 15.59 9.92 -33.93
N CYS E 247 15.38 9.50 -32.68
CA CYS E 247 15.01 8.12 -32.37
C CYS E 247 16.14 7.15 -32.70
N GLU E 248 17.38 7.60 -32.55
CA GLU E 248 18.53 6.76 -32.87
C GLU E 248 19.33 6.36 -31.64
N LYS E 249 19.52 7.27 -30.68
CA LYS E 249 20.48 7.09 -29.61
C LYS E 249 19.84 7.40 -28.26
N GLN E 250 20.37 6.77 -27.21
CA GLN E 250 19.77 6.82 -25.88
C GLN E 250 20.74 7.47 -24.89
N VAL E 251 20.21 8.42 -24.10
CA VAL E 251 20.99 9.24 -23.18
C VAL E 251 20.37 9.13 -21.79
N PHE E 252 21.14 8.64 -20.82
CA PHE E 252 20.64 8.55 -19.44
C PHE E 252 21.57 9.29 -18.50
N ILE E 253 21.02 10.21 -17.70
CA ILE E 253 21.86 11.03 -16.83
C ILE E 253 21.70 10.52 -15.40
N ALA E 254 22.80 10.50 -14.66
CA ALA E 254 22.85 10.11 -13.26
C ALA E 254 23.63 11.16 -12.48
N ASN E 255 22.92 11.84 -11.59
CA ASN E 255 23.49 12.88 -10.75
C ASN E 255 23.61 12.33 -9.33
N PHE E 256 24.83 12.00 -8.92
CA PHE E 256 25.10 11.80 -7.50
C PHE E 256 25.34 13.18 -6.92
N ARG E 257 24.76 13.44 -5.76
CA ARG E 257 24.93 14.69 -5.06
C ARG E 257 25.19 14.39 -3.60
N GLN E 258 25.73 15.37 -2.87
CA GLN E 258 25.98 15.19 -1.45
C GLN E 258 26.31 16.52 -0.80
N VAL E 259 25.68 16.82 0.34
CA VAL E 259 26.04 18.04 1.05
C VAL E 259 27.09 17.72 2.11
N TYR E 260 28.06 18.64 2.25
CA TYR E 260 29.11 18.51 3.24
C TYR E 260 28.86 19.56 4.31
N TYR E 261 28.30 20.70 3.91
CA TYR E 261 27.67 21.64 4.84
C TYR E 261 26.86 22.66 4.06
N THR E 262 26.38 23.70 4.74
CA THR E 262 25.68 24.78 4.07
C THR E 262 25.66 25.99 4.98
N ALA E 263 25.13 27.08 4.44
CA ALA E 263 25.29 28.42 5.02
C ALA E 263 23.92 29.06 5.23
N SER E 264 23.88 30.14 6.00
CA SER E 264 22.64 30.75 6.46
C SER E 264 22.88 32.21 6.81
N VAL E 265 21.84 33.01 6.70
CA VAL E 265 21.91 34.43 7.02
C VAL E 265 20.74 34.79 7.91
N ASP E 266 20.93 35.78 8.77
CA ASP E 266 19.85 36.25 9.63
C ASP E 266 18.74 36.87 8.79
N SER E 267 17.56 36.95 9.39
CA SER E 267 16.41 37.54 8.70
C SER E 267 16.61 39.05 8.59
N PRO E 268 16.54 39.59 7.40
CA PRO E 268 16.66 41.04 7.25
C PRO E 268 15.42 41.75 7.75
N ASN E 269 15.51 42.38 8.93
CA ASN E 269 14.42 43.23 9.36
C ASN E 269 14.21 44.39 8.40
N SER E 270 15.24 44.73 7.62
CA SER E 270 15.20 45.79 6.64
C SER E 270 15.96 45.35 5.40
N PRO E 271 15.61 45.89 4.23
CA PRO E 271 16.54 45.76 3.10
C PRO E 271 17.85 46.47 3.37
N SER E 272 17.80 47.66 3.97
CA SER E 272 19.02 48.36 4.36
C SER E 272 19.67 47.74 5.59
N ALA E 273 19.03 46.78 6.24
CA ALA E 273 19.75 45.92 7.16
C ALA E 273 20.86 45.15 6.46
N LEU E 274 20.78 45.05 5.13
CA LEU E 274 21.90 44.61 4.30
C LEU E 274 22.83 45.74 3.91
N PHE E 275 22.29 46.89 3.52
CA PHE E 275 23.10 48.04 3.14
C PHE E 275 23.92 48.55 4.32
N GLY E 276 25.08 49.12 4.02
CA GLY E 276 25.92 49.67 5.06
C GLY E 276 25.19 50.69 5.91
N SER E 277 24.93 51.87 5.35
CA SER E 277 24.18 52.90 6.04
C SER E 277 23.82 54.04 5.10
N GLY E 278 22.60 54.56 5.22
CA GLY E 278 22.20 55.76 4.51
C GLY E 278 21.79 55.57 3.06
N ILE E 279 21.51 54.35 2.62
CA ILE E 279 21.04 54.16 1.26
C ILE E 279 19.70 54.89 1.07
N THR E 280 19.53 55.49 -0.10
CA THR E 280 18.28 56.09 -0.52
C THR E 280 17.70 55.23 -1.63
N PRO E 281 16.37 55.21 -1.79
CA PRO E 281 15.79 54.40 -2.87
C PRO E 281 16.34 54.72 -4.24
N THR E 282 16.47 56.01 -4.58
CA THR E 282 16.96 56.36 -5.91
C THR E 282 18.40 55.92 -6.12
N ASP E 283 19.14 55.69 -5.03
CA ASP E 283 20.45 55.06 -5.16
C ASP E 283 20.33 53.66 -5.71
N LEU E 284 19.59 52.80 -5.00
CA LEU E 284 19.36 51.43 -5.48
C LEU E 284 18.81 51.43 -6.90
N ILE E 285 17.94 52.40 -7.20
CA ILE E 285 17.51 52.63 -8.58
C ILE E 285 18.70 52.80 -9.49
N ASN E 286 19.58 53.77 -9.20
CA ASN E 286 20.79 53.94 -9.98
C ASN E 286 21.70 52.72 -9.86
N ARG E 287 21.67 52.06 -8.71
CA ARG E 287 22.44 50.84 -8.48
C ARG E 287 21.95 49.66 -9.32
N GLY E 288 20.90 49.86 -10.11
CA GLY E 288 20.37 48.84 -10.99
C GLY E 288 19.21 48.06 -10.44
N VAL E 289 19.17 47.82 -9.11
CA VAL E 289 18.05 47.10 -8.53
C VAL E 289 16.84 48.02 -8.45
N ASN E 290 15.78 47.66 -9.17
CA ASN E 290 14.63 48.54 -9.32
C ASN E 290 13.35 47.75 -9.13
N SER E 291 12.23 48.38 -9.48
CA SER E 291 10.93 47.74 -9.31
C SER E 291 10.73 46.62 -10.32
N LYS E 292 11.01 46.87 -11.59
CA LYS E 292 10.92 45.84 -12.63
C LYS E 292 11.82 44.66 -12.36
N THR E 293 13.01 44.89 -11.78
CA THR E 293 13.90 43.82 -11.36
C THR E 293 14.07 43.90 -9.84
N PRO E 294 13.06 43.46 -9.10
CA PRO E 294 13.04 43.68 -7.64
C PRO E 294 14.17 42.94 -6.96
N PRO E 295 14.59 43.40 -5.78
CA PRO E 295 15.66 42.73 -5.06
C PRO E 295 15.22 41.42 -4.44
N VAL E 296 16.16 40.49 -4.44
CA VAL E 296 15.95 39.13 -3.96
C VAL E 296 17.04 38.83 -2.94
N TYR E 297 16.61 38.42 -1.75
CA TYR E 297 17.49 38.25 -0.60
C TYR E 297 17.97 36.81 -0.52
N VAL E 298 19.21 36.59 -0.96
CA VAL E 298 19.80 35.25 -0.94
C VAL E 298 19.83 34.79 0.51
N SER E 299 19.61 33.49 0.73
CA SER E 299 19.52 32.99 2.08
C SER E 299 20.43 31.78 2.34
N ASN E 300 20.87 31.09 1.29
CA ASN E 300 21.62 29.88 1.51
C ASN E 300 22.39 29.48 0.26
N VAL E 301 23.62 29.01 0.47
CA VAL E 301 24.36 28.27 -0.54
C VAL E 301 24.73 26.93 0.07
N SER E 302 24.62 25.87 -0.73
CA SER E 302 24.97 24.56 -0.26
C SER E 302 26.30 24.14 -0.89
N TYR E 303 27.14 23.51 -0.07
CA TYR E 303 28.49 23.15 -0.46
C TYR E 303 28.67 21.65 -0.28
N GLY E 304 29.31 21.01 -1.25
CA GLY E 304 29.52 19.57 -1.14
C GLY E 304 30.05 18.89 -2.39
N ARG E 305 29.65 17.64 -2.57
CA ARG E 305 30.21 16.77 -3.60
C ARG E 305 29.15 16.52 -4.67
N ALA E 306 29.62 16.34 -5.90
CA ALA E 306 28.73 16.03 -7.01
C ALA E 306 29.42 15.06 -7.95
N MET E 307 28.62 14.42 -8.78
CA MET E 307 29.12 13.54 -9.83
C MET E 307 28.04 13.45 -10.89
N TYR E 308 28.36 13.99 -12.06
CA TYR E 308 27.33 14.34 -13.04
C TYR E 308 27.58 13.49 -14.27
N VAL E 309 27.11 12.25 -14.26
CA VAL E 309 27.50 11.27 -15.27
C VAL E 309 26.41 11.18 -16.33
N LYS E 310 26.82 11.02 -17.57
CA LYS E 310 25.91 10.73 -18.67
C LYS E 310 26.32 9.43 -19.35
N PHE E 311 25.45 8.43 -19.29
CA PHE E 311 25.67 7.16 -19.97
C PHE E 311 25.07 7.29 -21.36
N GLU E 312 25.93 7.18 -22.37
CA GLU E 312 25.54 7.33 -23.76
C GLU E 312 25.58 5.97 -24.43
N THR E 313 24.42 5.50 -24.91
CA THR E 313 24.34 4.19 -25.53
C THR E 313 23.14 4.09 -26.45
N THR E 314 23.33 3.40 -27.57
CA THR E 314 22.32 3.31 -28.62
C THR E 314 21.20 2.32 -28.30
N SER E 315 21.51 1.21 -27.62
CA SER E 315 20.52 0.17 -27.42
C SER E 315 19.32 0.70 -26.65
N LYS E 316 18.18 0.79 -27.34
CA LYS E 316 16.99 1.45 -26.84
C LYS E 316 16.18 0.58 -25.89
N SER E 317 16.75 -0.51 -25.39
CA SER E 317 16.18 -1.21 -24.26
C SER E 317 16.41 -0.37 -23.01
N THR E 318 15.31 -0.01 -22.34
CA THR E 318 15.39 0.93 -21.22
C THR E 318 16.25 0.38 -20.09
N LYS E 319 16.70 -0.88 -20.23
CA LYS E 319 17.65 -1.50 -19.32
C LYS E 319 18.88 -0.63 -19.11
N VAL E 320 19.10 0.32 -20.01
CA VAL E 320 20.19 1.27 -19.86
C VAL E 320 20.16 1.92 -18.47
N GLN E 321 18.96 2.28 -18.01
CA GLN E 321 18.90 2.95 -16.71
C GLN E 321 19.07 1.97 -15.57
N ALA E 322 18.96 0.67 -15.86
CA ALA E 322 19.54 -0.33 -14.97
C ALA E 322 21.05 -0.38 -15.16
N ALA E 323 21.49 -0.47 -16.42
CA ALA E 323 22.91 -0.58 -16.73
C ALA E 323 23.72 0.54 -16.10
N ILE E 324 23.34 1.80 -16.38
CA ILE E 324 24.05 2.96 -15.83
C ILE E 324 24.29 2.79 -14.34
N ASP E 325 23.37 2.12 -13.65
CA ASP E 325 23.52 1.99 -12.21
C ASP E 325 23.88 0.57 -11.79
N ALA E 326 23.71 -0.42 -12.66
CA ALA E 326 24.05 -1.79 -12.31
C ALA E 326 25.54 -1.95 -12.03
N VAL E 327 26.37 -1.08 -12.63
CA VAL E 327 27.79 -1.08 -12.27
C VAL E 327 28.01 -0.25 -11.02
N VAL E 328 27.23 0.83 -10.84
CA VAL E 328 27.22 1.51 -9.55
C VAL E 328 26.86 0.53 -8.45
N LYS E 329 26.10 -0.50 -8.76
CA LYS E 329 25.96 -1.66 -7.89
C LYS E 329 27.23 -2.50 -7.97
N GLU E 338 22.96 -8.12 -21.07
CA GLU E 338 23.00 -7.61 -19.71
C GLU E 338 23.76 -6.29 -19.68
N TYR E 339 23.70 -5.58 -18.55
CA TYR E 339 24.36 -4.28 -18.43
C TYR E 339 25.83 -4.34 -18.84
N GLU E 340 26.49 -5.48 -18.64
CA GLU E 340 27.89 -5.62 -19.03
C GLU E 340 28.09 -5.29 -20.51
N ASN E 341 27.43 -6.05 -21.39
CA ASN E 341 27.68 -5.88 -22.82
C ASN E 341 27.14 -4.56 -23.34
N ILE E 342 26.02 -4.08 -22.80
CA ILE E 342 25.46 -2.82 -23.27
C ILE E 342 26.38 -1.67 -22.87
N LEU E 343 27.13 -1.84 -21.79
CA LEU E 343 28.16 -0.86 -21.45
C LEU E 343 29.42 -1.07 -22.29
N LYS E 344 29.70 -2.31 -22.69
CA LYS E 344 30.97 -2.66 -23.34
C LYS E 344 31.39 -1.67 -24.41
N ASN E 345 30.44 -1.11 -25.16
CA ASN E 345 30.75 -0.18 -26.23
C ASN E 345 30.08 1.17 -26.05
N THR E 346 29.97 1.66 -24.82
CA THR E 346 29.27 2.91 -24.57
C THR E 346 30.17 4.14 -24.66
N LYS E 347 31.45 4.01 -24.33
CA LYS E 347 32.37 5.14 -24.21
C LYS E 347 31.74 6.26 -23.39
N ILE E 348 31.47 5.93 -22.13
CA ILE E 348 30.77 6.84 -21.23
C ILE E 348 31.54 8.15 -21.11
N THR E 349 30.82 9.25 -20.97
CA THR E 349 31.41 10.56 -20.78
C THR E 349 30.91 11.12 -19.46
N ALA E 350 31.81 11.73 -18.69
CA ALA E 350 31.46 12.24 -17.37
C ALA E 350 31.91 13.69 -17.25
N VAL E 351 31.40 14.35 -16.22
CA VAL E 351 31.80 15.71 -15.88
C VAL E 351 31.47 15.93 -14.41
N VAL E 352 32.36 16.63 -13.72
CA VAL E 352 32.13 16.99 -12.32
C VAL E 352 31.97 18.50 -12.23
N LEU E 353 31.02 18.96 -11.43
CA LEU E 353 30.82 20.38 -11.20
C LEU E 353 31.64 20.82 -10.00
N GLU E 359 39.65 16.19 -8.08
CA GLU E 359 40.23 15.22 -9.00
C GLU E 359 39.28 14.96 -10.14
N ALA E 360 38.89 16.06 -10.81
CA ALA E 360 38.00 15.96 -11.95
C ALA E 360 38.53 15.00 -13.01
N SER E 361 39.83 15.05 -13.28
CA SER E 361 40.40 14.17 -14.29
C SER E 361 40.34 12.71 -13.88
N LYS E 362 40.26 12.43 -12.57
CA LYS E 362 40.08 11.05 -12.12
C LYS E 362 38.70 10.52 -12.52
N VAL E 363 37.75 11.43 -12.75
CA VAL E 363 36.40 11.04 -13.17
C VAL E 363 36.33 11.03 -14.69
N ILE E 364 36.94 12.03 -15.32
CA ILE E 364 36.85 12.20 -16.77
C ILE E 364 37.36 10.98 -17.53
N THR E 365 38.22 10.18 -16.91
CA THR E 365 38.63 8.91 -17.50
C THR E 365 37.62 7.79 -17.24
N GLY E 366 37.04 7.75 -16.04
CA GLY E 366 35.97 6.83 -15.74
C GLY E 366 36.48 5.44 -15.37
N ASN E 367 35.90 4.91 -14.28
CA ASN E 367 36.23 3.57 -13.82
C ASN E 367 35.03 3.02 -13.05
N ILE E 368 35.24 1.88 -12.40
CA ILE E 368 34.13 1.16 -11.77
C ILE E 368 33.72 1.84 -10.46
N ASP E 369 34.67 2.19 -9.60
CA ASP E 369 34.30 2.66 -8.27
C ASP E 369 34.44 4.17 -8.09
N THR E 370 34.11 4.98 -9.09
CA THR E 370 34.23 6.43 -8.95
C THR E 370 33.25 6.96 -7.92
N LEU E 371 32.02 6.48 -7.95
CA LEU E 371 30.99 7.01 -7.05
C LEU E 371 31.24 6.60 -5.61
N LYS E 372 31.46 5.31 -5.37
CA LYS E 372 31.78 4.88 -4.01
C LYS E 372 33.10 5.48 -3.55
N ASP E 373 33.86 6.04 -4.50
CA ASP E 373 34.99 6.88 -4.10
C ASP E 373 34.52 8.27 -3.69
N LEU E 374 33.50 8.79 -4.37
CA LEU E 374 32.95 10.10 -3.98
C LEU E 374 32.37 10.09 -2.57
N ILE E 375 32.31 8.94 -1.92
CA ILE E 375 32.07 8.87 -0.49
C ILE E 375 33.27 8.34 0.26
N GLN E 376 34.00 7.40 -0.35
CA GLN E 376 35.22 6.88 0.25
C GLN E 376 36.19 8.01 0.57
N LYS E 377 36.53 8.81 -0.44
CA LYS E 377 37.15 10.09 -0.16
C LYS E 377 36.10 11.10 0.28
N GLY E 378 34.88 10.96 -0.23
CA GLY E 378 33.84 11.94 0.03
C GLY E 378 33.21 11.81 1.41
N SER E 379 33.79 10.96 2.27
CA SER E 379 33.45 11.04 3.68
C SER E 379 34.32 12.08 4.37
N ASN E 380 35.59 12.17 3.97
CA ASN E 380 36.57 13.07 4.58
C ASN E 380 36.66 14.32 3.74
N PHE E 381 37.07 15.42 4.38
CA PHE E 381 37.57 16.56 3.62
C PHE E 381 39.06 16.73 3.89
N SER E 382 39.79 17.14 2.85
CA SER E 382 41.24 17.24 2.92
C SER E 382 41.66 18.49 2.17
N ALA E 383 42.96 18.61 1.93
CA ALA E 383 43.51 19.68 1.10
C ALA E 383 43.92 19.17 -0.27
N GLN E 384 43.42 18.00 -0.68
CA GLN E 384 43.86 17.32 -1.89
C GLN E 384 43.31 17.93 -3.18
N SER E 385 41.99 17.97 -3.35
CA SER E 385 41.39 18.28 -4.64
C SER E 385 40.05 18.98 -4.44
N PRO E 386 39.67 19.90 -5.33
CA PRO E 386 38.55 20.81 -5.02
C PRO E 386 37.20 20.10 -4.94
N ALA E 387 36.49 20.36 -3.85
CA ALA E 387 35.07 20.07 -3.74
C ALA E 387 34.29 21.39 -3.78
N VAL E 388 33.20 21.39 -4.53
CA VAL E 388 32.61 22.64 -5.02
C VAL E 388 31.41 23.03 -4.17
N PRO E 389 31.07 24.31 -4.07
CA PRO E 389 29.72 24.68 -3.67
C PRO E 389 28.71 24.05 -4.60
N ILE E 390 27.64 23.49 -4.04
CA ILE E 390 26.78 22.59 -4.77
C ILE E 390 25.43 23.21 -5.14
N SER E 391 24.87 24.10 -4.32
CA SER E 391 23.60 24.70 -4.71
C SER E 391 23.42 26.06 -4.07
N TYR E 392 22.38 26.75 -4.52
CA TYR E 392 22.14 28.16 -4.24
C TYR E 392 20.67 28.37 -3.94
N THR E 393 20.32 29.55 -3.43
CA THR E 393 18.93 29.90 -3.23
C THR E 393 18.83 31.38 -2.90
N THR E 394 17.59 31.88 -2.84
CA THR E 394 17.34 33.28 -2.56
C THR E 394 15.85 33.50 -2.32
N SER E 395 15.54 34.59 -1.62
CA SER E 395 14.19 34.93 -1.21
C SER E 395 13.88 36.37 -1.54
N PHE E 396 12.58 36.67 -1.66
CA PHE E 396 12.16 38.03 -1.99
C PHE E 396 12.56 39.00 -0.89
N VAL E 397 12.84 40.24 -1.28
CA VAL E 397 13.26 41.24 -0.30
C VAL E 397 12.05 41.99 0.26
N LYS E 398 11.07 42.29 -0.60
CA LYS E 398 9.94 43.13 -0.22
C LYS E 398 9.28 42.66 1.07
N ASP E 399 8.97 41.36 1.14
CA ASP E 399 8.30 40.80 2.30
C ASP E 399 9.03 39.61 2.90
N ASN E 400 10.32 39.45 2.61
CA ASN E 400 11.10 38.30 3.04
C ASN E 400 10.46 36.98 2.66
N SER E 401 9.69 36.95 1.58
CA SER E 401 9.00 35.75 1.13
C SER E 401 9.95 34.89 0.31
N ILE E 402 9.78 33.56 0.40
CA ILE E 402 10.67 32.65 -0.32
C ILE E 402 10.42 32.77 -1.81
N ALA E 403 11.50 32.77 -2.58
CA ALA E 403 11.45 32.87 -4.04
C ALA E 403 11.71 31.49 -4.64
N THR E 404 11.09 31.25 -5.80
CA THR E 404 11.21 29.96 -6.46
C THR E 404 11.00 30.11 -7.96
N ILE E 405 11.60 29.21 -8.72
CA ILE E 405 11.52 29.18 -10.17
C ILE E 405 10.23 28.49 -10.57
N GLN E 406 9.91 28.52 -11.87
CA GLN E 406 8.89 27.68 -12.47
C GLN E 406 9.26 27.44 -13.93
N ASN E 407 10.00 26.35 -14.18
CA ASN E 407 10.53 26.08 -15.51
C ASN E 407 9.66 25.02 -16.17
N ASN E 408 9.31 25.25 -17.43
CA ASN E 408 8.47 24.35 -18.19
C ASN E 408 9.25 23.78 -19.36
N THR E 409 8.93 22.54 -19.74
CA THR E 409 9.42 21.95 -20.97
C THR E 409 8.29 21.21 -21.65
N ASP E 410 8.30 21.23 -22.97
CA ASP E 410 7.38 20.42 -23.74
C ASP E 410 8.11 19.93 -24.98
N TYR E 411 8.18 18.61 -25.12
CA TYR E 411 8.84 18.02 -26.28
C TYR E 411 8.30 16.62 -26.48
N ILE E 412 8.99 15.80 -27.26
CA ILE E 412 8.55 14.43 -27.48
C ILE E 412 9.48 13.50 -26.70
N GLU E 413 8.88 12.51 -26.05
CA GLU E 413 9.62 11.37 -25.58
C GLU E 413 9.43 10.27 -26.60
N THR E 414 10.47 9.48 -26.81
CA THR E 414 10.32 8.29 -27.63
C THR E 414 10.71 7.07 -26.82
N LYS E 415 9.70 6.29 -26.46
CA LYS E 415 9.92 4.99 -25.83
C LYS E 415 10.13 4.01 -26.96
N VAL E 416 11.28 3.33 -26.94
CA VAL E 416 11.72 2.55 -28.09
C VAL E 416 12.07 1.14 -27.62
N THR E 417 12.08 0.21 -28.55
CA THR E 417 12.32 -1.19 -28.24
C THR E 417 13.04 -1.86 -29.40
N SER E 418 13.10 -3.18 -29.36
CA SER E 418 13.74 -3.96 -30.42
C SER E 418 13.33 -5.41 -30.29
N TYR E 419 13.40 -6.15 -31.39
CA TYR E 419 13.02 -7.56 -31.42
C TYR E 419 13.89 -8.31 -32.41
N LYS E 420 13.99 -9.62 -32.24
CA LYS E 420 15.18 -10.35 -32.70
C LYS E 420 14.88 -11.30 -33.85
N ASP E 421 15.65 -11.17 -34.92
CA ASP E 421 15.69 -12.15 -36.00
C ASP E 421 16.85 -13.11 -35.77
N GLY E 422 16.57 -14.41 -35.87
CA GLY E 422 17.61 -15.40 -35.68
C GLY E 422 17.24 -16.73 -36.28
N ALA E 423 18.20 -17.65 -36.27
CA ALA E 423 17.92 -18.99 -36.79
C ALA E 423 17.11 -19.79 -35.79
N LEU E 424 15.85 -20.05 -36.13
CA LEU E 424 14.96 -20.86 -35.32
C LEU E 424 14.87 -22.24 -35.93
N THR E 425 15.41 -23.23 -35.25
CA THR E 425 15.48 -24.58 -35.77
C THR E 425 14.37 -25.43 -35.17
N LEU E 426 13.62 -26.09 -36.05
CA LEU E 426 12.64 -27.09 -35.67
C LEU E 426 13.29 -28.45 -35.87
N ASN E 427 13.46 -29.20 -34.79
CA ASN E 427 14.16 -30.47 -34.82
C ASN E 427 13.18 -31.58 -34.51
N HIS E 428 12.53 -32.09 -35.55
CA HIS E 428 11.59 -33.20 -35.39
C HIS E 428 12.39 -34.49 -35.53
N ASP E 429 12.87 -34.99 -34.39
CA ASP E 429 13.68 -36.20 -34.37
C ASP E 429 13.01 -37.35 -33.64
N GLY E 430 11.89 -37.11 -32.96
CA GLY E 430 11.18 -38.16 -32.27
C GLY E 430 10.75 -39.27 -33.22
N ALA E 431 10.76 -40.51 -32.74
CA ALA E 431 10.39 -41.66 -33.55
C ALA E 431 8.91 -41.66 -33.92
N PHE E 432 8.11 -40.78 -33.33
CA PHE E 432 6.70 -40.64 -33.63
C PHE E 432 6.54 -39.43 -34.55
N VAL E 433 6.06 -39.66 -35.77
CA VAL E 433 5.92 -38.59 -36.75
C VAL E 433 4.77 -37.70 -36.30
N ALA E 434 5.11 -36.52 -35.79
CA ALA E 434 4.12 -35.53 -35.38
C ALA E 434 3.84 -34.56 -36.52
N ARG E 435 2.70 -33.88 -36.41
CA ARG E 435 2.30 -32.90 -37.41
C ARG E 435 2.28 -31.51 -36.79
N PHE E 436 2.87 -30.56 -37.50
CA PHE E 436 3.22 -29.28 -36.89
C PHE E 436 2.31 -28.17 -37.41
N TYR E 437 1.28 -27.86 -36.62
CA TYR E 437 0.50 -26.65 -36.82
C TYR E 437 1.27 -25.53 -36.14
N VAL E 438 1.63 -24.50 -36.89
CA VAL E 438 2.33 -23.35 -36.33
C VAL E 438 1.64 -22.10 -36.86
N TYR E 439 1.44 -21.13 -36.00
CA TYR E 439 0.69 -19.92 -36.34
C TYR E 439 1.41 -18.72 -35.75
N TRP E 440 1.26 -17.57 -36.41
CA TRP E 440 1.99 -16.36 -36.04
C TRP E 440 1.11 -15.15 -36.29
N GLU E 441 1.39 -14.08 -35.57
CA GLU E 441 0.84 -12.76 -35.84
C GLU E 441 1.94 -11.88 -36.38
N GLU E 442 1.58 -10.98 -37.29
CA GLU E 442 2.57 -10.15 -37.98
C GLU E 442 2.07 -8.72 -38.03
N LEU E 443 2.79 -7.81 -37.37
CA LEU E 443 2.44 -6.40 -37.32
C LEU E 443 3.16 -5.68 -38.44
N GLY E 444 2.42 -4.96 -39.28
CA GLY E 444 3.02 -4.23 -40.37
C GLY E 444 2.16 -3.15 -41.01
N HIS E 445 2.49 -2.85 -42.27
CA HIS E 445 1.82 -1.85 -43.08
C HIS E 445 2.04 -2.19 -44.54
N ASP E 446 1.40 -1.43 -45.43
CA ASP E 446 1.78 -1.40 -46.84
C ASP E 446 1.04 -0.28 -47.54
N ALA E 447 1.76 0.46 -48.38
CA ALA E 447 1.20 1.36 -49.38
C ALA E 447 0.43 2.55 -48.79
N ASP E 448 0.21 2.57 -47.48
CA ASP E 448 -0.46 3.71 -46.87
C ASP E 448 0.20 4.16 -45.58
N GLY E 449 0.98 3.29 -44.94
CA GLY E 449 1.47 3.56 -43.60
C GLY E 449 0.44 3.37 -42.52
N TYR E 450 -0.78 2.97 -42.88
CA TYR E 450 -1.79 2.70 -41.87
C TYR E 450 -1.54 1.33 -41.26
N GLU E 451 -1.65 1.24 -39.94
CA GLU E 451 -1.17 0.08 -39.22
C GLU E 451 -2.05 -1.14 -39.47
N THR E 452 -1.45 -2.32 -39.33
CA THR E 452 -2.18 -3.57 -39.42
C THR E 452 -1.40 -4.66 -38.70
N ILE E 453 -2.06 -5.79 -38.51
CA ILE E 453 -1.42 -7.01 -38.05
C ILE E 453 -2.31 -8.17 -38.45
N ARG E 454 -1.70 -9.24 -38.92
CA ARG E 454 -2.41 -10.29 -39.63
C ARG E 454 -1.98 -11.65 -39.09
N SER E 455 -2.72 -12.67 -39.50
CA SER E 455 -2.41 -14.06 -39.19
C SER E 455 -1.53 -14.65 -40.28
N ARG E 456 -0.62 -15.53 -39.88
CA ARG E 456 0.13 -16.37 -40.80
C ARG E 456 0.26 -17.75 -40.17
N SER E 457 0.58 -18.76 -40.97
CA SER E 457 0.68 -20.10 -40.44
C SER E 457 1.82 -20.85 -41.13
N TRP E 458 2.21 -21.97 -40.53
CA TRP E 458 3.36 -22.73 -40.99
C TRP E 458 3.20 -23.16 -42.44
N SER E 459 4.33 -23.34 -43.12
CA SER E 459 4.29 -23.87 -44.48
C SER E 459 3.61 -25.22 -44.53
N GLY E 460 4.20 -26.23 -43.87
CA GLY E 460 3.55 -27.51 -43.73
C GLY E 460 2.69 -27.51 -42.48
N ASN E 461 1.84 -26.50 -42.34
CA ASN E 461 1.03 -26.31 -41.15
C ASN E 461 0.15 -27.52 -40.87
N GLY E 462 0.39 -28.20 -39.75
CA GLY E 462 -0.33 -29.42 -39.44
C GLY E 462 -0.08 -30.50 -40.47
N TYR E 463 0.96 -30.31 -41.27
CA TYR E 463 1.31 -31.21 -42.35
C TYR E 463 2.52 -32.05 -41.95
N ASN E 464 2.55 -33.29 -42.43
CA ASN E 464 3.49 -34.27 -41.92
C ASN E 464 4.93 -33.85 -42.15
N ARG E 465 5.83 -34.42 -41.35
CA ARG E 465 7.25 -34.14 -41.43
C ARG E 465 8.02 -35.46 -41.34
N GLY E 466 9.20 -35.48 -41.94
CA GLY E 466 10.01 -36.69 -41.94
C GLY E 466 10.41 -37.12 -40.53
N ALA E 467 10.88 -38.37 -40.45
CA ALA E 467 11.25 -38.93 -39.15
C ALA E 467 12.29 -38.08 -38.44
N HIS E 468 13.35 -37.68 -39.13
CA HIS E 468 14.30 -36.70 -38.65
C HIS E 468 14.26 -35.50 -39.58
N TYR E 469 14.08 -34.31 -39.02
CA TYR E 469 13.95 -33.11 -39.83
C TYR E 469 14.39 -31.92 -39.00
N SER E 470 15.60 -31.42 -39.27
CA SER E 470 16.11 -30.21 -38.65
C SER E 470 16.01 -29.09 -39.66
N THR E 471 15.02 -28.22 -39.50
CA THR E 471 14.86 -27.11 -40.43
C THR E 471 15.23 -25.82 -39.71
N THR E 472 15.82 -24.90 -40.46
CA THR E 472 16.22 -23.60 -39.94
C THR E 472 15.33 -22.53 -40.56
N LEU E 473 14.90 -21.59 -39.73
CA LEU E 473 14.05 -20.49 -40.18
C LEU E 473 14.74 -19.17 -39.87
N ARG E 474 14.76 -18.27 -40.85
CA ARG E 474 15.23 -16.91 -40.64
C ARG E 474 14.14 -16.19 -39.86
N PHE E 475 13.97 -16.59 -38.60
CA PHE E 475 12.85 -16.18 -37.76
C PHE E 475 13.02 -14.71 -37.42
N LYS E 476 12.37 -13.86 -38.21
CA LYS E 476 12.50 -12.43 -38.07
C LYS E 476 11.72 -11.94 -36.85
N GLY E 477 12.27 -10.94 -36.18
CA GLY E 477 11.65 -10.45 -34.97
C GLY E 477 10.46 -9.54 -35.21
N ASN E 478 10.00 -9.45 -36.45
CA ASN E 478 8.90 -8.54 -36.76
C ASN E 478 7.54 -9.12 -36.37
N VAL E 479 7.42 -10.44 -36.33
CA VAL E 479 6.16 -11.11 -36.01
C VAL E 479 6.02 -11.23 -34.49
N ARG E 480 4.79 -11.48 -34.03
CA ARG E 480 4.50 -11.57 -32.60
C ARG E 480 3.47 -12.66 -32.35
N ASN E 481 3.29 -12.98 -31.07
CA ASN E 481 2.23 -13.88 -30.62
C ASN E 481 2.23 -15.20 -31.36
N ILE E 482 3.28 -16.01 -31.19
CA ILE E 482 3.33 -17.30 -31.86
C ILE E 482 2.45 -18.31 -31.15
N ARG E 483 1.96 -19.29 -31.90
CA ARG E 483 1.25 -20.43 -31.36
C ARG E 483 1.81 -21.69 -32.00
N VAL E 484 2.09 -22.71 -31.19
CA VAL E 484 2.62 -23.95 -31.73
C VAL E 484 1.78 -25.10 -31.20
N LYS E 485 1.09 -25.79 -32.11
CA LYS E 485 0.52 -27.08 -31.82
C LYS E 485 1.32 -28.16 -32.53
N VAL E 486 1.95 -29.01 -31.73
CA VAL E 486 2.52 -30.25 -32.21
C VAL E 486 1.44 -31.29 -32.03
N LEU E 487 1.28 -32.16 -33.02
CA LEU E 487 0.13 -33.03 -33.13
C LEU E 487 0.58 -34.47 -33.11
N GLY E 488 0.12 -35.22 -32.10
CA GLY E 488 0.22 -36.66 -32.16
C GLY E 488 -0.81 -37.19 -33.13
N ALA E 489 -0.35 -37.99 -34.10
CA ALA E 489 -1.25 -38.55 -35.10
C ALA E 489 -1.85 -39.86 -34.61
N THR E 490 -3.18 -39.91 -34.59
CA THR E 490 -3.91 -41.12 -34.23
C THR E 490 -4.93 -41.43 -35.31
N GLY E 491 -5.32 -42.71 -35.38
CA GLY E 491 -6.28 -43.18 -36.35
C GLY E 491 -7.67 -43.47 -35.83
N LEU E 492 -7.93 -43.18 -34.56
CA LEU E 492 -9.26 -43.41 -34.00
C LEU E 492 -10.23 -42.35 -34.49
N ALA E 493 -11.53 -42.60 -34.24
CA ALA E 493 -12.56 -41.69 -34.71
C ALA E 493 -12.80 -40.53 -33.75
N TRP E 494 -13.00 -40.81 -32.47
CA TRP E 494 -13.28 -39.78 -31.47
C TRP E 494 -12.01 -38.97 -31.20
N GLU E 495 -12.00 -37.73 -31.70
CA GLU E 495 -10.87 -36.81 -31.58
C GLU E 495 -9.57 -37.46 -32.08
N PRO E 496 -9.44 -37.65 -33.40
CA PRO E 496 -8.22 -38.25 -33.96
C PRO E 496 -6.99 -37.35 -33.87
N TRP E 497 -7.19 -36.05 -33.68
CA TRP E 497 -6.11 -35.09 -33.53
C TRP E 497 -5.64 -35.11 -32.09
N ARG E 498 -4.47 -35.71 -31.86
CA ARG E 498 -3.95 -35.93 -30.52
C ARG E 498 -2.92 -34.87 -30.19
N LEU E 499 -3.06 -34.29 -29.00
CA LEU E 499 -2.19 -33.18 -28.62
C LEU E 499 -1.03 -33.65 -27.76
N ILE E 500 0.17 -33.28 -28.18
CA ILE E 500 1.38 -33.37 -27.35
C ILE E 500 1.65 -32.01 -26.71
N TYR E 501 1.64 -30.95 -27.52
CA TYR E 501 1.96 -29.61 -27.02
C TYR E 501 1.35 -28.57 -27.94
N SER E 502 0.22 -27.98 -27.52
CA SER E 502 -0.34 -26.83 -28.22
C SER E 502 -0.35 -25.67 -27.26
N LYS E 503 0.72 -24.88 -27.29
CA LYS E 503 0.73 -23.65 -26.51
C LYS E 503 0.75 -22.48 -27.46
N ASN E 504 -0.24 -21.61 -27.32
CA ASN E 504 -0.34 -20.38 -28.06
C ASN E 504 0.31 -19.27 -27.26
N ASP E 505 0.56 -18.14 -27.94
CA ASP E 505 1.03 -16.93 -27.28
C ASP E 505 2.26 -17.24 -26.43
N LEU E 506 3.35 -17.58 -27.11
CA LEU E 506 4.65 -18.05 -26.62
C LEU E 506 5.74 -17.05 -26.97
N PRO E 507 6.85 -17.03 -26.24
CA PRO E 507 7.81 -15.93 -26.36
C PRO E 507 8.73 -16.08 -27.57
N LEU E 508 9.16 -14.92 -28.07
CA LEU E 508 10.14 -14.86 -29.16
C LEU E 508 11.48 -15.37 -28.67
N VAL E 509 11.91 -16.50 -29.24
CA VAL E 509 13.23 -17.04 -28.98
C VAL E 509 14.06 -16.78 -30.24
N PRO E 510 15.05 -15.87 -30.19
CA PRO E 510 15.80 -15.51 -31.41
C PRO E 510 16.38 -16.72 -32.13
N GLN E 511 17.08 -17.57 -31.40
CA GLN E 511 17.62 -18.81 -31.94
C GLN E 511 17.09 -19.97 -31.11
N ARG E 512 16.15 -20.71 -31.68
CA ARG E 512 15.40 -21.70 -30.92
C ARG E 512 15.50 -23.06 -31.58
N ASN E 513 15.87 -24.07 -30.79
CA ASN E 513 15.79 -25.45 -31.21
C ASN E 513 14.49 -26.03 -30.67
N ILE E 514 13.39 -25.72 -31.36
CA ILE E 514 12.08 -26.19 -30.96
C ILE E 514 11.91 -27.62 -31.47
N SER E 515 12.13 -28.57 -30.58
CA SER E 515 12.08 -29.99 -30.93
C SER E 515 10.99 -30.67 -30.12
N THR E 516 10.49 -31.77 -30.68
CA THR E 516 9.58 -32.65 -29.98
C THR E 516 10.36 -33.88 -29.54
N TRP E 517 9.77 -34.66 -28.64
CA TRP E 517 10.48 -35.80 -28.08
C TRP E 517 9.49 -36.69 -27.35
N GLY E 518 10.01 -37.73 -26.72
CA GLY E 518 9.21 -38.66 -25.95
C GLY E 518 8.70 -39.80 -26.82
N THR E 519 7.89 -40.63 -26.17
CA THR E 519 7.30 -41.79 -26.83
C THR E 519 5.81 -41.55 -27.09
N THR E 520 5.21 -42.48 -27.85
CA THR E 520 3.79 -42.35 -28.19
C THR E 520 2.93 -42.36 -26.93
N LEU E 521 3.28 -43.19 -25.95
CA LEU E 521 2.54 -43.26 -24.70
C LEU E 521 2.89 -42.10 -23.76
N HIS E 522 3.87 -41.28 -24.13
CA HIS E 522 4.28 -40.12 -23.35
C HIS E 522 4.94 -39.11 -24.28
N PRO E 523 4.16 -38.28 -24.97
CA PRO E 523 4.75 -37.31 -25.90
C PRO E 523 5.12 -36.01 -25.21
N GLN E 524 6.39 -35.64 -25.32
CA GLN E 524 6.96 -34.52 -24.58
C GLN E 524 7.43 -33.44 -25.55
N PHE E 525 7.37 -32.21 -25.08
CA PHE E 525 7.83 -31.06 -25.84
C PHE E 525 9.23 -30.69 -25.35
N GLU E 526 9.95 -29.91 -26.17
CA GLU E 526 11.25 -29.42 -25.77
C GLU E 526 11.35 -27.95 -26.15
N ASP E 527 11.20 -27.08 -25.15
CA ASP E 527 11.27 -25.64 -25.31
C ASP E 527 12.74 -25.24 -25.16
N LYS E 528 13.55 -25.57 -26.15
CA LYS E 528 15.00 -25.49 -26.05
C LYS E 528 15.51 -24.26 -26.80
N VAL E 529 16.59 -23.68 -26.29
CA VAL E 529 17.34 -22.62 -26.95
C VAL E 529 18.64 -23.26 -27.44
N VAL E 530 19.03 -22.96 -28.68
CA VAL E 530 20.21 -23.59 -29.26
C VAL E 530 21.47 -23.15 -28.52
N LYS E 531 21.77 -21.86 -28.57
CA LYS E 531 23.00 -21.29 -28.01
C LYS E 531 24.25 -21.91 -28.63
N LEU F 2 -12.18 7.82 -42.75
CA LEU F 2 -12.34 6.89 -41.65
C LEU F 2 -13.51 5.95 -41.90
N GLN F 3 -13.68 5.55 -43.16
CA GLN F 3 -14.80 4.69 -43.56
C GLN F 3 -14.31 3.26 -43.67
N CYS F 4 -14.36 2.53 -42.56
CA CYS F 4 -14.02 1.13 -42.54
C CYS F 4 -15.19 0.34 -43.11
N TYR F 5 -15.08 -0.97 -43.02
CA TYR F 5 -16.28 -1.79 -43.06
C TYR F 5 -16.85 -1.90 -41.65
N ASN F 6 -17.88 -1.10 -41.35
CA ASN F 6 -18.52 -1.13 -40.04
C ASN F 6 -19.92 -1.68 -40.23
N CYS F 7 -20.02 -3.01 -40.28
CA CYS F 7 -21.29 -3.72 -40.36
C CYS F 7 -21.12 -5.14 -39.83
N PRO F 8 -21.71 -5.46 -38.68
CA PRO F 8 -21.55 -6.82 -38.14
C PRO F 8 -22.23 -7.87 -39.01
N ASN F 9 -21.42 -8.71 -39.66
CA ASN F 9 -21.97 -9.74 -40.54
C ASN F 9 -21.06 -10.97 -40.51
N PRO F 10 -21.54 -12.10 -39.99
CA PRO F 10 -20.76 -13.35 -40.07
C PRO F 10 -21.03 -14.07 -41.39
N THR F 11 -20.69 -13.38 -42.48
CA THR F 11 -20.98 -13.88 -43.82
C THR F 11 -19.85 -13.51 -44.76
N ALA F 12 -19.91 -14.07 -45.97
CA ALA F 12 -18.85 -13.92 -46.96
C ALA F 12 -18.85 -12.59 -47.68
N ASP F 13 -19.80 -11.70 -47.38
CA ASP F 13 -19.93 -10.43 -48.09
C ASP F 13 -19.98 -9.28 -47.10
N CYS F 14 -19.28 -8.20 -47.44
CA CYS F 14 -19.37 -6.98 -46.64
C CYS F 14 -20.55 -6.14 -47.10
N LYS F 15 -21.45 -5.83 -46.16
CA LYS F 15 -22.72 -5.20 -46.53
C LYS F 15 -22.54 -3.71 -46.83
N THR F 16 -22.13 -2.94 -45.82
CA THR F 16 -22.09 -1.49 -45.95
C THR F 16 -20.79 -0.93 -45.42
N ALA F 17 -20.16 -0.10 -46.24
CA ALA F 17 -18.95 0.63 -45.88
C ALA F 17 -19.34 1.84 -45.05
N VAL F 18 -18.91 1.85 -43.78
CA VAL F 18 -19.38 2.84 -42.84
C VAL F 18 -18.20 3.57 -42.21
N ASN F 19 -18.36 4.88 -42.09
CA ASN F 19 -17.40 5.71 -41.37
C ASN F 19 -17.64 5.55 -39.88
N CYS F 20 -16.92 4.61 -39.26
CA CYS F 20 -16.96 4.44 -37.82
C CYS F 20 -15.79 5.20 -37.22
N SER F 21 -15.97 5.66 -35.98
CA SER F 21 -14.91 6.35 -35.27
C SER F 21 -14.55 5.63 -33.98
N SER F 22 -15.56 5.33 -33.17
CA SER F 22 -15.31 4.79 -31.83
C SER F 22 -14.55 3.47 -31.88
N ASP F 23 -15.14 2.44 -32.49
CA ASP F 23 -14.49 1.15 -32.61
C ASP F 23 -13.89 0.95 -33.99
N PHE F 24 -13.71 2.03 -34.74
CA PHE F 24 -12.83 2.02 -35.90
C PHE F 24 -11.53 2.71 -35.52
N ASP F 25 -10.73 2.03 -34.70
CA ASP F 25 -9.30 2.24 -34.71
C ASP F 25 -8.61 1.38 -35.77
N ALA F 26 -9.23 0.27 -36.16
CA ALA F 26 -8.90 -0.48 -37.36
C ALA F 26 -10.17 -1.21 -37.79
N CYS F 27 -10.07 -1.97 -38.87
CA CYS F 27 -11.15 -2.84 -39.31
C CYS F 27 -10.60 -4.27 -39.39
N LEU F 28 -11.40 -5.22 -38.92
CA LEU F 28 -10.96 -6.59 -38.68
C LEU F 28 -11.91 -7.57 -39.35
N ILE F 29 -11.31 -8.54 -40.04
CA ILE F 29 -12.04 -9.63 -40.66
C ILE F 29 -11.43 -10.93 -40.16
N THR F 30 -12.27 -11.96 -40.03
CA THR F 30 -11.89 -13.23 -39.43
C THR F 30 -12.56 -14.37 -40.18
N LYS F 31 -11.78 -15.35 -40.61
CA LYS F 31 -12.30 -16.58 -41.20
C LYS F 31 -12.07 -17.71 -40.21
N ALA F 32 -13.17 -18.34 -39.79
CA ALA F 32 -13.16 -19.55 -38.98
C ALA F 32 -13.81 -20.65 -39.80
N GLY F 33 -12.99 -21.53 -40.39
CA GLY F 33 -13.55 -22.62 -41.17
C GLY F 33 -14.41 -22.11 -42.30
N LEU F 34 -15.72 -22.24 -42.13
CA LEU F 34 -16.66 -21.80 -43.17
C LEU F 34 -17.07 -20.34 -42.96
N GLN F 35 -17.20 -19.91 -41.71
CA GLN F 35 -17.74 -18.59 -41.45
C GLN F 35 -16.65 -17.52 -41.58
N VAL F 36 -17.07 -16.30 -41.90
CA VAL F 36 -16.17 -15.16 -41.99
C VAL F 36 -16.94 -13.92 -41.57
N TYR F 37 -16.29 -13.03 -40.83
CA TYR F 37 -16.93 -11.91 -40.16
C TYR F 37 -16.03 -10.69 -40.28
N ASN F 38 -16.61 -9.57 -40.70
CA ASN F 38 -15.86 -8.32 -40.84
C ASN F 38 -16.59 -7.22 -40.07
N LYS F 39 -15.82 -6.34 -39.42
CA LYS F 39 -16.37 -5.32 -38.54
C LYS F 39 -15.27 -4.34 -38.13
N CYS F 40 -15.68 -3.11 -37.82
CA CYS F 40 -14.78 -2.17 -37.16
C CYS F 40 -14.29 -2.75 -35.84
N TRP F 41 -13.09 -2.36 -35.42
CA TRP F 41 -12.40 -3.03 -34.34
C TRP F 41 -11.43 -2.04 -33.69
N LYS F 42 -11.08 -2.31 -32.44
CA LYS F 42 -10.14 -1.49 -31.69
C LYS F 42 -8.76 -2.13 -31.76
N PHE F 43 -7.82 -1.45 -32.42
CA PHE F 43 -6.57 -2.10 -32.85
C PHE F 43 -5.76 -2.64 -31.68
N GLU F 44 -5.74 -1.93 -30.55
CA GLU F 44 -5.05 -2.48 -29.39
C GLU F 44 -5.68 -3.81 -28.97
N HIS F 45 -6.99 -3.92 -29.07
CA HIS F 45 -7.72 -5.14 -28.78
C HIS F 45 -7.57 -6.17 -29.91
N CYS F 46 -6.74 -5.89 -30.91
CA CYS F 46 -6.53 -6.81 -32.01
C CYS F 46 -5.41 -7.77 -31.64
N ASN F 47 -5.76 -9.06 -31.51
CA ASN F 47 -4.78 -10.08 -31.20
C ASN F 47 -5.45 -11.45 -31.35
N PHE F 48 -4.61 -12.47 -31.53
CA PHE F 48 -5.10 -13.83 -31.76
C PHE F 48 -6.01 -14.31 -30.64
N ASN F 49 -5.62 -14.04 -29.39
CA ASN F 49 -6.31 -14.66 -28.27
C ASN F 49 -7.68 -14.03 -28.05
N ASP F 50 -7.79 -12.71 -28.10
CA ASP F 50 -9.10 -12.09 -27.95
C ASP F 50 -10.04 -12.53 -29.07
N VAL F 51 -9.50 -12.73 -30.27
CA VAL F 51 -10.31 -13.20 -31.39
C VAL F 51 -10.83 -14.61 -31.10
N THR F 52 -9.93 -15.53 -30.73
CA THR F 52 -10.38 -16.90 -30.48
C THR F 52 -11.33 -16.98 -29.28
N THR F 53 -11.23 -16.04 -28.34
CA THR F 53 -12.19 -16.00 -27.25
C THR F 53 -13.55 -15.53 -27.74
N ARG F 54 -13.60 -14.38 -28.41
CA ARG F 54 -14.84 -13.87 -28.97
C ARG F 54 -15.38 -14.76 -30.07
N LEU F 55 -14.67 -15.83 -30.43
CA LEU F 55 -15.10 -16.79 -31.41
C LEU F 55 -15.33 -18.18 -30.84
N ARG F 56 -14.55 -18.58 -29.82
CA ARG F 56 -14.63 -19.87 -29.16
C ARG F 56 -14.09 -20.96 -30.07
N GLU F 57 -13.82 -20.61 -31.33
CA GLU F 57 -13.22 -21.58 -32.22
C GLU F 57 -11.70 -21.50 -32.13
N ASN F 58 -11.09 -22.68 -32.05
CA ASN F 58 -9.65 -22.77 -31.88
C ASN F 58 -8.86 -22.65 -33.16
N GLU F 59 -9.47 -22.88 -34.32
CA GLU F 59 -8.80 -22.76 -35.62
C GLU F 59 -9.39 -21.56 -36.33
N LEU F 60 -8.54 -20.60 -36.70
CA LEU F 60 -9.03 -19.37 -37.31
C LEU F 60 -7.88 -18.65 -38.00
N THR F 61 -8.24 -17.59 -38.73
CA THR F 61 -7.30 -16.64 -39.28
C THR F 61 -7.97 -15.27 -39.30
N TYR F 62 -7.17 -14.21 -39.23
CA TYR F 62 -7.74 -12.87 -39.21
C TYR F 62 -6.84 -11.90 -39.94
N TYR F 63 -7.38 -10.71 -40.14
CA TYR F 63 -6.66 -9.59 -40.72
C TYR F 63 -7.31 -8.31 -40.25
N CYS F 64 -6.57 -7.51 -39.51
CA CYS F 64 -7.02 -6.22 -39.03
C CYS F 64 -6.08 -5.14 -39.54
N CYS F 65 -6.64 -4.06 -40.07
CA CYS F 65 -5.86 -2.98 -40.65
C CYS F 65 -6.53 -1.64 -40.39
N LYS F 66 -5.72 -0.63 -40.08
CA LYS F 66 -6.25 0.69 -39.81
C LYS F 66 -6.92 1.34 -41.02
N LYS F 67 -6.49 1.02 -42.23
CA LYS F 67 -6.96 1.74 -43.41
C LYS F 67 -8.43 1.48 -43.67
N ASP F 68 -9.09 2.49 -44.22
CA ASP F 68 -10.52 2.46 -44.47
C ASP F 68 -10.85 1.40 -45.52
N LEU F 69 -11.65 0.41 -45.13
CA LEU F 69 -12.17 -0.61 -46.05
C LEU F 69 -11.07 -1.53 -46.58
N CYS F 70 -9.82 -1.21 -46.21
CA CYS F 70 -8.71 -2.08 -46.54
C CYS F 70 -8.83 -3.44 -45.87
N ASN F 71 -9.76 -3.55 -44.92
CA ASN F 71 -10.15 -4.82 -44.35
C ASN F 71 -11.25 -5.47 -45.17
N PHE F 72 -11.34 -5.14 -46.46
CA PHE F 72 -12.31 -5.78 -47.32
C PHE F 72 -12.04 -7.29 -47.37
N ASN F 73 -13.04 -8.04 -47.84
CA ASN F 73 -13.01 -9.50 -47.70
C ASN F 73 -11.75 -10.11 -48.30
N GLU F 74 -11.53 -9.92 -49.60
CA GLU F 74 -10.42 -10.61 -50.25
C GLU F 74 -9.06 -10.18 -49.71
N GLN F 75 -8.97 -9.01 -49.08
CA GLN F 75 -7.77 -8.69 -48.32
C GLN F 75 -7.45 -9.76 -47.30
N LEU F 76 -8.46 -10.47 -46.81
CA LEU F 76 -8.24 -11.76 -46.18
C LEU F 76 -8.21 -12.84 -47.27
N GLU F 77 -7.17 -13.67 -47.20
CA GLU F 77 -6.88 -14.65 -48.22
C GLU F 77 -7.60 -15.95 -47.90
N ASN F 78 -8.00 -16.67 -48.94
CA ASN F 78 -8.64 -17.98 -48.82
C ASN F 78 -9.98 -17.88 -48.11
#